data_8EL1
#
_entry.id   8EL1
#
_cell.length_a   111.375
_cell.length_b   79.617
_cell.length_c   137.849
_cell.angle_alpha   90
_cell.angle_beta   90.22
_cell.angle_gamma   90
#
_symmetry.space_group_name_H-M   'P 1 21 1'
#
loop_
_entity.id
_entity.type
_entity.pdbx_description
1 polymer 'Maltose/maltodextrin-binding periplasmic protein,Induced myeloid leukemia cell differentiation protein Mcl-1'
2 branched alpha-D-glucopyranose-(1-4)-alpha-D-glucopyranose
3 non-polymer '(7R,16R)-19,23-dichloro-10-{[2-(4-{[(2R)-1,4-dioxan-2-yl]methoxy}phenyl)pyrimidin-4-yl]methoxy}-1-(4-fluorophenyl)-20,22-dimethyl-16-[(4-methylpiperazin-1-yl)methyl]-7,8,15,16-tetrahydro-18,21-etheno-13,9-(metheno)-6,14,17-trioxa-2-thia-3,5-diazacyclononadeca[1,2,3-cd]indene-7-carboxylic acid'
4 water water
#
_entity_poly.entity_id   1
_entity_poly.type   'polypeptide(L)'
_entity_poly.pdbx_seq_one_letter_code
;MAHHHHHHENLYFQGKIEEGKLVIWINGDKGYNGLAEVGKKFEKDTGIKVTVEHPDKLEEKFPQVAATGDGPDIIFWAHD
RFGGYAQSGLLAEITPDKAFQDKLYPFTWDAVRYNGKLIAYPIAVEALSLIYNKDLLPNPPKTWEEIPALDKELKAKGKS
ALMFNLQEPYFTWPLIAADGGYAFKYENGKYDIKDVGVDNAGAKAGLTFLVDLIKNKHMNADTDYSIAEAAFNKGETAMT
INGPWAWSNIDTSKVNYGVTVLPTFKGQPSKPFVGVLSAGINAASPNKELAKEFLENYLLTDEGLEAVNKDKPLGAVALK
SYEEELAKDPRIAATMENAQKGEIMPNIPQMSAFWYAVRTAVINAASGRQTVDEALKDAQTGSELYRQSLEIISRYLREQ
ATGAADTAPMGASGATSRKALETLRRVGDGVQRNHETAFQGMLRKLDIKNEDDVKSLSRVMIHVFSDGVTNWGRIVTLIS
FGAFVAKHLKTINQESCIEPLAESITDVLVRTKRDWLVKQRGWDGFVEFFHV
;
_entity_poly.pdbx_strand_id   A,B,C,D
#
loop_
_chem_comp.id
_chem_comp.type
_chem_comp.name
_chem_comp.formula
GLC D-saccharide, alpha linking alpha-D-glucopyranose 'C6 H12 O6'
WME non-polymer '(7R,16R)-19,23-dichloro-10-{[2-(4-{[(2R)-1,4-dioxan-2-yl]methoxy}phenyl)pyrimidin-4-yl]methoxy}-1-(4-fluorophenyl)-20,22-dimethyl-16-[(4-methylpiperazin-1-yl)methyl]-7,8,15,16-tetrahydro-18,21-etheno-13,9-(metheno)-6,14,17-trioxa-2-thia-3,5-diazacyclononadeca[1,2,3-cd]indene-7-carboxylic acid' 'C53 H51 Cl2 F N6 O9 S'
#
# COMPACT_ATOMS: atom_id res chain seq x y z
N GLY A 20 31.64 -6.50 -6.61
CA GLY A 20 31.57 -5.95 -5.26
C GLY A 20 30.16 -5.61 -4.82
N LYS A 21 29.89 -5.64 -3.51
CA LYS A 21 28.61 -5.28 -2.88
C LYS A 21 28.83 -4.82 -1.40
N LEU A 22 27.80 -4.34 -0.72
CA LEU A 22 27.93 -3.90 0.67
C LEU A 22 26.69 -4.33 1.44
N VAL A 23 26.83 -5.25 2.40
CA VAL A 23 25.69 -5.67 3.21
C VAL A 23 25.74 -5.05 4.59
N ILE A 24 24.85 -4.10 4.85
CA ILE A 24 24.86 -3.38 6.10
C ILE A 24 23.79 -3.84 7.06
N TRP A 25 24.24 -4.34 8.22
CA TRP A 25 23.37 -4.77 9.29
C TRP A 25 23.28 -3.66 10.31
N ILE A 26 22.06 -3.33 10.72
CA ILE A 26 21.77 -2.25 11.66
C ILE A 26 20.47 -2.59 12.41
N ASN A 27 20.38 -2.26 13.70
CA ASN A 27 19.22 -2.62 14.51
C ASN A 27 17.91 -2.06 13.99
N GLY A 28 16.83 -2.85 14.09
CA GLY A 28 15.50 -2.49 13.61
C GLY A 28 14.91 -1.21 14.20
N ASP A 29 15.41 -0.83 15.38
CA ASP A 29 14.97 0.38 16.06
C ASP A 29 15.65 1.66 15.49
N LYS A 30 16.76 1.51 14.71
CA LYS A 30 17.45 2.62 14.07
C LYS A 30 16.85 2.93 12.70
N GLY A 31 17.21 4.08 12.12
CA GLY A 31 16.70 4.48 10.81
C GLY A 31 17.30 3.72 9.64
N TYR A 32 16.73 2.56 9.29
CA TYR A 32 17.27 1.76 8.19
C TYR A 32 16.89 2.26 6.77
N ASN A 33 15.66 2.80 6.59
CA ASN A 33 15.23 3.34 5.29
C ASN A 33 16.04 4.60 4.91
N GLY A 34 16.45 5.37 5.91
CA GLY A 34 17.30 6.54 5.72
C GLY A 34 18.69 6.11 5.30
N LEU A 35 19.24 5.08 5.95
CA LEU A 35 20.55 4.56 5.58
C LEU A 35 20.53 3.92 4.21
N ALA A 36 19.41 3.28 3.85
CA ALA A 36 19.25 2.70 2.52
C ALA A 36 19.29 3.83 1.46
N GLU A 37 18.76 5.04 1.78
CA GLU A 37 18.85 6.19 0.89
C GLU A 37 20.31 6.67 0.74
N VAL A 38 21.16 6.46 1.77
CA VAL A 38 22.57 6.81 1.68
C VAL A 38 23.31 5.85 0.75
N GLY A 39 22.98 4.56 0.86
CA GLY A 39 23.55 3.52 0.02
C GLY A 39 23.05 3.56 -1.41
N LYS A 40 21.83 4.10 -1.60
CA LYS A 40 21.23 4.32 -2.92
C LYS A 40 22.00 5.47 -3.61
N LYS A 41 22.41 6.50 -2.82
CA LYS A 41 23.19 7.68 -3.26
C LYS A 41 24.64 7.31 -3.60
N PHE A 42 25.17 6.28 -2.92
CA PHE A 42 26.47 5.70 -3.15
C PHE A 42 26.40 4.80 -4.41
N GLU A 43 25.29 4.04 -4.54
CA GLU A 43 24.94 3.11 -5.64
C GLU A 43 24.95 3.86 -6.97
N LYS A 44 24.40 5.08 -6.98
CA LYS A 44 24.33 5.92 -8.18
C LYS A 44 25.73 6.38 -8.68
N ASP A 45 26.71 6.45 -7.77
CA ASP A 45 28.05 6.89 -8.12
C ASP A 45 29.04 5.74 -8.30
N THR A 46 28.70 4.51 -7.87
CA THR A 46 29.63 3.39 -7.95
C THR A 46 29.11 2.17 -8.67
N GLY A 47 27.80 2.06 -8.78
CA GLY A 47 27.15 0.88 -9.32
C GLY A 47 26.77 0.01 -8.13
N ILE A 48 27.82 -0.38 -7.34
CA ILE A 48 27.79 -1.20 -6.11
C ILE A 48 26.47 -1.16 -5.35
N LYS A 49 25.89 -2.34 -5.11
CA LYS A 49 24.63 -2.41 -4.38
C LYS A 49 24.87 -2.45 -2.88
N VAL A 50 24.13 -1.59 -2.15
CA VAL A 50 24.22 -1.55 -0.71
C VAL A 50 22.90 -2.12 -0.20
N THR A 51 22.96 -3.15 0.64
CA THR A 51 21.79 -3.86 1.16
C THR A 51 21.60 -3.69 2.67
N VAL A 52 20.63 -2.91 3.11
CA VAL A 52 20.42 -2.70 4.53
C VAL A 52 19.48 -3.75 5.12
N GLU A 53 20.08 -4.80 5.71
CA GLU A 53 19.30 -5.82 6.38
C GLU A 53 19.21 -5.46 7.87
N HIS A 54 18.08 -5.76 8.51
CA HIS A 54 17.94 -5.50 9.95
C HIS A 54 17.48 -6.79 10.65
N PRO A 55 18.44 -7.72 10.85
CA PRO A 55 18.08 -9.01 11.43
C PRO A 55 17.69 -8.99 12.90
N ASP A 56 17.00 -10.05 13.32
CA ASP A 56 16.57 -10.20 14.70
C ASP A 56 17.76 -10.59 15.55
N LYS A 57 17.76 -10.19 16.84
CA LYS A 57 18.83 -10.47 17.81
C LYS A 57 20.21 -10.24 17.20
N LEU A 58 20.36 -9.10 16.55
CA LEU A 58 21.55 -8.69 15.83
C LEU A 58 22.82 -8.85 16.65
N GLU A 59 22.84 -8.36 17.89
CA GLU A 59 24.02 -8.48 18.75
C GLU A 59 24.42 -9.94 19.02
N GLU A 60 23.48 -10.87 18.88
CA GLU A 60 23.68 -12.29 19.06
C GLU A 60 24.06 -12.97 17.74
N LYS A 61 23.37 -12.64 16.64
CA LYS A 61 23.61 -13.24 15.33
C LYS A 61 24.94 -12.84 14.71
N PHE A 62 25.32 -11.54 14.79
CA PHE A 62 26.59 -11.09 14.19
C PHE A 62 27.78 -11.95 14.63
N PRO A 63 28.00 -12.19 15.94
CA PRO A 63 29.13 -13.04 16.37
C PRO A 63 29.15 -14.47 15.86
N GLN A 64 27.99 -15.11 15.66
CA GLN A 64 27.97 -16.48 15.16
C GLN A 64 28.42 -16.54 13.71
N VAL A 65 27.77 -15.79 12.84
CA VAL A 65 28.08 -15.78 11.41
C VAL A 65 29.52 -15.30 11.10
N ALA A 66 29.93 -14.11 11.60
CA ALA A 66 31.24 -13.54 11.32
C ALA A 66 32.41 -14.32 11.91
N ALA A 67 32.17 -15.36 12.76
CA ALA A 67 33.23 -16.23 13.32
C ALA A 67 33.66 -17.26 12.28
N THR A 68 32.68 -17.77 11.51
CA THR A 68 32.91 -18.64 10.37
C THR A 68 33.35 -17.83 9.11
N GLY A 69 33.12 -16.53 9.12
CA GLY A 69 33.48 -15.64 8.03
C GLY A 69 32.32 -15.52 7.06
N ASP A 70 31.08 -15.41 7.59
CA ASP A 70 29.86 -15.33 6.79
C ASP A 70 28.99 -14.09 7.06
N GLY A 71 29.55 -13.09 7.74
CA GLY A 71 28.75 -11.94 8.13
C GLY A 71 28.52 -10.87 7.09
N PRO A 72 27.93 -9.75 7.55
CA PRO A 72 27.76 -8.60 6.66
C PRO A 72 29.10 -7.86 6.51
N ASP A 73 29.21 -6.98 5.51
CA ASP A 73 30.44 -6.20 5.30
C ASP A 73 30.57 -5.08 6.38
N ILE A 74 29.44 -4.50 6.78
CA ILE A 74 29.42 -3.46 7.77
C ILE A 74 28.43 -3.86 8.87
N ILE A 75 28.86 -3.81 10.13
CA ILE A 75 27.98 -4.11 11.26
C ILE A 75 27.66 -2.81 12.05
N PHE A 76 26.42 -2.69 12.55
CA PHE A 76 26.04 -1.52 13.31
C PHE A 76 25.50 -1.92 14.66
N TRP A 77 26.16 -1.41 15.71
CA TRP A 77 25.74 -1.59 17.11
C TRP A 77 26.34 -0.47 18.02
N ALA A 78 25.86 -0.34 19.28
CA ALA A 78 26.48 0.58 20.24
C ALA A 78 27.84 0.00 20.59
N HIS A 79 28.85 0.85 20.75
CA HIS A 79 30.25 0.45 21.01
C HIS A 79 30.51 -0.65 22.04
N ASP A 80 29.61 -0.82 23.01
CA ASP A 80 29.82 -1.76 24.11
C ASP A 80 30.16 -3.26 23.69
N ARG A 81 29.68 -3.66 22.51
CA ARG A 81 29.89 -5.03 22.03
C ARG A 81 31.13 -5.19 21.14
N PHE A 82 31.65 -4.08 20.59
CA PHE A 82 32.79 -4.09 19.67
C PHE A 82 34.10 -4.52 20.27
N GLY A 83 34.27 -4.39 21.58
CA GLY A 83 35.48 -4.80 22.26
C GLY A 83 35.59 -6.31 22.38
N GLY A 84 34.42 -6.97 22.47
CA GLY A 84 34.33 -8.42 22.50
C GLY A 84 34.53 -8.98 21.10
N TYR A 85 34.02 -8.27 20.06
CA TYR A 85 34.15 -8.64 18.64
C TYR A 85 35.61 -8.55 18.22
N ALA A 86 36.35 -7.55 18.74
CA ALA A 86 37.75 -7.35 18.40
C ALA A 86 38.58 -8.43 19.00
N GLN A 87 38.30 -8.86 20.25
CA GLN A 87 39.11 -9.95 20.84
C GLN A 87 38.92 -11.25 20.03
N SER A 88 37.70 -11.49 19.51
CA SER A 88 37.47 -12.66 18.67
C SER A 88 38.12 -12.54 17.30
N GLY A 89 38.31 -11.33 16.82
CA GLY A 89 38.86 -11.09 15.49
C GLY A 89 37.76 -11.05 14.44
N LEU A 90 36.54 -10.70 14.86
CA LEU A 90 35.41 -10.55 13.96
C LEU A 90 35.43 -9.18 13.28
N LEU A 91 36.43 -8.32 13.57
CA LEU A 91 36.53 -6.99 13.05
C LEU A 91 37.82 -6.71 12.40
N ALA A 92 37.75 -5.91 11.36
CA ALA A 92 38.88 -5.44 10.57
C ALA A 92 39.29 -4.07 11.10
N GLU A 93 40.62 -3.80 11.15
CA GLU A 93 41.08 -2.50 11.62
C GLU A 93 40.88 -1.46 10.56
N ILE A 94 40.30 -0.34 10.98
CA ILE A 94 40.05 0.80 10.12
C ILE A 94 41.30 1.72 10.07
N THR A 95 41.55 2.32 8.89
CA THR A 95 42.66 3.22 8.63
C THR A 95 42.05 4.57 8.28
N PRO A 96 41.60 5.35 9.28
CA PRO A 96 40.91 6.60 8.98
C PRO A 96 41.86 7.78 9.03
N ASP A 97 42.35 8.24 7.85
CA ASP A 97 43.29 9.36 7.67
C ASP A 97 43.27 10.41 8.78
N LYS A 98 44.46 10.93 9.15
CA LYS A 98 44.62 11.92 10.22
C LYS A 98 43.61 13.09 10.14
N ALA A 99 43.34 13.58 8.91
CA ALA A 99 42.40 14.68 8.64
C ALA A 99 40.96 14.30 8.86
N PHE A 100 40.61 13.03 8.57
CA PHE A 100 39.25 12.56 8.74
C PHE A 100 38.88 12.52 10.22
N GLN A 101 39.81 12.06 11.07
CA GLN A 101 39.56 11.95 12.49
C GLN A 101 39.23 13.29 13.12
N ASP A 102 39.86 14.36 12.65
CA ASP A 102 39.59 15.70 13.16
C ASP A 102 38.17 16.18 12.87
N LYS A 103 37.41 15.49 11.99
CA LYS A 103 36.01 15.86 11.69
C LYS A 103 35.01 15.37 12.76
N LEU A 104 35.43 14.39 13.58
CA LEU A 104 34.60 13.79 14.64
C LEU A 104 35.09 14.17 16.02
N TYR A 105 34.20 14.13 17.02
CA TYR A 105 34.59 14.48 18.38
C TYR A 105 35.60 13.54 19.01
N PRO A 106 36.64 14.10 19.65
CA PRO A 106 37.64 13.27 20.33
C PRO A 106 37.05 12.20 21.26
N PHE A 107 35.97 12.51 22.01
CA PHE A 107 35.40 11.50 22.92
C PHE A 107 34.67 10.38 22.20
N THR A 108 34.16 10.65 20.98
CA THR A 108 33.44 9.65 20.17
C THR A 108 34.39 8.66 19.57
N TRP A 109 35.63 9.10 19.23
CA TRP A 109 36.71 8.24 18.74
C TRP A 109 37.25 7.38 19.88
N ASP A 110 37.19 7.89 21.13
CA ASP A 110 37.63 7.19 22.33
C ASP A 110 36.73 6.01 22.67
N ALA A 111 35.44 6.13 22.35
CA ALA A 111 34.48 5.06 22.62
C ALA A 111 34.79 3.82 21.74
N VAL A 112 35.21 4.07 20.49
CA VAL A 112 35.51 3.02 19.52
C VAL A 112 37.01 2.62 19.47
N ARG A 113 37.76 2.86 20.55
CA ARG A 113 39.16 2.45 20.63
C ARG A 113 39.34 1.23 21.54
N TYR A 114 39.84 0.14 20.97
CA TYR A 114 40.09 -1.09 21.71
C TYR A 114 41.58 -1.55 21.68
N ASN A 115 42.23 -1.59 22.86
CA ASN A 115 43.61 -2.01 23.04
C ASN A 115 44.56 -1.26 22.13
N GLY A 116 44.42 0.07 22.14
CA GLY A 116 45.20 0.98 21.33
C GLY A 116 44.66 1.26 19.94
N LYS A 117 43.87 0.32 19.38
CA LYS A 117 43.42 0.42 18.02
C LYS A 117 42.01 0.90 17.82
N LEU A 118 41.78 1.77 16.84
CA LEU A 118 40.43 2.19 16.48
C LEU A 118 39.83 1.00 15.72
N ILE A 119 38.75 0.41 16.23
CA ILE A 119 38.16 -0.81 15.65
C ILE A 119 36.87 -0.58 14.83
N ALA A 120 36.19 0.51 15.13
CA ALA A 120 34.93 0.89 14.54
C ALA A 120 34.87 2.42 14.30
N TYR A 121 33.86 2.91 13.56
CA TYR A 121 33.69 4.34 13.29
C TYR A 121 32.67 4.88 14.23
N PRO A 122 32.94 6.05 14.83
CA PRO A 122 31.91 6.68 15.67
C PRO A 122 30.80 7.27 14.80
N ILE A 123 29.52 6.99 15.13
CA ILE A 123 28.39 7.56 14.39
C ILE A 123 27.67 8.63 15.18
N ALA A 124 27.07 8.28 16.34
CA ALA A 124 26.32 9.25 17.14
C ALA A 124 26.21 8.82 18.58
N VAL A 125 26.18 9.79 19.46
CA VAL A 125 26.09 9.54 20.89
C VAL A 125 24.64 9.41 21.22
N GLU A 126 24.28 8.31 21.88
CA GLU A 126 22.90 8.08 22.29
C GLU A 126 22.74 8.00 23.81
N ALA A 127 21.73 8.67 24.33
CA ALA A 127 21.46 8.67 25.75
C ALA A 127 19.99 8.82 26.03
N LEU A 128 19.51 8.05 27.00
CA LEU A 128 18.11 8.05 27.40
C LEU A 128 17.73 9.35 28.07
N SER A 129 16.62 9.90 27.61
CA SER A 129 16.00 11.09 28.15
C SER A 129 14.58 10.73 28.60
N LEU A 130 13.94 11.64 29.37
CA LEU A 130 12.56 11.43 29.78
C LEU A 130 11.66 12.08 28.73
N ILE A 131 10.67 11.34 28.22
CA ILE A 131 9.76 11.88 27.20
C ILE A 131 8.39 12.02 27.81
N TYR A 132 7.81 13.23 27.83
CA TYR A 132 6.48 13.38 28.41
C TYR A 132 5.50 14.08 27.51
N ASN A 133 4.21 13.81 27.71
CA ASN A 133 3.11 14.44 26.99
C ASN A 133 2.80 15.71 27.72
N LYS A 134 2.98 16.86 27.06
CA LYS A 134 2.73 18.17 27.65
C LYS A 134 1.23 18.38 27.99
N ASP A 135 0.29 17.80 27.22
CA ASP A 135 -1.13 17.99 27.50
C ASP A 135 -1.52 17.30 28.79
N LEU A 136 -0.98 16.11 29.04
CA LEU A 136 -1.31 15.35 30.24
C LEU A 136 -0.58 15.94 31.47
N LEU A 137 0.67 16.33 31.25
CA LEU A 137 1.55 16.86 32.28
C LEU A 137 2.05 18.21 31.81
N PRO A 138 1.67 19.30 32.48
CA PRO A 138 2.21 20.60 32.06
C PRO A 138 3.71 20.73 32.39
N ASN A 139 4.21 19.85 33.31
CA ASN A 139 5.58 19.80 33.79
C ASN A 139 6.00 18.36 34.01
N PRO A 140 7.28 18.05 33.77
CA PRO A 140 7.77 16.71 34.13
C PRO A 140 8.15 16.64 35.63
N PRO A 141 7.91 15.49 36.29
CA PRO A 141 8.31 15.37 37.71
C PRO A 141 9.83 15.41 37.90
N LYS A 142 10.29 16.22 38.83
CA LYS A 142 11.69 16.39 39.12
C LYS A 142 12.33 15.10 39.71
N THR A 143 11.52 14.28 40.41
CA THR A 143 11.97 13.06 41.08
C THR A 143 11.21 11.81 40.71
N TRP A 144 11.88 10.66 40.78
CA TRP A 144 11.27 9.35 40.55
C TRP A 144 10.21 9.10 41.62
N GLU A 145 10.48 9.55 42.87
CA GLU A 145 9.61 9.37 44.02
C GLU A 145 8.24 10.08 43.94
N GLU A 146 8.04 10.96 42.94
CA GLU A 146 6.74 11.61 42.77
C GLU A 146 5.91 11.00 41.60
N ILE A 147 6.49 10.02 40.86
CA ILE A 147 5.82 9.30 39.78
C ILE A 147 4.71 8.35 40.31
N PRO A 148 4.86 7.68 41.49
CA PRO A 148 3.77 6.83 42.00
C PRO A 148 2.46 7.58 42.31
N ALA A 149 2.51 8.73 43.05
CA ALA A 149 1.27 9.47 43.34
C ALA A 149 0.67 10.20 42.14
N LEU A 150 1.45 10.37 41.08
CA LEU A 150 0.99 10.95 39.82
C LEU A 150 0.05 9.94 39.16
N ASP A 151 0.38 8.63 39.26
CA ASP A 151 -0.38 7.52 38.73
C ASP A 151 -1.76 7.50 39.38
N LYS A 152 -1.85 7.77 40.69
CA LYS A 152 -3.15 7.82 41.38
C LYS A 152 -4.09 8.83 40.70
N GLU A 153 -3.58 10.04 40.46
CA GLU A 153 -4.35 11.07 39.79
C GLU A 153 -4.50 10.87 38.28
N LEU A 154 -3.65 10.05 37.67
CA LEU A 154 -3.74 9.78 36.23
C LEU A 154 -4.66 8.61 35.92
N LYS A 155 -4.72 7.63 36.83
CA LYS A 155 -5.61 6.49 36.71
C LYS A 155 -7.08 6.94 36.83
N ALA A 156 -7.34 7.97 37.68
CA ALA A 156 -8.66 8.57 37.87
C ALA A 156 -9.25 9.06 36.52
N LYS A 157 -8.39 9.41 35.56
CA LYS A 157 -8.84 9.88 34.25
C LYS A 157 -8.70 8.82 33.14
N GLY A 158 -8.57 7.54 33.52
CA GLY A 158 -8.40 6.41 32.60
C GLY A 158 -6.99 6.24 32.04
N LYS A 159 -5.97 6.88 32.66
CA LYS A 159 -4.62 6.87 32.11
C LYS A 159 -3.54 6.16 33.00
N SER A 160 -2.29 6.09 32.49
CA SER A 160 -1.10 5.54 33.13
C SER A 160 -0.06 6.67 33.34
N ALA A 161 0.62 6.71 34.50
CA ALA A 161 1.62 7.76 34.74
C ALA A 161 2.95 7.58 33.98
N LEU A 162 3.43 6.32 33.82
CA LEU A 162 4.71 6.09 33.17
C LEU A 162 4.86 4.67 32.65
N MET A 163 5.29 4.53 31.39
CA MET A 163 5.53 3.22 30.79
C MET A 163 6.75 3.21 29.93
N PHE A 164 7.69 2.31 30.22
CA PHE A 164 8.91 2.10 29.44
C PHE A 164 9.25 0.61 29.40
N ASN A 165 10.10 0.25 28.43
CA ASN A 165 10.59 -1.11 28.19
C ASN A 165 11.15 -1.73 29.47
N LEU A 166 10.46 -2.72 30.04
CA LEU A 166 10.97 -3.41 31.23
C LEU A 166 11.75 -4.69 30.89
N GLN A 167 11.85 -5.05 29.59
CA GLN A 167 12.57 -6.22 29.08
C GLN A 167 14.08 -5.98 28.91
N GLU A 168 14.44 -4.73 28.56
CA GLU A 168 15.85 -4.42 28.40
C GLU A 168 16.39 -3.65 29.59
N PRO A 169 17.51 -4.19 30.15
CA PRO A 169 18.12 -3.55 31.32
C PRO A 169 18.78 -2.20 30.98
N TYR A 170 18.92 -1.86 29.69
CA TYR A 170 19.45 -0.58 29.23
C TYR A 170 18.51 0.54 29.74
N PHE A 171 17.19 0.31 29.62
CA PHE A 171 16.11 1.23 29.99
C PHE A 171 15.90 1.38 31.51
N THR A 172 16.40 0.41 32.29
CA THR A 172 16.26 0.38 33.76
C THR A 172 17.55 0.80 34.49
N TRP A 173 18.70 0.65 33.82
CA TRP A 173 20.03 1.02 34.34
C TRP A 173 20.08 2.42 34.94
N PRO A 174 19.57 3.50 34.30
CA PRO A 174 19.63 4.81 34.96
C PRO A 174 19.03 4.86 36.38
N LEU A 175 17.96 4.09 36.67
CA LEU A 175 17.39 4.03 38.03
C LEU A 175 18.28 3.18 38.99
N ILE A 176 18.80 2.03 38.50
CA ILE A 176 19.70 1.17 39.29
C ILE A 176 21.05 1.89 39.64
N ALA A 177 21.54 2.72 38.72
CA ALA A 177 22.81 3.43 38.86
C ALA A 177 22.70 4.78 39.58
N ALA A 178 21.50 5.32 39.74
CA ALA A 178 21.31 6.61 40.39
C ALA A 178 21.87 6.71 41.84
N ASP A 179 21.52 5.76 42.72
CA ASP A 179 22.00 5.81 44.10
C ASP A 179 23.45 5.32 44.26
N GLY A 180 23.97 4.62 43.25
CA GLY A 180 25.36 4.15 43.32
C GLY A 180 25.72 2.81 42.71
N GLY A 181 24.83 2.20 41.93
CA GLY A 181 25.13 0.91 41.29
C GLY A 181 25.97 1.12 40.04
N TYR A 182 26.85 0.15 39.69
CA TYR A 182 27.72 0.32 38.52
C TYR A 182 28.23 -1.02 37.92
N ALA A 183 28.67 -0.99 36.66
CA ALA A 183 29.21 -2.20 36.03
C ALA A 183 30.66 -2.41 36.52
N PHE A 184 31.67 -1.61 36.06
CA PHE A 184 33.07 -1.73 36.42
C PHE A 184 33.65 -0.34 36.68
N LYS A 185 34.43 -0.17 37.79
CA LYS A 185 35.04 1.11 38.15
C LYS A 185 36.23 1.45 37.24
N TYR A 186 36.39 2.74 36.85
CA TYR A 186 37.47 3.17 35.97
C TYR A 186 38.75 3.60 36.71
N GLU A 187 39.56 2.62 37.12
CA GLU A 187 40.81 2.80 37.85
C GLU A 187 41.96 3.25 36.96
N ASN A 188 42.27 4.56 36.96
CA ASN A 188 43.37 5.16 36.18
C ASN A 188 43.53 4.66 34.73
N GLY A 189 42.59 5.02 33.85
CA GLY A 189 42.68 4.64 32.45
C GLY A 189 42.33 3.20 32.10
N LYS A 190 41.77 2.45 33.07
CA LYS A 190 41.38 1.07 32.81
C LYS A 190 40.22 0.61 33.70
N TYR A 191 39.47 -0.42 33.26
CA TYR A 191 38.38 -0.96 34.05
C TYR A 191 38.91 -2.05 34.97
N ASP A 192 38.43 -2.08 36.21
CA ASP A 192 38.84 -3.06 37.20
C ASP A 192 37.72 -4.06 37.42
N ILE A 193 37.88 -5.31 36.89
CA ILE A 193 36.84 -6.34 37.00
C ILE A 193 36.73 -6.94 38.44
N LYS A 194 37.55 -6.46 39.39
CA LYS A 194 37.45 -6.84 40.79
C LYS A 194 36.38 -5.94 41.48
N ASP A 195 36.26 -4.65 41.07
CA ASP A 195 35.30 -3.68 41.59
C ASP A 195 34.04 -3.67 40.70
N VAL A 196 33.05 -4.56 41.01
CA VAL A 196 31.79 -4.69 40.28
C VAL A 196 30.63 -4.33 41.24
N GLY A 197 30.00 -3.18 40.99
CA GLY A 197 28.97 -2.68 41.89
C GLY A 197 27.52 -2.94 41.54
N VAL A 198 27.21 -4.10 40.97
CA VAL A 198 25.81 -4.44 40.68
C VAL A 198 25.10 -4.99 41.96
N ASP A 199 25.83 -5.15 43.06
CA ASP A 199 25.29 -5.67 44.29
C ASP A 199 25.19 -4.63 45.38
N ASN A 200 25.96 -3.54 45.28
CA ASN A 200 26.00 -2.49 46.29
C ASN A 200 24.60 -1.86 46.55
N ALA A 201 24.47 -1.22 47.72
CA ALA A 201 23.23 -0.62 48.21
C ALA A 201 22.51 0.31 47.22
N GLY A 202 23.29 1.06 46.45
CA GLY A 202 22.72 1.97 45.45
C GLY A 202 21.97 1.31 44.32
N ALA A 203 22.30 0.04 44.05
CA ALA A 203 21.65 -0.77 43.02
C ALA A 203 20.43 -1.46 43.62
N LYS A 204 20.55 -1.97 44.84
CA LYS A 204 19.45 -2.58 45.57
C LYS A 204 18.34 -1.57 45.79
N ALA A 205 18.69 -0.29 46.04
CA ALA A 205 17.73 0.78 46.24
C ALA A 205 17.07 1.19 44.94
N GLY A 206 17.85 1.34 43.88
CA GLY A 206 17.31 1.71 42.58
C GLY A 206 16.35 0.66 42.03
N LEU A 207 16.78 -0.58 41.99
CA LEU A 207 15.98 -1.68 41.46
C LEU A 207 14.73 -1.92 42.32
N THR A 208 14.83 -1.67 43.66
CA THR A 208 13.73 -1.82 44.62
C THR A 208 12.58 -0.88 44.27
N PHE A 209 12.90 0.35 43.89
CA PHE A 209 11.91 1.32 43.49
C PHE A 209 11.18 0.85 42.25
N LEU A 210 11.90 0.26 41.28
CA LEU A 210 11.24 -0.27 40.09
C LEU A 210 10.29 -1.42 40.45
N VAL A 211 10.75 -2.35 41.29
CA VAL A 211 9.93 -3.46 41.74
C VAL A 211 8.72 -2.95 42.53
N ASP A 212 8.91 -1.86 43.31
CA ASP A 212 7.82 -1.20 44.05
C ASP A 212 6.76 -0.70 43.10
N LEU A 213 7.14 -0.13 41.95
CA LEU A 213 6.15 0.35 40.98
C LEU A 213 5.30 -0.78 40.46
N ILE A 214 5.86 -2.00 40.33
CA ILE A 214 5.07 -3.12 39.82
C ILE A 214 4.22 -3.76 40.94
N LYS A 215 4.75 -3.79 42.17
CA LYS A 215 4.02 -4.23 43.36
C LYS A 215 2.84 -3.27 43.66
N ASN A 216 3.04 -1.97 43.45
CA ASN A 216 2.01 -0.96 43.69
C ASN A 216 1.13 -0.69 42.43
N LYS A 217 1.17 -1.62 41.44
CA LYS A 217 0.40 -1.68 40.19
C LYS A 217 0.62 -0.48 39.23
N HIS A 218 1.53 0.46 39.58
CA HIS A 218 1.86 1.62 38.74
C HIS A 218 2.47 1.25 37.39
N MET A 219 3.01 0.02 37.26
CA MET A 219 3.65 -0.52 36.04
C MET A 219 3.47 -2.06 35.97
N ASN A 220 3.25 -2.63 34.76
CA ASN A 220 3.16 -4.09 34.57
C ASN A 220 4.55 -4.57 34.20
N ALA A 221 5.03 -5.63 34.88
CA ALA A 221 6.33 -6.22 34.63
C ALA A 221 6.32 -7.14 33.39
N ASP A 222 5.98 -6.57 32.23
CA ASP A 222 5.93 -7.24 30.92
C ASP A 222 5.88 -6.25 29.74
N THR A 223 5.92 -4.93 30.03
CA THR A 223 5.92 -3.88 29.05
C THR A 223 7.19 -3.99 28.24
N ASP A 224 7.05 -4.02 26.93
CA ASP A 224 8.20 -4.10 26.04
C ASP A 224 8.41 -2.77 25.29
N TYR A 225 9.28 -2.75 24.25
CA TYR A 225 9.50 -1.51 23.50
C TYR A 225 8.23 -1.13 22.76
N SER A 226 7.57 -2.09 22.13
CA SER A 226 6.39 -1.82 21.33
C SER A 226 5.18 -1.47 22.16
N ILE A 227 4.96 -2.15 23.30
CA ILE A 227 3.85 -1.85 24.21
C ILE A 227 3.94 -0.40 24.66
N ALA A 228 5.13 0.00 25.11
CA ALA A 228 5.36 1.35 25.59
C ALA A 228 5.26 2.37 24.47
N GLU A 229 5.85 2.10 23.28
CA GLU A 229 5.78 3.05 22.15
C GLU A 229 4.36 3.27 21.68
N ALA A 230 3.54 2.21 21.73
CA ALA A 230 2.14 2.32 21.39
C ALA A 230 1.44 3.16 22.47
N ALA A 231 1.56 2.79 23.78
CA ALA A 231 0.94 3.48 24.92
C ALA A 231 1.19 4.99 24.99
N PHE A 232 2.45 5.45 24.90
CA PHE A 232 2.74 6.88 24.96
C PHE A 232 2.23 7.59 23.73
N ASN A 233 2.53 7.03 22.53
CA ASN A 233 2.15 7.64 21.25
C ASN A 233 0.64 7.63 21.01
N LYS A 234 -0.10 6.71 21.67
CA LYS A 234 -1.58 6.68 21.61
C LYS A 234 -2.20 7.71 22.58
N GLY A 235 -1.46 8.12 23.59
CA GLY A 235 -1.91 9.08 24.59
C GLY A 235 -2.47 8.42 25.83
N GLU A 236 -2.05 7.16 26.08
CA GLU A 236 -2.53 6.34 27.19
C GLU A 236 -1.62 6.48 28.42
N THR A 237 -0.29 6.65 28.21
CA THR A 237 0.67 6.88 29.31
C THR A 237 1.20 8.33 29.28
N ALA A 238 1.40 8.93 30.48
CA ALA A 238 1.87 10.31 30.62
C ALA A 238 3.34 10.52 30.18
N MET A 239 4.23 9.60 30.57
CA MET A 239 5.64 9.69 30.17
C MET A 239 6.26 8.32 29.85
N THR A 240 7.29 8.32 29.00
CA THR A 240 8.09 7.15 28.60
C THR A 240 9.60 7.50 28.75
N ILE A 241 10.47 6.51 28.64
CA ILE A 241 11.91 6.72 28.63
C ILE A 241 12.37 6.15 27.28
N ASN A 242 13.28 6.85 26.56
CA ASN A 242 13.75 6.36 25.25
C ASN A 242 14.89 7.20 24.68
N GLY A 243 15.47 6.76 23.57
CA GLY A 243 16.52 7.49 22.88
C GLY A 243 15.99 8.27 21.69
N PRO A 244 16.89 9.03 21.05
CA PRO A 244 16.48 9.83 19.88
C PRO A 244 15.82 9.04 18.77
N TRP A 245 16.15 7.77 18.60
CA TRP A 245 15.54 6.95 17.57
C TRP A 245 13.98 6.92 17.66
N ALA A 246 13.42 7.13 18.86
CA ALA A 246 11.99 7.05 19.05
C ALA A 246 11.19 8.33 18.73
N TRP A 247 11.89 9.44 18.45
CA TRP A 247 11.31 10.76 18.24
C TRP A 247 10.39 10.83 17.03
N SER A 248 10.82 10.23 15.90
CA SER A 248 10.05 10.19 14.66
C SER A 248 8.63 9.59 14.80
N ASN A 249 8.50 8.51 15.59
CA ASN A 249 7.19 7.90 15.82
C ASN A 249 6.30 8.79 16.69
N ILE A 250 6.88 9.58 17.61
CA ILE A 250 6.09 10.49 18.42
C ILE A 250 5.63 11.65 17.53
N ASP A 251 6.54 12.17 16.67
CA ASP A 251 6.33 13.25 15.68
C ASP A 251 5.17 12.88 14.74
N THR A 252 5.17 11.61 14.30
CA THR A 252 4.18 11.03 13.42
C THR A 252 2.84 10.88 14.16
N SER A 253 2.86 10.51 15.44
CA SER A 253 1.62 10.38 16.24
C SER A 253 0.94 11.72 16.58
N LYS A 254 1.64 12.85 16.28
CA LYS A 254 1.19 14.24 16.53
C LYS A 254 0.95 14.54 18.02
N VAL A 255 1.59 13.78 18.91
CA VAL A 255 1.43 13.98 20.34
C VAL A 255 2.21 15.23 20.78
N ASN A 256 1.64 16.07 21.68
CA ASN A 256 2.34 17.27 22.18
C ASN A 256 3.36 16.80 23.23
N TYR A 257 4.64 16.65 22.84
CA TYR A 257 5.64 16.08 23.75
C TYR A 257 6.90 16.92 23.97
N GLY A 258 7.51 16.68 25.11
CA GLY A 258 8.78 17.30 25.50
C GLY A 258 9.81 16.26 25.93
N VAL A 259 11.05 16.41 25.46
CA VAL A 259 12.12 15.51 25.84
C VAL A 259 12.93 16.30 26.89
N THR A 260 13.14 15.70 28.07
CA THR A 260 13.79 16.41 29.16
C THR A 260 14.77 15.50 29.98
N VAL A 261 15.44 16.10 30.96
CA VAL A 261 16.32 15.42 31.87
C VAL A 261 15.58 14.28 32.62
N LEU A 262 16.30 13.21 32.99
CA LEU A 262 15.71 12.11 33.73
C LEU A 262 15.43 12.53 35.22
N PRO A 263 14.38 12.00 35.89
CA PRO A 263 14.11 12.42 37.27
C PRO A 263 15.15 11.92 38.27
N THR A 264 15.19 12.54 39.45
CA THR A 264 16.17 12.14 40.48
C THR A 264 15.70 10.99 41.36
N PHE A 265 16.64 10.12 41.76
CA PHE A 265 16.33 9.08 42.69
C PHE A 265 17.16 9.35 43.93
N LYS A 266 16.50 9.60 45.05
CA LYS A 266 17.10 9.89 46.34
C LYS A 266 17.97 11.15 46.32
N GLY A 267 17.56 12.14 45.55
CA GLY A 267 18.27 13.41 45.49
C GLY A 267 19.33 13.55 44.42
N GLN A 268 19.82 12.40 43.94
CA GLN A 268 20.86 12.33 42.92
C GLN A 268 20.26 12.01 41.54
N PRO A 269 20.95 12.43 40.45
CA PRO A 269 20.41 12.19 39.09
C PRO A 269 20.36 10.73 38.67
N SER A 270 19.55 10.43 37.67
CA SER A 270 19.46 9.08 37.10
C SER A 270 20.60 9.05 36.12
N LYS A 271 21.47 8.08 36.24
CA LYS A 271 22.70 8.02 35.44
C LYS A 271 22.59 6.97 34.35
N PRO A 272 22.11 7.31 33.14
CA PRO A 272 21.96 6.29 32.10
C PRO A 272 23.27 5.84 31.51
N PHE A 273 23.29 4.60 31.03
CA PHE A 273 24.43 4.08 30.33
C PHE A 273 24.39 4.74 28.93
N VAL A 274 25.50 5.34 28.52
CA VAL A 274 25.64 6.12 27.29
C VAL A 274 26.36 5.35 26.18
N GLY A 275 25.61 4.98 25.16
CA GLY A 275 26.17 4.26 24.03
C GLY A 275 26.50 5.17 22.87
N VAL A 276 27.48 4.80 22.05
CA VAL A 276 27.85 5.61 20.89
C VAL A 276 27.73 4.65 19.72
N LEU A 277 26.65 4.79 18.88
CA LEU A 277 26.41 3.93 17.71
C LEU A 277 27.63 3.86 16.83
N SER A 278 28.16 2.66 16.66
CA SER A 278 29.40 2.47 15.94
C SER A 278 29.20 1.69 14.66
N ALA A 279 30.14 1.87 13.72
CA ALA A 279 30.12 1.18 12.46
C ALA A 279 31.44 0.45 12.23
N GLY A 280 31.45 -0.85 12.47
CA GLY A 280 32.63 -1.68 12.23
C GLY A 280 32.54 -2.46 10.93
N ILE A 281 33.69 -2.93 10.43
CA ILE A 281 33.78 -3.69 9.17
C ILE A 281 34.22 -5.10 9.50
N ASN A 282 33.53 -6.12 8.97
CA ASN A 282 33.92 -7.53 9.19
C ASN A 282 35.33 -7.78 8.67
N ALA A 283 36.16 -8.48 9.46
CA ALA A 283 37.51 -8.83 9.02
C ALA A 283 37.46 -9.82 7.85
N ALA A 284 36.42 -10.68 7.84
CA ALA A 284 36.19 -11.70 6.81
C ALA A 284 35.79 -11.09 5.46
N SER A 285 35.11 -9.93 5.50
CA SER A 285 34.65 -9.23 4.32
C SER A 285 35.73 -8.94 3.27
N PRO A 286 35.36 -9.10 2.00
CA PRO A 286 36.29 -8.77 0.92
C PRO A 286 35.98 -7.41 0.28
N ASN A 287 35.28 -6.51 1.00
CA ASN A 287 34.92 -5.20 0.47
C ASN A 287 35.36 -4.13 1.46
N LYS A 288 36.58 -4.29 2.02
CA LYS A 288 37.14 -3.38 3.03
C LYS A 288 37.30 -1.94 2.53
N GLU A 289 38.00 -1.72 1.41
CA GLU A 289 38.19 -0.36 0.87
C GLU A 289 36.93 0.28 0.34
N LEU A 290 35.93 -0.54 -0.02
CA LEU A 290 34.61 -0.14 -0.47
C LEU A 290 33.81 0.39 0.72
N ALA A 291 33.90 -0.32 1.88
CA ALA A 291 33.24 0.12 3.09
C ALA A 291 33.88 1.41 3.58
N LYS A 292 35.21 1.57 3.43
CA LYS A 292 35.93 2.79 3.85
C LYS A 292 35.41 4.02 3.12
N GLU A 293 35.37 3.99 1.76
CA GLU A 293 34.82 5.10 0.96
C GLU A 293 33.36 5.35 1.33
N PHE A 294 32.57 4.27 1.49
CA PHE A 294 31.17 4.44 1.86
C PHE A 294 31.00 5.15 3.21
N LEU A 295 31.78 4.73 4.21
CA LEU A 295 31.64 5.25 5.57
C LEU A 295 32.15 6.64 5.75
N GLU A 296 33.35 6.95 5.25
CA GLU A 296 33.94 8.27 5.42
C GLU A 296 33.42 9.30 4.40
N ASN A 297 33.33 8.90 3.12
CA ASN A 297 32.95 9.83 2.07
C ASN A 297 31.44 9.92 1.83
N TYR A 298 30.66 8.93 2.27
CA TYR A 298 29.22 8.98 2.03
C TYR A 298 28.36 9.13 3.28
N LEU A 299 28.53 8.24 4.26
CA LEU A 299 27.70 8.26 5.46
C LEU A 299 28.07 9.37 6.43
N LEU A 300 29.35 9.47 6.81
CA LEU A 300 29.74 10.49 7.78
C LEU A 300 29.96 11.87 7.17
N THR A 301 28.86 12.45 6.67
CA THR A 301 28.73 13.80 6.10
C THR A 301 27.36 14.34 6.53
N ASP A 302 27.19 15.67 6.51
CA ASP A 302 25.93 16.31 6.90
C ASP A 302 24.74 15.74 6.14
N GLU A 303 24.91 15.46 4.84
CA GLU A 303 23.83 14.93 4.03
C GLU A 303 23.57 13.44 4.30
N GLY A 304 24.61 12.71 4.65
CA GLY A 304 24.46 11.30 4.96
C GLY A 304 23.73 11.13 6.28
N LEU A 305 24.14 11.91 7.29
CA LEU A 305 23.51 11.84 8.61
C LEU A 305 22.13 12.47 8.64
N GLU A 306 21.90 13.50 7.83
CA GLU A 306 20.58 14.12 7.70
C GLU A 306 19.57 13.10 7.07
N ALA A 307 20.07 12.23 6.16
CA ALA A 307 19.22 11.22 5.55
C ALA A 307 18.78 10.18 6.58
N VAL A 308 19.71 9.67 7.42
CA VAL A 308 19.36 8.68 8.45
C VAL A 308 18.50 9.34 9.54
N ASN A 309 18.93 10.52 9.97
CA ASN A 309 18.23 11.29 11.00
C ASN A 309 16.79 11.60 10.59
N LYS A 310 16.56 11.83 9.28
CA LYS A 310 15.20 12.11 8.76
C LYS A 310 14.27 10.91 8.94
N ASP A 311 14.81 9.69 8.76
CA ASP A 311 14.06 8.48 9.04
C ASP A 311 13.88 8.39 10.59
N LYS A 312 14.97 8.17 11.34
CA LYS A 312 14.90 8.11 12.80
C LYS A 312 16.09 8.85 13.41
N PRO A 313 15.85 9.78 14.35
CA PRO A 313 16.95 10.55 14.93
C PRO A 313 18.08 9.75 15.59
N LEU A 314 19.33 10.12 15.26
CA LEU A 314 20.56 9.48 15.74
C LEU A 314 20.91 9.94 17.16
N GLY A 315 20.94 11.25 17.37
CA GLY A 315 21.30 11.81 18.66
C GLY A 315 22.45 12.77 18.49
N ALA A 316 23.33 12.86 19.49
CA ALA A 316 24.46 13.80 19.41
C ALA A 316 25.63 13.32 18.55
N VAL A 317 25.40 13.23 17.21
CA VAL A 317 26.31 12.74 16.17
C VAL A 317 27.78 13.14 16.32
N ALA A 318 28.66 12.18 15.95
CA ALA A 318 30.12 12.29 16.02
C ALA A 318 30.63 13.44 15.17
N LEU A 319 29.98 13.64 14.00
CA LEU A 319 30.31 14.66 13.02
C LEU A 319 30.10 16.06 13.56
N LYS A 320 31.19 16.82 13.69
CA LYS A 320 31.10 18.19 14.21
C LYS A 320 30.18 19.06 13.36
N SER A 321 30.40 19.03 12.05
CA SER A 321 29.66 19.82 11.05
C SER A 321 28.14 19.77 11.28
N TYR A 322 27.59 18.55 11.37
CA TYR A 322 26.16 18.36 11.54
C TYR A 322 25.72 18.53 13.01
N GLU A 323 26.59 18.15 13.98
CA GLU A 323 26.25 18.26 15.39
C GLU A 323 26.13 19.70 15.82
N GLU A 324 26.91 20.62 15.23
CA GLU A 324 26.80 22.05 15.60
C GLU A 324 25.41 22.59 15.33
N GLU A 325 24.81 22.16 14.21
CA GLU A 325 23.45 22.51 13.86
C GLU A 325 22.51 21.77 14.81
N LEU A 326 22.56 20.42 14.84
CA LEU A 326 21.71 19.59 15.70
C LEU A 326 21.68 20.01 17.21
N ALA A 327 22.73 20.67 17.70
CA ALA A 327 22.87 21.11 19.08
C ALA A 327 21.78 22.07 19.46
N LYS A 328 21.32 22.93 18.51
CA LYS A 328 20.26 23.94 18.65
C LYS A 328 18.83 23.33 18.79
N ASP A 329 18.74 22.01 19.03
CA ASP A 329 17.46 21.36 19.25
C ASP A 329 17.38 21.07 20.76
N PRO A 330 16.41 21.63 21.51
CA PRO A 330 16.34 21.33 22.96
C PRO A 330 16.18 19.83 23.28
N ARG A 331 15.68 19.02 22.33
CA ARG A 331 15.60 17.58 22.54
C ARG A 331 17.03 17.01 22.61
N ILE A 332 17.95 17.49 21.76
CA ILE A 332 19.37 17.10 21.75
C ILE A 332 20.09 17.61 23.01
N ALA A 333 19.75 18.80 23.48
CA ALA A 333 20.34 19.38 24.69
C ALA A 333 19.97 18.53 25.90
N ALA A 334 18.72 18.00 25.93
CA ALA A 334 18.25 17.14 27.02
C ALA A 334 19.02 15.82 26.95
N THR A 335 19.14 15.25 25.74
CA THR A 335 19.89 14.03 25.49
C THR A 335 21.34 14.19 25.96
N MET A 336 21.96 15.30 25.58
CA MET A 336 23.36 15.56 25.92
C MET A 336 23.58 15.80 27.40
N GLU A 337 22.61 16.42 28.07
CA GLU A 337 22.65 16.64 29.52
C GLU A 337 22.52 15.28 30.26
N ASN A 338 21.72 14.37 29.70
CA ASN A 338 21.50 13.04 30.26
C ASN A 338 22.74 12.15 30.06
N ALA A 339 23.40 12.31 28.89
CA ALA A 339 24.65 11.65 28.56
C ALA A 339 25.75 12.18 29.50
N GLN A 340 25.76 13.52 29.74
CA GLN A 340 26.72 14.17 30.63
C GLN A 340 26.55 13.71 32.09
N LYS A 341 25.35 13.25 32.49
CA LYS A 341 25.01 12.77 33.84
C LYS A 341 25.08 11.22 34.01
N GLY A 342 25.34 10.53 32.92
CA GLY A 342 25.47 9.08 32.92
C GLY A 342 26.91 8.69 32.69
N GLU A 343 27.15 7.51 32.12
CA GLU A 343 28.52 7.07 31.84
C GLU A 343 28.64 6.29 30.56
N ILE A 344 29.74 6.52 29.82
CA ILE A 344 30.04 5.76 28.60
C ILE A 344 30.32 4.35 29.03
N MET A 345 29.47 3.46 28.52
CA MET A 345 29.53 2.04 28.75
C MET A 345 30.92 1.49 28.44
N PRO A 346 31.38 0.49 29.19
CA PRO A 346 32.67 -0.13 28.85
C PRO A 346 32.55 -0.94 27.57
N ASN A 347 33.66 -1.10 26.86
CA ASN A 347 33.68 -1.95 25.68
C ASN A 347 34.43 -3.26 25.97
N ILE A 348 34.75 -3.56 27.25
CA ILE A 348 35.48 -4.76 27.60
C ILE A 348 34.76 -6.02 27.13
N PRO A 349 35.52 -7.08 26.82
CA PRO A 349 34.89 -8.32 26.35
C PRO A 349 33.79 -8.87 27.26
N GLN A 350 33.99 -8.83 28.60
CA GLN A 350 32.97 -9.29 29.53
C GLN A 350 31.55 -8.70 29.28
N MET A 351 31.43 -7.50 28.68
CA MET A 351 30.15 -6.82 28.46
C MET A 351 29.04 -7.66 27.87
N SER A 352 29.32 -8.61 26.96
CA SER A 352 28.25 -9.44 26.39
C SER A 352 27.60 -10.26 27.51
N ALA A 353 28.47 -10.84 28.38
CA ALA A 353 28.12 -11.65 29.54
C ALA A 353 27.46 -10.80 30.62
N PHE A 354 27.99 -9.58 30.87
CA PHE A 354 27.46 -8.63 31.85
C PHE A 354 26.02 -8.34 31.58
N TRP A 355 25.66 -8.13 30.32
CA TRP A 355 24.30 -7.81 29.97
C TRP A 355 23.37 -8.97 30.17
N TYR A 356 23.83 -10.23 30.01
CA TYR A 356 22.95 -11.38 30.22
C TYR A 356 22.58 -11.46 31.67
N ALA A 357 23.59 -11.37 32.54
CA ALA A 357 23.46 -11.37 34.01
C ALA A 357 22.43 -10.33 34.47
N VAL A 358 22.56 -9.09 33.96
CA VAL A 358 21.75 -7.93 34.31
C VAL A 358 20.34 -7.96 33.69
N ARG A 359 20.16 -8.51 32.47
CA ARG A 359 18.82 -8.64 31.90
C ARG A 359 18.04 -9.66 32.74
N THR A 360 18.69 -10.77 33.08
CA THR A 360 18.20 -11.84 33.94
C THR A 360 17.78 -11.28 35.32
N ALA A 361 18.57 -10.36 35.89
CA ALA A 361 18.29 -9.75 37.20
C ALA A 361 17.10 -8.81 37.15
N VAL A 362 17.02 -7.92 36.14
CA VAL A 362 15.90 -6.99 35.97
C VAL A 362 14.59 -7.76 35.65
N ILE A 363 14.70 -8.86 34.90
CA ILE A 363 13.55 -9.65 34.54
C ILE A 363 13.07 -10.50 35.75
N ASN A 364 13.99 -11.08 36.54
CA ASN A 364 13.57 -11.87 37.71
C ASN A 364 13.10 -11.04 38.88
N ALA A 365 13.49 -9.76 38.95
CA ALA A 365 13.07 -8.91 40.06
C ALA A 365 11.66 -8.41 39.82
N ALA A 366 11.37 -8.03 38.58
CA ALA A 366 10.07 -7.55 38.15
C ALA A 366 9.09 -8.70 38.07
N SER A 367 9.53 -9.86 37.54
CA SER A 367 8.67 -11.05 37.43
C SER A 367 8.29 -11.71 38.77
N GLY A 368 8.89 -11.25 39.86
CA GLY A 368 8.61 -11.80 41.17
C GLY A 368 9.31 -13.12 41.44
N ARG A 369 10.02 -13.67 40.43
CA ARG A 369 10.77 -14.93 40.58
C ARG A 369 11.88 -14.84 41.63
N GLN A 370 12.29 -13.61 42.00
CA GLN A 370 13.37 -13.44 42.97
C GLN A 370 13.24 -12.15 43.76
N THR A 371 13.84 -12.14 44.94
CA THR A 371 14.01 -10.97 45.79
C THR A 371 15.10 -10.15 45.08
N VAL A 372 15.11 -8.82 45.24
CA VAL A 372 16.12 -8.00 44.58
C VAL A 372 17.53 -8.28 45.16
N ASP A 373 17.64 -8.69 46.44
CA ASP A 373 18.95 -9.04 46.99
C ASP A 373 19.51 -10.30 46.34
N GLU A 374 18.62 -11.27 46.04
CA GLU A 374 18.99 -12.52 45.39
C GLU A 374 19.30 -12.31 43.91
N ALA A 375 18.38 -11.64 43.15
CA ALA A 375 18.56 -11.40 41.72
C ALA A 375 19.86 -10.67 41.44
N LEU A 376 20.14 -9.64 42.26
CA LEU A 376 21.38 -8.90 42.13
C LEU A 376 22.60 -9.70 42.56
N LYS A 377 22.44 -10.63 43.52
CA LYS A 377 23.55 -11.45 43.94
C LYS A 377 23.95 -12.41 42.83
N ASP A 378 23.02 -13.21 42.28
CA ASP A 378 23.32 -14.10 41.14
C ASP A 378 23.94 -13.38 39.93
N ALA A 379 23.73 -12.07 39.85
CA ALA A 379 24.22 -11.23 38.78
C ALA A 379 25.65 -10.87 39.10
N GLN A 380 25.93 -10.42 40.35
CA GLN A 380 27.26 -10.05 40.85
C GLN A 380 28.16 -11.29 40.89
N THR A 381 27.59 -12.43 41.27
CA THR A 381 28.18 -13.76 41.31
C THR A 381 28.62 -14.14 39.87
N GLY A 382 27.80 -13.81 38.87
CA GLY A 382 28.11 -14.04 37.47
C GLY A 382 29.38 -13.35 37.03
N SER A 383 29.63 -12.15 37.55
CA SER A 383 30.87 -11.44 37.27
C SER A 383 32.01 -12.07 38.04
N GLU A 384 31.75 -12.66 39.23
CA GLU A 384 32.78 -13.31 40.04
C GLU A 384 33.26 -14.61 39.42
N LEU A 385 32.35 -15.32 38.76
CA LEU A 385 32.67 -16.52 38.06
C LEU A 385 33.59 -16.13 36.85
N TYR A 386 33.22 -15.04 36.12
CA TYR A 386 34.00 -14.51 35.02
C TYR A 386 35.38 -14.04 35.49
N ARG A 387 35.50 -13.33 36.62
CA ARG A 387 36.82 -12.87 37.09
C ARG A 387 37.73 -14.01 37.54
N GLN A 388 37.29 -14.81 38.52
CA GLN A 388 38.03 -15.94 39.04
C GLN A 388 38.39 -16.93 37.90
N SER A 389 37.52 -17.09 36.91
CA SER A 389 37.78 -17.99 35.80
C SER A 389 38.85 -17.47 34.88
N LEU A 390 38.82 -16.18 34.55
CA LEU A 390 39.87 -15.57 33.71
C LEU A 390 41.20 -15.62 34.46
N GLU A 391 41.17 -15.37 35.79
CA GLU A 391 42.33 -15.48 36.65
C GLU A 391 42.91 -16.93 36.61
N ILE A 392 42.09 -17.97 36.89
CA ILE A 392 42.59 -19.36 36.87
C ILE A 392 43.13 -19.79 35.51
N ILE A 393 42.35 -19.61 34.45
CA ILE A 393 42.74 -20.02 33.12
C ILE A 393 44.00 -19.30 32.60
N SER A 394 43.98 -17.97 32.65
CA SER A 394 45.12 -17.17 32.18
C SER A 394 46.37 -17.46 32.94
N ARG A 395 46.25 -17.73 34.27
CA ARG A 395 47.44 -17.98 35.10
C ARG A 395 48.11 -19.22 34.67
N TYR A 396 47.33 -20.34 34.53
CA TYR A 396 47.82 -21.63 34.05
C TYR A 396 48.51 -21.46 32.71
N LEU A 397 47.80 -20.92 31.71
CA LEU A 397 48.26 -20.65 30.35
C LEU A 397 49.55 -19.80 30.28
N ARG A 398 49.64 -18.73 31.07
CA ARG A 398 50.84 -17.87 31.08
C ARG A 398 52.01 -18.61 31.71
N GLU A 399 51.77 -19.31 32.85
CA GLU A 399 52.82 -20.06 33.50
C GLU A 399 53.29 -21.24 32.64
N GLN A 400 52.44 -21.77 31.75
CA GLN A 400 52.84 -22.85 30.85
C GLN A 400 53.63 -22.37 29.61
N ALA A 401 53.90 -21.09 29.48
CA ALA A 401 54.65 -20.54 28.36
C ALA A 401 56.00 -20.02 28.88
N THR A 402 55.96 -19.33 30.02
CA THR A 402 57.14 -18.82 30.70
C THR A 402 57.86 -19.97 31.45
N GLY A 403 57.08 -20.83 32.08
CA GLY A 403 57.57 -21.92 32.91
C GLY A 403 57.63 -21.54 34.38
N ALA A 404 56.98 -20.44 34.74
CA ALA A 404 57.01 -19.95 36.09
C ALA A 404 55.67 -19.35 36.52
N ALA A 405 55.34 -19.56 37.79
CA ALA A 405 54.15 -19.05 38.41
C ALA A 405 54.15 -17.52 38.57
N ASP A 406 52.95 -16.94 38.67
CA ASP A 406 52.73 -15.53 38.95
C ASP A 406 52.53 -15.52 40.46
N THR A 407 53.15 -14.57 41.13
CA THR A 407 53.06 -14.50 42.59
C THR A 407 52.10 -13.43 43.14
N ALA A 408 51.46 -12.64 42.26
CA ALA A 408 50.53 -11.59 42.67
C ALA A 408 49.21 -12.14 43.23
N PRO A 409 48.56 -11.40 44.12
CA PRO A 409 47.33 -11.90 44.74
C PRO A 409 46.13 -12.02 43.80
N MET A 410 45.05 -12.68 44.26
CA MET A 410 43.87 -12.96 43.42
C MET A 410 42.51 -12.50 43.94
N GLY A 411 42.49 -11.96 45.15
CA GLY A 411 41.24 -11.50 45.74
C GLY A 411 40.27 -12.60 46.08
N ALA A 412 38.96 -12.25 46.11
CA ALA A 412 37.82 -13.13 46.42
C ALA A 412 37.97 -14.57 45.97
N SER A 413 37.67 -15.51 46.88
CA SER A 413 37.75 -16.94 46.61
C SER A 413 39.16 -17.33 46.19
N GLY A 414 40.16 -16.79 46.90
CA GLY A 414 41.58 -17.00 46.63
C GLY A 414 42.10 -18.43 46.82
N ALA A 415 41.69 -19.06 47.93
CA ALA A 415 42.09 -20.43 48.25
C ALA A 415 41.41 -21.45 47.31
N THR A 416 40.24 -21.14 46.75
CA THR A 416 39.55 -22.00 45.78
C THR A 416 40.33 -21.91 44.46
N SER A 417 40.67 -20.69 44.04
CA SER A 417 41.42 -20.46 42.81
C SER A 417 42.84 -21.04 42.90
N ARG A 418 43.45 -21.03 44.11
CA ARG A 418 44.77 -21.60 44.34
C ARG A 418 44.71 -23.11 44.11
N LYS A 419 43.70 -23.78 44.68
CA LYS A 419 43.52 -25.21 44.54
C LYS A 419 43.17 -25.59 43.10
N ALA A 420 42.34 -24.79 42.38
CA ALA A 420 42.03 -25.11 40.98
C ALA A 420 43.23 -25.03 40.07
N LEU A 421 44.23 -24.22 40.43
CA LEU A 421 45.48 -24.12 39.70
C LEU A 421 46.29 -25.37 39.97
N GLU A 422 46.49 -25.74 41.25
CA GLU A 422 47.24 -26.95 41.55
C GLU A 422 46.55 -28.23 41.07
N THR A 423 45.25 -28.13 40.71
CA THR A 423 44.44 -29.20 40.15
C THR A 423 44.61 -29.20 38.63
N LEU A 424 44.72 -28.02 38.01
CA LEU A 424 44.91 -27.84 36.58
C LEU A 424 46.33 -28.28 36.19
N ARG A 425 47.33 -27.95 37.01
CA ARG A 425 48.70 -28.36 36.76
C ARG A 425 48.82 -29.87 36.77
N ARG A 426 48.08 -30.56 37.62
CA ARG A 426 48.17 -32.01 37.71
C ARG A 426 47.40 -32.68 36.59
N VAL A 427 46.10 -32.35 36.43
CA VAL A 427 45.20 -32.95 35.44
C VAL A 427 45.43 -32.46 33.99
N GLY A 428 45.65 -31.16 33.83
CA GLY A 428 45.95 -30.54 32.55
C GLY A 428 47.25 -31.00 31.92
N ASP A 429 48.28 -31.26 32.74
CA ASP A 429 49.53 -31.78 32.20
C ASP A 429 49.45 -33.31 31.90
N GLY A 430 48.47 -33.99 32.51
CA GLY A 430 48.21 -35.40 32.23
C GLY A 430 47.56 -35.51 30.86
N VAL A 431 46.59 -34.64 30.57
CA VAL A 431 45.94 -34.58 29.27
C VAL A 431 46.96 -34.21 28.19
N GLN A 432 47.82 -33.20 28.43
CA GLN A 432 48.83 -32.81 27.45
C GLN A 432 49.80 -33.94 27.16
N ARG A 433 50.15 -34.72 28.18
CA ARG A 433 51.08 -35.83 28.05
C ARG A 433 50.44 -37.01 27.30
N ASN A 434 49.31 -37.52 27.80
CA ASN A 434 48.61 -38.67 27.23
C ASN A 434 48.06 -38.43 25.83
N HIS A 435 47.91 -37.15 25.43
CA HIS A 435 47.41 -36.83 24.10
C HIS A 435 48.41 -35.93 23.36
N GLU A 436 49.72 -36.03 23.66
CA GLU A 436 50.77 -35.21 23.04
C GLU A 436 50.95 -35.46 21.57
N THR A 437 50.80 -36.71 21.14
CA THR A 437 50.93 -37.06 19.74
C THR A 437 49.82 -36.38 18.93
N ALA A 438 48.58 -36.47 19.43
CA ALA A 438 47.42 -35.89 18.79
C ALA A 438 47.40 -34.38 18.77
N PHE A 439 47.81 -33.73 19.87
CA PHE A 439 47.82 -32.27 20.00
C PHE A 439 48.79 -31.68 18.98
N GLN A 440 49.99 -32.28 18.88
CA GLN A 440 51.06 -31.91 17.94
C GLN A 440 50.59 -31.87 16.49
N GLY A 441 49.92 -32.93 16.05
CA GLY A 441 49.37 -33.04 14.70
C GLY A 441 48.34 -31.96 14.46
N MET A 442 47.47 -31.72 15.44
CA MET A 442 46.46 -30.69 15.32
C MET A 442 47.09 -29.29 15.21
N LEU A 443 48.13 -28.99 15.99
CA LEU A 443 48.80 -27.69 15.95
C LEU A 443 49.61 -27.48 14.65
N ARG A 444 50.17 -28.58 14.10
CA ARG A 444 50.95 -28.50 12.86
C ARG A 444 50.06 -28.47 11.62
N LYS A 445 48.87 -29.11 11.69
CA LYS A 445 47.88 -29.13 10.60
C LYS A 445 47.03 -27.86 10.55
N LEU A 446 47.46 -26.77 11.23
CA LEU A 446 46.69 -25.53 11.23
C LEU A 446 47.49 -24.34 10.73
N ASP A 447 48.84 -24.39 10.77
CA ASP A 447 49.69 -23.27 10.32
C ASP A 447 49.26 -21.90 10.94
N ILE A 448 49.06 -21.89 12.28
CA ILE A 448 48.70 -20.64 12.96
C ILE A 448 50.00 -19.83 12.99
N LYS A 449 50.20 -18.97 11.99
CA LYS A 449 51.43 -18.19 11.90
C LYS A 449 51.25 -16.75 12.42
N ASN A 450 50.13 -16.11 12.03
CA ASN A 450 49.77 -14.74 12.38
C ASN A 450 48.64 -14.65 13.43
N GLU A 451 48.33 -13.42 13.92
CA GLU A 451 47.28 -13.19 14.93
C GLU A 451 45.87 -13.61 14.51
N ASP A 452 45.41 -13.36 13.26
CA ASP A 452 44.08 -13.83 12.84
C ASP A 452 44.03 -15.35 12.82
N ASP A 453 45.15 -16.02 12.51
CA ASP A 453 45.19 -17.48 12.50
C ASP A 453 44.99 -18.01 13.95
N VAL A 454 45.61 -17.33 14.93
CA VAL A 454 45.48 -17.69 16.34
C VAL A 454 44.06 -17.44 16.81
N LYS A 455 43.53 -16.22 16.60
CA LYS A 455 42.16 -15.88 16.97
C LYS A 455 41.15 -16.79 16.27
N SER A 456 41.48 -17.31 15.07
CA SER A 456 40.64 -18.28 14.36
C SER A 456 40.48 -19.54 15.19
N LEU A 457 41.61 -20.07 15.71
CA LEU A 457 41.67 -21.25 16.57
C LEU A 457 40.80 -21.03 17.79
N SER A 458 40.90 -19.82 18.43
CA SER A 458 40.11 -19.42 19.61
C SER A 458 38.64 -19.73 19.44
N ARG A 459 38.09 -19.37 18.24
CA ARG A 459 36.70 -19.59 17.84
C ARG A 459 36.41 -21.07 17.55
N VAL A 460 37.33 -21.76 16.87
CA VAL A 460 37.16 -23.17 16.54
C VAL A 460 37.03 -24.04 17.80
N MET A 461 37.94 -23.87 18.78
CA MET A 461 37.83 -24.64 20.01
C MET A 461 36.64 -24.22 20.84
N ILE A 462 36.28 -22.94 20.78
CA ILE A 462 35.10 -22.41 21.44
C ILE A 462 33.83 -23.12 20.96
N HIS A 463 33.72 -23.36 19.66
CA HIS A 463 32.52 -23.98 19.13
C HIS A 463 32.64 -25.52 19.13
N VAL A 464 33.85 -26.08 19.18
CA VAL A 464 34.04 -27.54 19.24
C VAL A 464 33.63 -28.04 20.63
N PHE A 465 34.03 -27.32 21.68
CA PHE A 465 33.67 -27.65 23.03
C PHE A 465 32.15 -27.50 23.22
N SER A 466 31.61 -26.35 22.79
CA SER A 466 30.20 -26.02 22.93
C SER A 466 29.30 -26.97 22.19
N ASP A 467 29.63 -27.34 20.94
CA ASP A 467 28.78 -28.29 20.20
C ASP A 467 29.08 -29.73 20.61
N GLY A 468 29.33 -29.92 21.91
CA GLY A 468 29.63 -31.18 22.60
C GLY A 468 29.21 -31.15 24.06
N VAL A 469 29.21 -32.29 24.75
CA VAL A 469 28.77 -32.38 26.15
C VAL A 469 29.60 -31.55 27.13
N THR A 470 28.91 -31.06 28.16
CA THR A 470 29.51 -30.22 29.18
C THR A 470 29.78 -31.06 30.42
N ASN A 471 31.06 -31.31 30.68
CA ASN A 471 31.60 -32.01 31.85
C ASN A 471 33.00 -31.46 32.23
N TRP A 472 33.57 -31.88 33.37
CA TRP A 472 34.91 -31.41 33.75
C TRP A 472 36.00 -32.02 32.87
N GLY A 473 35.78 -33.22 32.36
CA GLY A 473 36.73 -33.85 31.44
C GLY A 473 37.03 -32.98 30.23
N ARG A 474 35.99 -32.69 29.46
CA ARG A 474 36.05 -31.82 28.29
C ARG A 474 36.49 -30.40 28.63
N ILE A 475 36.19 -29.89 29.84
CA ILE A 475 36.64 -28.53 30.21
C ILE A 475 38.16 -28.54 30.25
N VAL A 476 38.74 -29.48 31.02
CA VAL A 476 40.18 -29.68 31.13
C VAL A 476 40.81 -29.89 29.78
N THR A 477 40.14 -30.64 28.89
CA THR A 477 40.71 -30.85 27.55
C THR A 477 40.86 -29.54 26.79
N LEU A 478 39.77 -28.74 26.76
CA LEU A 478 39.75 -27.44 26.12
C LEU A 478 40.82 -26.52 26.71
N ILE A 479 41.07 -26.57 28.03
CA ILE A 479 42.08 -25.70 28.68
C ILE A 479 43.51 -26.20 28.42
N SER A 480 43.70 -27.52 28.43
CA SER A 480 44.99 -28.15 28.18
C SER A 480 45.42 -27.85 26.77
N PHE A 481 44.51 -27.94 25.78
CA PHE A 481 44.87 -27.60 24.40
C PHE A 481 45.31 -26.16 24.31
N GLY A 482 44.60 -25.29 25.01
CA GLY A 482 44.92 -23.87 25.15
C GLY A 482 46.30 -23.65 25.71
N ALA A 483 46.74 -24.48 26.67
CA ALA A 483 48.07 -24.45 27.27
C ALA A 483 49.13 -25.01 26.32
N PHE A 484 48.78 -25.96 25.45
CA PHE A 484 49.68 -26.49 24.42
C PHE A 484 49.90 -25.34 23.39
N VAL A 485 48.83 -24.62 23.05
CA VAL A 485 48.85 -23.46 22.18
C VAL A 485 49.66 -22.33 22.80
N ALA A 486 49.47 -22.04 24.09
CA ALA A 486 50.22 -21.00 24.79
C ALA A 486 51.74 -21.27 24.76
N LYS A 487 52.13 -22.58 24.76
CA LYS A 487 53.53 -23.04 24.68
C LYS A 487 54.05 -22.76 23.25
N HIS A 488 53.23 -23.09 22.23
CA HIS A 488 53.54 -22.94 20.81
C HIS A 488 53.50 -21.48 20.31
N LEU A 489 52.79 -20.59 21.02
CA LEU A 489 52.71 -19.14 20.70
C LEU A 489 54.03 -18.52 21.11
N LYS A 490 54.50 -18.87 22.33
CA LYS A 490 55.75 -18.46 22.95
C LYS A 490 56.90 -18.77 22.00
N THR A 491 56.88 -19.95 21.34
CA THR A 491 57.92 -20.40 20.38
C THR A 491 58.17 -19.36 19.28
N ILE A 492 57.11 -18.69 18.83
CA ILE A 492 57.27 -17.69 17.79
C ILE A 492 57.15 -16.25 18.33
N ASN A 493 57.34 -16.05 19.65
CA ASN A 493 57.35 -14.75 20.37
C ASN A 493 56.00 -13.95 20.34
N GLN A 494 55.01 -14.32 19.46
CA GLN A 494 53.70 -13.65 19.39
C GLN A 494 52.78 -14.23 20.43
N GLU A 495 53.20 -14.11 21.68
CA GLU A 495 52.47 -14.56 22.85
C GLU A 495 51.59 -13.47 23.44
N SER A 496 51.09 -12.55 22.61
CA SER A 496 50.14 -11.53 23.05
C SER A 496 48.68 -12.09 23.02
N CYS A 497 48.45 -13.23 22.33
CA CYS A 497 47.16 -13.89 22.19
C CYS A 497 46.82 -14.82 23.37
N ILE A 498 47.75 -15.02 24.32
CA ILE A 498 47.49 -15.88 25.47
C ILE A 498 46.30 -15.40 26.29
N GLU A 499 46.31 -14.14 26.75
CA GLU A 499 45.19 -13.60 27.53
C GLU A 499 43.90 -13.44 26.71
N PRO A 500 43.95 -12.97 25.44
CA PRO A 500 42.73 -12.94 24.62
C PRO A 500 42.11 -14.33 24.43
N LEU A 501 42.95 -15.40 24.41
CA LEU A 501 42.57 -16.82 24.28
C LEU A 501 41.98 -17.31 25.63
N ALA A 502 42.58 -16.88 26.75
CA ALA A 502 42.16 -17.24 28.10
C ALA A 502 40.83 -16.59 28.45
N GLU A 503 40.58 -15.35 27.96
CA GLU A 503 39.33 -14.60 28.14
C GLU A 503 38.17 -15.18 27.29
N SER A 504 38.47 -15.84 26.15
CA SER A 504 37.42 -16.44 25.32
C SER A 504 36.94 -17.77 25.89
N ILE A 505 37.90 -18.66 26.32
CA ILE A 505 37.60 -19.92 26.99
C ILE A 505 36.77 -19.62 28.25
N THR A 506 37.03 -18.48 28.94
CA THR A 506 36.23 -18.06 30.07
C THR A 506 34.82 -17.75 29.58
N ASP A 507 34.69 -16.99 28.49
CA ASP A 507 33.40 -16.60 27.92
C ASP A 507 32.53 -17.79 27.52
N VAL A 508 33.00 -18.71 26.65
CA VAL A 508 32.18 -19.89 26.28
C VAL A 508 31.68 -20.66 27.54
N LEU A 509 32.51 -20.68 28.57
CA LEU A 509 32.26 -21.32 29.84
C LEU A 509 31.26 -20.56 30.70
N VAL A 510 31.63 -19.41 31.32
CA VAL A 510 30.74 -18.69 32.24
C VAL A 510 29.56 -17.99 31.51
N ARG A 511 29.68 -17.78 30.19
CA ARG A 511 28.61 -17.15 29.45
C ARG A 511 27.63 -18.19 28.91
N THR A 512 28.08 -19.12 28.03
CA THR A 512 27.15 -20.07 27.44
C THR A 512 26.81 -21.22 28.39
N LYS A 513 27.67 -21.56 29.36
CA LYS A 513 27.37 -22.68 30.26
C LYS A 513 27.23 -22.25 31.71
N ARG A 514 26.87 -20.99 31.96
CA ARG A 514 26.68 -20.41 33.30
C ARG A 514 25.93 -21.31 34.28
N ASP A 515 24.84 -21.92 33.83
CA ASP A 515 24.00 -22.75 34.66
C ASP A 515 24.73 -24.01 35.08
N TRP A 516 25.37 -24.75 34.13
CA TRP A 516 26.13 -25.95 34.49
C TRP A 516 27.20 -25.66 35.55
N LEU A 517 28.02 -24.62 35.35
CA LEU A 517 29.06 -24.22 36.29
C LEU A 517 28.48 -23.91 37.66
N VAL A 518 27.32 -23.26 37.72
CA VAL A 518 26.72 -22.90 39.00
C VAL A 518 26.13 -24.16 39.70
N LYS A 519 25.56 -25.07 38.90
CA LYS A 519 25.04 -26.35 39.37
C LYS A 519 26.17 -27.23 39.90
N GLN A 520 27.40 -27.12 39.33
CA GLN A 520 28.53 -27.91 39.80
C GLN A 520 29.34 -27.22 40.86
N ARG A 521 28.73 -26.27 41.61
CA ARG A 521 29.37 -25.52 42.70
C ARG A 521 30.62 -24.74 42.29
N GLY A 522 30.60 -24.22 41.08
CA GLY A 522 31.68 -23.41 40.52
C GLY A 522 33.01 -24.12 40.40
N TRP A 523 34.10 -23.37 40.64
CA TRP A 523 35.43 -23.96 40.56
C TRP A 523 35.69 -24.97 41.68
N ASP A 524 34.88 -24.97 42.78
CA ASP A 524 34.99 -25.92 43.90
C ASP A 524 34.63 -27.35 43.48
N GLY A 525 33.68 -27.48 42.55
CA GLY A 525 33.24 -28.76 42.01
C GLY A 525 34.31 -29.42 41.15
N PHE A 526 35.17 -28.59 40.53
CA PHE A 526 36.27 -29.03 39.68
C PHE A 526 37.40 -29.58 40.54
N VAL A 527 37.77 -28.84 41.58
CA VAL A 527 38.79 -29.26 42.53
C VAL A 527 38.29 -30.53 43.27
N GLU A 528 36.98 -30.61 43.52
CA GLU A 528 36.37 -31.79 44.14
C GLU A 528 36.47 -32.98 43.20
N PHE A 529 36.06 -32.81 41.94
CA PHE A 529 36.08 -33.79 40.87
C PHE A 529 37.36 -34.59 40.80
N PHE A 530 38.53 -33.94 40.82
CA PHE A 530 39.80 -34.67 40.76
C PHE A 530 40.53 -34.65 42.12
N HIS A 531 40.66 -35.83 42.75
CA HIS A 531 41.33 -35.92 44.05
C HIS A 531 42.16 -37.19 44.25
N ILE B 17 26.41 -16.87 1.29
CA ILE B 17 25.01 -17.17 1.61
C ILE B 17 24.83 -17.25 3.17
N GLU B 18 23.57 -17.54 3.66
CA GLU B 18 23.23 -17.71 5.08
C GLU B 18 22.49 -19.04 5.29
N GLU B 19 22.75 -19.70 6.45
CA GLU B 19 22.16 -20.97 6.87
C GLU B 19 20.90 -20.75 7.73
N GLY B 20 20.03 -21.74 7.79
CA GLY B 20 18.79 -21.65 8.54
C GLY B 20 17.71 -20.78 7.90
N LYS B 21 17.97 -20.31 6.68
CA LYS B 21 17.04 -19.46 5.97
C LYS B 21 16.86 -19.96 4.54
N LEU B 22 15.68 -19.67 3.96
CA LEU B 22 15.44 -20.03 2.58
C LEU B 22 15.33 -18.80 1.69
N VAL B 23 16.13 -18.75 0.63
CA VAL B 23 16.15 -17.63 -0.29
C VAL B 23 15.85 -18.11 -1.70
N ILE B 24 14.70 -17.71 -2.22
CA ILE B 24 14.28 -18.13 -3.54
C ILE B 24 14.29 -16.98 -4.50
N TRP B 25 14.83 -17.19 -5.71
CA TRP B 25 14.78 -16.22 -6.78
C TRP B 25 13.90 -16.82 -7.86
N ILE B 26 12.88 -16.09 -8.26
CA ILE B 26 11.95 -16.53 -9.27
C ILE B 26 11.71 -15.33 -10.20
N ASN B 27 11.38 -15.54 -11.50
CA ASN B 27 11.13 -14.40 -12.38
C ASN B 27 9.90 -13.57 -11.88
N GLY B 28 9.87 -12.28 -12.22
CA GLY B 28 8.80 -11.38 -11.79
C GLY B 28 7.46 -11.60 -12.48
N ASP B 29 7.46 -12.23 -13.68
CA ASP B 29 6.15 -12.48 -14.36
C ASP B 29 5.36 -13.66 -13.74
N LYS B 30 6.02 -14.40 -12.81
CA LYS B 30 5.49 -15.54 -12.07
C LYS B 30 4.70 -15.10 -10.82
N GLY B 31 4.06 -16.05 -10.16
CA GLY B 31 3.34 -15.76 -8.93
C GLY B 31 4.23 -15.76 -7.71
N TYR B 32 5.12 -14.76 -7.55
CA TYR B 32 6.02 -14.67 -6.39
C TYR B 32 5.29 -14.53 -5.07
N ASN B 33 4.11 -13.87 -5.08
CA ASN B 33 3.27 -13.73 -3.88
C ASN B 33 2.66 -15.10 -3.57
N GLY B 34 2.17 -15.81 -4.60
CA GLY B 34 1.65 -17.17 -4.47
C GLY B 34 2.64 -18.13 -3.83
N LEU B 35 3.93 -18.08 -4.27
CA LEU B 35 5.03 -18.90 -3.75
C LEU B 35 5.50 -18.41 -2.37
N ALA B 36 5.39 -17.09 -2.12
CA ALA B 36 5.72 -16.53 -0.81
C ALA B 36 4.67 -16.96 0.24
N GLU B 37 3.40 -17.22 -0.19
CA GLU B 37 2.34 -17.76 0.66
C GLU B 37 2.64 -19.26 0.96
N VAL B 38 3.28 -19.97 0.02
CA VAL B 38 3.72 -21.33 0.26
C VAL B 38 4.89 -21.26 1.26
N GLY B 39 5.79 -20.29 1.09
CA GLY B 39 6.91 -20.05 1.99
C GLY B 39 6.43 -19.81 3.40
N LYS B 40 5.35 -19.01 3.55
CA LYS B 40 4.73 -18.74 4.84
C LYS B 40 4.15 -20.05 5.46
N LYS B 41 3.55 -20.93 4.64
CA LYS B 41 3.03 -22.21 5.16
C LYS B 41 4.17 -23.11 5.66
N PHE B 42 5.36 -22.99 5.04
CA PHE B 42 6.57 -23.72 5.41
C PHE B 42 7.08 -23.18 6.72
N GLU B 43 7.15 -21.83 6.83
CA GLU B 43 7.59 -21.09 8.03
C GLU B 43 6.73 -21.44 9.24
N LYS B 44 5.42 -21.63 9.01
CA LYS B 44 4.48 -21.97 10.09
C LYS B 44 4.79 -23.35 10.66
N ASP B 45 5.17 -24.31 9.79
CA ASP B 45 5.46 -25.71 10.16
C ASP B 45 6.88 -26.02 10.55
N THR B 46 7.83 -25.18 10.20
CA THR B 46 9.24 -25.43 10.50
C THR B 46 9.90 -24.40 11.37
N GLY B 47 9.36 -23.19 11.39
CA GLY B 47 9.96 -22.06 12.09
C GLY B 47 11.10 -21.42 11.31
N ILE B 48 11.22 -21.74 10.00
CA ILE B 48 12.26 -21.20 9.13
C ILE B 48 11.66 -20.09 8.30
N LYS B 49 12.18 -18.86 8.40
CA LYS B 49 11.65 -17.76 7.59
C LYS B 49 11.98 -18.01 6.12
N VAL B 50 11.06 -17.63 5.20
CA VAL B 50 11.30 -17.87 3.77
C VAL B 50 11.17 -16.57 2.95
N THR B 51 12.27 -16.17 2.28
CA THR B 51 12.27 -14.95 1.46
C THR B 51 12.32 -15.22 -0.04
N VAL B 52 11.22 -14.88 -0.74
CA VAL B 52 11.04 -15.00 -2.20
C VAL B 52 11.31 -13.63 -2.85
N GLU B 53 12.48 -13.50 -3.51
CA GLU B 53 12.90 -12.33 -4.27
C GLU B 53 12.72 -12.57 -5.76
N HIS B 54 12.53 -11.49 -6.51
CA HIS B 54 12.41 -11.61 -7.96
C HIS B 54 13.32 -10.64 -8.64
N PRO B 55 14.63 -10.92 -8.61
CA PRO B 55 15.59 -9.99 -9.21
C PRO B 55 15.36 -9.71 -10.71
N ASP B 56 16.19 -8.83 -11.28
CA ASP B 56 16.09 -8.49 -12.68
C ASP B 56 17.22 -9.19 -13.45
N LYS B 57 16.91 -9.72 -14.67
CA LYS B 57 17.90 -10.48 -15.47
C LYS B 57 18.46 -11.69 -14.68
N LEU B 58 17.58 -12.29 -13.87
CA LEU B 58 17.77 -13.41 -13.00
C LEU B 58 18.56 -14.58 -13.63
N GLU B 59 18.24 -14.93 -14.89
CA GLU B 59 18.92 -16.04 -15.59
C GLU B 59 20.42 -15.75 -15.92
N GLU B 60 20.86 -14.52 -15.62
CA GLU B 60 22.20 -14.01 -15.81
C GLU B 60 22.79 -13.64 -14.44
N LYS B 61 21.98 -13.07 -13.52
CA LYS B 61 22.45 -12.71 -12.19
C LYS B 61 22.81 -13.96 -11.39
N PHE B 62 22.00 -15.02 -11.52
CA PHE B 62 22.26 -16.27 -10.81
C PHE B 62 23.65 -16.85 -11.12
N PRO B 63 24.02 -17.18 -12.38
CA PRO B 63 25.32 -17.81 -12.62
C PRO B 63 26.56 -17.00 -12.21
N GLN B 64 26.42 -15.66 -12.18
CA GLN B 64 27.52 -14.78 -11.80
C GLN B 64 27.79 -14.92 -10.29
N VAL B 65 26.75 -14.78 -9.45
CA VAL B 65 26.83 -14.88 -7.99
C VAL B 65 27.00 -16.33 -7.52
N ALA B 66 26.49 -17.31 -8.30
CA ALA B 66 26.62 -18.72 -7.94
C ALA B 66 28.07 -19.16 -8.04
N ALA B 67 28.81 -18.67 -9.07
CA ALA B 67 30.21 -19.01 -9.27
C ALA B 67 31.12 -18.52 -8.14
N THR B 68 30.68 -17.51 -7.37
CA THR B 68 31.47 -17.03 -6.23
C THR B 68 31.04 -17.68 -4.89
N GLY B 69 30.15 -18.68 -4.95
CA GLY B 69 29.64 -19.39 -3.78
C GLY B 69 28.54 -18.67 -3.03
N ASP B 70 27.90 -17.65 -3.66
CA ASP B 70 26.83 -16.86 -3.04
C ASP B 70 25.54 -16.85 -3.89
N GLY B 71 24.45 -16.26 -3.40
CA GLY B 71 23.19 -16.19 -4.15
C GLY B 71 22.01 -16.86 -3.49
N PRO B 72 20.97 -17.25 -4.27
CA PRO B 72 19.79 -17.88 -3.68
C PRO B 72 19.95 -19.38 -3.43
N ASP B 73 19.23 -19.93 -2.45
CA ASP B 73 19.23 -21.35 -2.10
C ASP B 73 18.46 -22.17 -3.16
N ILE B 74 17.36 -21.59 -3.69
CA ILE B 74 16.48 -22.23 -4.66
C ILE B 74 16.27 -21.29 -5.85
N ILE B 75 16.61 -21.74 -7.06
CA ILE B 75 16.51 -20.91 -8.25
C ILE B 75 15.45 -21.37 -9.20
N PHE B 76 14.64 -20.42 -9.67
CA PHE B 76 13.55 -20.69 -10.58
C PHE B 76 13.76 -20.10 -11.95
N TRP B 77 13.67 -20.96 -12.99
CA TRP B 77 13.70 -20.60 -14.42
C TRP B 77 13.27 -21.77 -15.30
N ALA B 78 12.87 -21.52 -16.56
CA ALA B 78 12.58 -22.58 -17.53
C ALA B 78 13.88 -23.35 -17.76
N HIS B 79 13.79 -24.70 -17.75
CA HIS B 79 14.88 -25.68 -17.83
C HIS B 79 16.12 -25.38 -18.73
N ASP B 80 15.98 -24.62 -19.84
CA ASP B 80 17.08 -24.42 -20.78
C ASP B 80 18.36 -23.82 -20.15
N ARG B 81 18.22 -22.82 -19.26
CA ARG B 81 19.36 -22.21 -18.56
C ARG B 81 20.07 -23.22 -17.64
N PHE B 82 19.27 -24.12 -17.06
CA PHE B 82 19.66 -25.11 -16.06
C PHE B 82 20.77 -26.05 -16.49
N GLY B 83 20.77 -26.51 -17.74
CA GLY B 83 21.82 -27.36 -18.26
C GLY B 83 23.17 -26.67 -18.26
N GLY B 84 23.18 -25.41 -18.62
CA GLY B 84 24.40 -24.60 -18.58
C GLY B 84 24.89 -24.44 -17.15
N TYR B 85 23.97 -24.17 -16.20
CA TYR B 85 24.26 -24.03 -14.76
C TYR B 85 24.95 -25.27 -14.24
N ALA B 86 24.45 -26.43 -14.64
CA ALA B 86 24.98 -27.72 -14.25
C ALA B 86 26.41 -27.92 -14.76
N GLN B 87 26.69 -27.63 -16.05
CA GLN B 87 28.03 -27.78 -16.62
C GLN B 87 29.06 -26.92 -15.87
N SER B 88 28.74 -25.64 -15.62
CA SER B 88 29.64 -24.74 -14.88
C SER B 88 29.72 -25.01 -13.35
N GLY B 89 29.14 -26.13 -12.92
CA GLY B 89 29.12 -26.58 -11.53
C GLY B 89 28.38 -25.71 -10.54
N LEU B 90 27.28 -25.05 -10.97
CA LEU B 90 26.50 -24.14 -10.10
C LEU B 90 25.28 -24.79 -9.42
N LEU B 91 24.84 -25.97 -9.87
CA LEU B 91 23.70 -26.65 -9.26
C LEU B 91 24.13 -27.88 -8.42
N ALA B 92 23.21 -28.38 -7.57
CA ALA B 92 23.43 -29.57 -6.76
C ALA B 92 22.72 -30.82 -7.39
N GLU B 93 23.17 -32.06 -7.06
CA GLU B 93 22.52 -33.26 -7.63
C GLU B 93 21.22 -33.48 -6.88
N ILE B 94 20.10 -33.09 -7.47
CA ILE B 94 18.81 -33.22 -6.81
C ILE B 94 18.43 -34.70 -6.68
N THR B 95 18.02 -35.10 -5.47
CA THR B 95 17.72 -36.52 -5.21
C THR B 95 16.33 -36.74 -4.66
N PRO B 96 15.31 -36.83 -5.52
CA PRO B 96 13.97 -37.16 -5.01
C PRO B 96 13.89 -38.66 -4.60
N ASP B 97 12.92 -39.42 -5.08
CA ASP B 97 12.73 -40.80 -4.69
C ASP B 97 11.80 -41.43 -5.73
N LYS B 98 11.92 -42.74 -6.03
CA LYS B 98 11.00 -43.42 -6.97
C LYS B 98 9.53 -43.23 -6.54
N ALA B 99 9.28 -42.94 -5.25
CA ALA B 99 7.93 -42.67 -4.76
C ALA B 99 7.46 -41.28 -5.21
N PHE B 100 8.33 -40.25 -5.09
CA PHE B 100 8.03 -38.88 -5.53
C PHE B 100 8.12 -38.71 -7.04
N GLN B 101 9.06 -39.38 -7.68
CA GLN B 101 9.28 -39.28 -9.11
C GLN B 101 8.06 -39.73 -9.89
N ASP B 102 7.47 -40.87 -9.49
CA ASP B 102 6.26 -41.35 -10.15
C ASP B 102 5.04 -40.39 -9.93
N LYS B 103 5.23 -39.27 -9.17
CA LYS B 103 4.22 -38.24 -8.89
C LYS B 103 4.20 -37.10 -9.91
N LEU B 104 5.28 -36.94 -10.67
CA LEU B 104 5.34 -35.94 -11.72
C LEU B 104 5.43 -36.64 -13.08
N TYR B 105 4.92 -35.98 -14.11
CA TYR B 105 4.94 -36.51 -15.47
C TYR B 105 6.37 -36.74 -15.95
N PRO B 106 6.64 -37.93 -16.52
CA PRO B 106 8.00 -38.27 -16.98
C PRO B 106 8.62 -37.24 -17.90
N PHE B 107 7.87 -36.74 -18.90
CA PHE B 107 8.38 -35.75 -19.84
C PHE B 107 8.88 -34.47 -19.17
N THR B 108 8.47 -34.22 -17.91
CA THR B 108 8.94 -33.06 -17.16
C THR B 108 10.31 -33.39 -16.54
N TRP B 109 10.51 -34.63 -16.05
CA TRP B 109 11.79 -35.08 -15.51
C TRP B 109 12.85 -35.13 -16.61
N ASP B 110 12.45 -35.48 -17.86
CA ASP B 110 13.36 -35.52 -19.00
C ASP B 110 13.94 -34.14 -19.26
N ALA B 111 13.10 -33.11 -19.18
CA ALA B 111 13.51 -31.72 -19.38
C ALA B 111 14.56 -31.26 -18.37
N VAL B 112 14.53 -31.80 -17.14
CA VAL B 112 15.49 -31.46 -16.09
C VAL B 112 16.61 -32.53 -15.87
N ARG B 113 16.79 -33.41 -16.86
CA ARG B 113 17.81 -34.45 -16.84
C ARG B 113 18.99 -33.93 -17.67
N TYR B 114 20.14 -33.66 -17.05
CA TYR B 114 21.30 -33.16 -17.79
C TYR B 114 22.50 -34.09 -17.60
N ASN B 115 23.02 -34.64 -18.72
CA ASN B 115 24.15 -35.56 -18.76
C ASN B 115 24.01 -36.72 -17.72
N GLY B 116 22.85 -37.36 -17.71
CA GLY B 116 22.59 -38.49 -16.83
C GLY B 116 21.99 -38.16 -15.48
N LYS B 117 22.34 -36.99 -14.91
CA LYS B 117 21.84 -36.57 -13.59
C LYS B 117 20.75 -35.50 -13.62
N LEU B 118 19.72 -35.67 -12.75
CA LEU B 118 18.63 -34.71 -12.53
C LEU B 118 19.22 -33.52 -11.73
N ILE B 119 19.10 -32.30 -12.27
CA ILE B 119 19.69 -31.09 -11.67
C ILE B 119 18.66 -30.07 -11.13
N ALA B 120 17.37 -30.30 -11.44
CA ALA B 120 16.27 -29.44 -11.08
C ALA B 120 14.95 -30.26 -10.88
N TYR B 121 13.89 -29.61 -10.38
CA TYR B 121 12.59 -30.17 -10.17
C TYR B 121 11.65 -29.56 -11.22
N PRO B 122 10.93 -30.39 -11.98
CA PRO B 122 9.99 -29.85 -12.96
C PRO B 122 8.81 -29.27 -12.21
N ILE B 123 8.40 -28.04 -12.54
CA ILE B 123 7.29 -27.37 -11.87
C ILE B 123 6.09 -27.34 -12.79
N ALA B 124 6.21 -26.72 -13.99
CA ALA B 124 5.08 -26.63 -14.94
C ALA B 124 5.53 -26.47 -16.40
N VAL B 125 4.74 -26.97 -17.33
CA VAL B 125 5.04 -26.86 -18.75
C VAL B 125 4.36 -25.66 -19.32
N GLU B 126 5.12 -24.62 -19.61
CA GLU B 126 4.54 -23.39 -20.15
C GLU B 126 4.68 -23.34 -21.66
N ALA B 127 3.67 -22.81 -22.34
CA ALA B 127 3.71 -22.68 -23.79
C ALA B 127 2.98 -21.39 -24.23
N LEU B 128 3.52 -20.68 -25.24
CA LEU B 128 2.85 -19.50 -25.75
C LEU B 128 1.62 -19.94 -26.52
N SER B 129 0.61 -19.07 -26.53
CA SER B 129 -0.70 -19.34 -27.11
C SER B 129 -1.30 -18.01 -27.59
N LEU B 130 -2.18 -18.05 -28.59
CA LEU B 130 -2.78 -16.82 -29.09
C LEU B 130 -3.98 -16.47 -28.24
N ILE B 131 -4.07 -15.20 -27.79
CA ILE B 131 -5.18 -14.73 -26.97
C ILE B 131 -5.92 -13.61 -27.72
N TYR B 132 -7.25 -13.72 -27.82
CA TYR B 132 -8.04 -12.74 -28.54
C TYR B 132 -9.19 -12.19 -27.71
N ASN B 133 -9.60 -10.94 -28.00
CA ASN B 133 -10.68 -10.23 -27.35
C ASN B 133 -12.00 -10.68 -28.04
N LYS B 134 -12.77 -11.56 -27.40
CA LYS B 134 -13.98 -12.15 -27.99
C LYS B 134 -15.04 -11.13 -28.46
N ASP B 135 -14.95 -9.88 -28.01
CA ASP B 135 -15.88 -8.81 -28.36
C ASP B 135 -15.41 -8.09 -29.61
N LEU B 136 -14.10 -7.88 -29.74
CA LEU B 136 -13.50 -7.20 -30.89
C LEU B 136 -13.33 -8.17 -32.09
N LEU B 137 -12.95 -9.39 -31.77
CA LEU B 137 -12.67 -10.44 -32.74
C LEU B 137 -13.40 -11.70 -32.26
N PRO B 138 -14.69 -11.82 -32.55
CA PRO B 138 -15.44 -13.00 -32.09
C PRO B 138 -14.83 -14.33 -32.52
N ASN B 139 -14.20 -14.34 -33.71
CA ASN B 139 -13.54 -15.50 -34.32
C ASN B 139 -12.07 -15.24 -34.61
N PRO B 140 -11.17 -15.98 -33.95
CA PRO B 140 -9.72 -15.78 -34.15
C PRO B 140 -9.20 -16.30 -35.50
N PRO B 141 -8.03 -15.80 -35.95
CA PRO B 141 -7.47 -16.24 -37.25
C PRO B 141 -6.80 -17.59 -37.25
N LYS B 142 -7.19 -18.44 -38.19
CA LYS B 142 -6.56 -19.73 -38.37
C LYS B 142 -5.10 -19.55 -38.87
N THR B 143 -4.86 -18.47 -39.69
CA THR B 143 -3.55 -18.18 -40.29
C THR B 143 -2.94 -16.79 -39.94
N TRP B 144 -1.61 -16.67 -40.04
CA TRP B 144 -0.86 -15.44 -39.77
C TRP B 144 -1.12 -14.43 -40.86
N GLU B 145 -1.17 -14.91 -42.12
CA GLU B 145 -1.32 -14.11 -43.33
C GLU B 145 -2.63 -13.32 -43.39
N GLU B 146 -3.67 -13.79 -42.68
CA GLU B 146 -4.91 -13.04 -42.65
C GLU B 146 -4.85 -11.88 -41.64
N ILE B 147 -3.91 -11.93 -40.66
CA ILE B 147 -3.78 -10.90 -39.64
C ILE B 147 -3.45 -9.51 -40.24
N PRO B 148 -2.53 -9.34 -41.22
CA PRO B 148 -2.32 -7.99 -41.78
C PRO B 148 -3.59 -7.44 -42.42
N ALA B 149 -4.35 -8.30 -43.13
CA ALA B 149 -5.61 -7.91 -43.80
C ALA B 149 -6.75 -7.61 -42.78
N LEU B 150 -6.68 -8.23 -41.60
CA LEU B 150 -7.63 -8.03 -40.50
C LEU B 150 -7.27 -6.76 -39.69
N ASP B 151 -5.99 -6.35 -39.70
CA ASP B 151 -5.57 -5.16 -38.99
C ASP B 151 -6.18 -3.92 -39.64
N LYS B 152 -6.15 -3.87 -41.00
CA LYS B 152 -6.68 -2.77 -41.81
C LYS B 152 -8.14 -2.39 -41.45
N GLU B 153 -8.93 -3.35 -40.97
CA GLU B 153 -10.31 -3.05 -40.59
C GLU B 153 -10.33 -2.42 -39.20
N LEU B 154 -9.66 -3.04 -38.22
CA LEU B 154 -9.61 -2.59 -36.83
C LEU B 154 -9.01 -1.21 -36.59
N LYS B 155 -8.10 -0.76 -37.49
CA LYS B 155 -7.44 0.55 -37.37
C LYS B 155 -8.46 1.67 -37.58
N ALA B 156 -9.30 1.52 -38.63
CA ALA B 156 -10.37 2.46 -38.92
C ALA B 156 -11.58 2.06 -38.06
N LYS B 157 -11.36 2.01 -36.74
CA LYS B 157 -12.32 1.68 -35.68
C LYS B 157 -11.82 2.12 -34.28
N GLY B 158 -10.52 2.45 -34.16
CA GLY B 158 -9.92 2.89 -32.91
C GLY B 158 -9.07 1.85 -32.22
N LYS B 159 -8.81 0.69 -32.88
CA LYS B 159 -8.05 -0.39 -32.26
C LYS B 159 -6.99 -1.07 -33.17
N SER B 160 -6.01 -1.78 -32.58
CA SER B 160 -4.97 -2.56 -33.28
C SER B 160 -5.41 -4.05 -33.34
N ALA B 161 -4.84 -4.83 -34.28
CA ALA B 161 -5.20 -6.24 -34.42
C ALA B 161 -4.47 -7.17 -33.49
N LEU B 162 -3.15 -7.01 -33.33
CA LEU B 162 -2.30 -7.91 -32.57
C LEU B 162 -1.12 -7.16 -32.00
N MET B 163 -0.76 -7.45 -30.75
CA MET B 163 0.36 -6.86 -30.04
C MET B 163 1.03 -7.83 -29.05
N PHE B 164 2.30 -8.19 -29.31
CA PHE B 164 3.06 -9.00 -28.38
C PHE B 164 4.49 -8.51 -28.23
N ASN B 165 5.15 -8.88 -27.11
CA ASN B 165 6.54 -8.54 -26.75
C ASN B 165 7.51 -8.86 -27.89
N LEU B 166 7.99 -7.83 -28.55
CA LEU B 166 8.92 -8.01 -29.67
C LEU B 166 10.40 -7.86 -29.27
N GLN B 167 10.68 -7.57 -27.97
CA GLN B 167 12.03 -7.42 -27.47
C GLN B 167 12.70 -8.75 -27.19
N GLU B 168 11.92 -9.74 -26.74
CA GLU B 168 12.39 -11.09 -26.45
C GLU B 168 12.15 -12.08 -27.63
N PRO B 169 13.14 -12.90 -27.95
CA PRO B 169 12.97 -13.83 -29.07
C PRO B 169 11.99 -14.98 -28.79
N TYR B 170 11.82 -15.39 -27.52
CA TYR B 170 10.92 -16.47 -27.07
C TYR B 170 9.52 -16.33 -27.67
N PHE B 171 9.04 -15.06 -27.75
CA PHE B 171 7.73 -14.65 -28.23
C PHE B 171 7.59 -14.72 -29.71
N THR B 172 8.66 -14.33 -30.40
CA THR B 172 8.78 -14.26 -31.85
C THR B 172 9.17 -15.61 -32.51
N TRP B 173 9.84 -16.49 -31.75
CA TRP B 173 10.36 -17.78 -32.21
C TRP B 173 9.33 -18.76 -32.87
N PRO B 174 8.02 -18.87 -32.48
CA PRO B 174 7.15 -19.84 -33.16
C PRO B 174 6.92 -19.51 -34.62
N LEU B 175 6.92 -18.21 -34.96
CA LEU B 175 6.78 -17.71 -36.33
C LEU B 175 8.08 -18.02 -37.12
N ILE B 176 9.25 -17.87 -36.48
CA ILE B 176 10.53 -18.15 -37.10
C ILE B 176 10.62 -19.65 -37.40
N ALA B 177 10.25 -20.46 -36.42
CA ALA B 177 10.26 -21.91 -36.56
C ALA B 177 9.12 -22.51 -37.40
N ALA B 178 8.06 -21.75 -37.69
CA ALA B 178 6.90 -22.27 -38.42
C ALA B 178 7.23 -23.00 -39.73
N ASP B 179 8.00 -22.37 -40.65
CA ASP B 179 8.36 -22.96 -41.95
C ASP B 179 9.43 -24.05 -41.79
N GLY B 180 10.56 -23.71 -41.19
CA GLY B 180 11.62 -24.68 -40.96
C GLY B 180 12.78 -24.17 -40.14
N GLY B 181 12.50 -23.29 -39.18
CA GLY B 181 13.53 -22.76 -38.30
C GLY B 181 13.75 -23.67 -37.11
N TYR B 182 14.98 -23.74 -36.60
CA TYR B 182 15.31 -24.58 -35.44
C TYR B 182 16.65 -24.19 -34.82
N ALA B 183 16.87 -24.58 -33.57
CA ALA B 183 18.16 -24.32 -32.93
C ALA B 183 19.05 -25.58 -33.06
N PHE B 184 18.67 -26.74 -32.47
CA PHE B 184 19.49 -27.96 -32.50
C PHE B 184 18.66 -29.26 -32.79
N LYS B 185 19.26 -30.22 -33.52
CA LYS B 185 18.60 -31.48 -33.86
C LYS B 185 18.86 -32.62 -32.84
N TYR B 186 18.00 -33.65 -32.77
CA TYR B 186 18.20 -34.78 -31.85
C TYR B 186 18.97 -35.98 -32.51
N GLU B 187 20.28 -35.81 -32.73
CA GLU B 187 21.11 -36.83 -33.35
C GLU B 187 21.74 -37.77 -32.34
N ASN B 188 21.20 -38.99 -32.24
CA ASN B 188 21.67 -40.09 -31.40
C ASN B 188 21.59 -39.81 -29.89
N GLY B 189 20.40 -39.49 -29.39
CA GLY B 189 20.18 -39.27 -27.96
C GLY B 189 20.72 -37.99 -27.35
N LYS B 190 21.36 -37.15 -28.17
CA LYS B 190 21.91 -35.86 -27.72
C LYS B 190 21.52 -34.72 -28.67
N TYR B 191 21.47 -33.48 -28.16
CA TYR B 191 21.11 -32.32 -29.00
C TYR B 191 22.32 -31.77 -29.73
N ASP B 192 22.49 -32.17 -30.99
CA ASP B 192 23.60 -31.84 -31.89
C ASP B 192 23.90 -30.35 -32.00
N ILE B 193 25.07 -29.95 -31.47
CA ILE B 193 25.55 -28.56 -31.48
C ILE B 193 26.34 -28.18 -32.75
N LYS B 194 26.35 -29.05 -33.77
CA LYS B 194 27.06 -28.84 -35.03
C LYS B 194 26.12 -28.55 -36.21
N ASP B 195 24.89 -28.12 -35.92
CA ASP B 195 23.84 -27.85 -36.92
C ASP B 195 22.78 -26.88 -36.35
N VAL B 196 22.71 -25.67 -36.92
CA VAL B 196 21.78 -24.63 -36.48
C VAL B 196 20.99 -24.12 -37.71
N GLY B 197 19.69 -23.93 -37.55
CA GLY B 197 18.83 -23.50 -38.65
C GLY B 197 18.31 -22.08 -38.55
N VAL B 198 18.98 -21.22 -37.77
CA VAL B 198 18.56 -19.83 -37.64
C VAL B 198 18.84 -18.97 -38.89
N ASP B 199 19.56 -19.50 -39.89
CA ASP B 199 19.89 -18.80 -41.14
C ASP B 199 19.48 -19.69 -42.35
N ASN B 200 18.32 -20.30 -42.26
CA ASN B 200 17.82 -21.16 -43.32
C ASN B 200 16.56 -20.58 -43.97
N ALA B 201 16.02 -21.25 -44.99
CA ALA B 201 14.85 -20.75 -45.70
C ALA B 201 13.67 -20.36 -44.80
N GLY B 202 13.29 -21.22 -43.85
CA GLY B 202 12.17 -21.01 -42.93
C GLY B 202 12.33 -19.92 -41.90
N ALA B 203 13.56 -19.71 -41.46
CA ALA B 203 13.87 -18.65 -40.53
C ALA B 203 13.70 -17.31 -41.24
N LYS B 204 14.12 -17.21 -42.50
CA LYS B 204 14.02 -16.00 -43.31
C LYS B 204 12.57 -15.79 -43.75
N ALA B 205 11.85 -16.88 -44.09
CA ALA B 205 10.44 -16.79 -44.48
C ALA B 205 9.61 -16.30 -43.29
N GLY B 206 9.90 -16.83 -42.11
CA GLY B 206 9.23 -16.40 -40.90
C GLY B 206 9.59 -14.99 -40.53
N LEU B 207 10.89 -14.69 -40.35
CA LEU B 207 11.30 -13.35 -39.93
C LEU B 207 10.92 -12.25 -40.91
N THR B 208 10.89 -12.53 -42.22
CA THR B 208 10.49 -11.52 -43.20
C THR B 208 9.06 -11.07 -42.94
N PHE B 209 8.15 -12.02 -42.62
CA PHE B 209 6.77 -11.73 -42.27
C PHE B 209 6.68 -10.82 -41.05
N LEU B 210 7.49 -11.08 -40.03
CA LEU B 210 7.52 -10.26 -38.83
C LEU B 210 7.98 -8.84 -39.16
N VAL B 211 8.97 -8.71 -40.04
CA VAL B 211 9.49 -7.41 -40.46
C VAL B 211 8.46 -6.66 -41.34
N ASP B 212 7.62 -7.38 -42.10
CA ASP B 212 6.52 -6.86 -42.94
C ASP B 212 5.39 -6.28 -42.08
N LEU B 213 5.14 -6.88 -40.93
CA LEU B 213 4.11 -6.39 -40.01
C LEU B 213 4.53 -5.01 -39.44
N ILE B 214 5.84 -4.80 -39.24
CA ILE B 214 6.40 -3.54 -38.76
C ILE B 214 6.50 -2.53 -39.90
N LYS B 215 6.87 -3.01 -41.10
CA LYS B 215 6.98 -2.20 -42.29
C LYS B 215 5.63 -1.62 -42.65
N ASN B 216 4.59 -2.46 -42.61
CA ASN B 216 3.23 -2.05 -42.96
C ASN B 216 2.44 -1.50 -41.78
N LYS B 217 3.12 -0.87 -40.81
CA LYS B 217 2.48 -0.22 -39.66
C LYS B 217 1.45 -1.05 -38.88
N HIS B 218 1.43 -2.36 -39.12
CA HIS B 218 0.52 -3.25 -38.43
C HIS B 218 0.95 -3.56 -36.97
N MET B 219 2.21 -3.21 -36.61
CA MET B 219 2.80 -3.44 -35.31
C MET B 219 4.06 -2.59 -35.15
N ASN B 220 4.18 -1.88 -34.01
CA ASN B 220 5.37 -1.07 -33.74
C ASN B 220 6.52 -1.97 -33.26
N ALA B 221 7.74 -1.70 -33.75
CA ALA B 221 8.92 -2.47 -33.35
C ALA B 221 9.30 -2.25 -31.89
N ASP B 222 9.03 -1.05 -31.37
CA ASP B 222 9.37 -0.65 -30.02
C ASP B 222 8.59 -1.35 -28.89
N THR B 223 7.63 -2.23 -29.23
CA THR B 223 6.78 -2.90 -28.24
C THR B 223 7.48 -3.91 -27.31
N ASP B 224 7.45 -3.64 -26.00
CA ASP B 224 8.02 -4.57 -25.02
C ASP B 224 6.90 -5.51 -24.47
N TYR B 225 7.09 -6.13 -23.28
CA TYR B 225 6.07 -6.99 -22.71
C TYR B 225 4.97 -6.16 -22.07
N SER B 226 5.35 -5.08 -21.34
CA SER B 226 4.42 -4.22 -20.60
C SER B 226 3.51 -3.46 -21.51
N ILE B 227 4.07 -2.96 -22.63
CA ILE B 227 3.31 -2.20 -23.61
C ILE B 227 2.28 -3.11 -24.28
N ALA B 228 2.70 -4.31 -24.69
CA ALA B 228 1.82 -5.29 -25.34
C ALA B 228 0.72 -5.85 -24.45
N GLU B 229 1.00 -6.02 -23.14
CA GLU B 229 0.03 -6.53 -22.18
C GLU B 229 -1.01 -5.45 -21.88
N ALA B 230 -0.51 -4.21 -21.60
CA ALA B 230 -1.38 -3.08 -21.27
C ALA B 230 -2.35 -2.82 -22.40
N ALA B 231 -1.88 -2.84 -23.66
CA ALA B 231 -2.77 -2.62 -24.80
C ALA B 231 -3.89 -3.63 -24.87
N PHE B 232 -3.58 -4.93 -24.65
CA PHE B 232 -4.63 -5.94 -24.69
C PHE B 232 -5.60 -5.77 -23.56
N ASN B 233 -5.11 -5.57 -22.31
CA ASN B 233 -5.94 -5.37 -21.13
C ASN B 233 -6.74 -4.03 -21.14
N LYS B 234 -6.21 -3.04 -21.87
CA LYS B 234 -6.83 -1.72 -22.06
C LYS B 234 -7.75 -1.69 -23.29
N GLY B 235 -8.11 -2.86 -23.84
CA GLY B 235 -8.98 -3.03 -24.99
C GLY B 235 -8.50 -2.45 -26.30
N GLU B 236 -7.32 -1.80 -26.30
CA GLU B 236 -6.76 -1.11 -27.47
C GLU B 236 -6.32 -2.04 -28.61
N THR B 237 -5.92 -3.27 -28.29
CA THR B 237 -5.56 -4.27 -29.28
C THR B 237 -6.42 -5.52 -29.09
N ALA B 238 -6.77 -6.16 -30.22
CA ALA B 238 -7.64 -7.34 -30.23
C ALA B 238 -6.91 -8.66 -29.99
N MET B 239 -5.58 -8.68 -30.10
CA MET B 239 -4.79 -9.91 -29.90
C MET B 239 -3.45 -9.64 -29.25
N THR B 240 -2.87 -10.71 -28.71
CA THR B 240 -1.58 -10.81 -28.07
C THR B 240 -1.15 -12.29 -28.19
N ILE B 241 0.10 -12.56 -27.87
CA ILE B 241 0.64 -13.91 -27.82
C ILE B 241 1.32 -13.97 -26.44
N ASN B 242 0.95 -14.97 -25.61
CA ASN B 242 1.47 -15.03 -24.25
C ASN B 242 1.22 -16.32 -23.51
N GLY B 243 1.98 -16.51 -22.43
CA GLY B 243 1.89 -17.69 -21.59
C GLY B 243 0.87 -17.56 -20.49
N PRO B 244 0.59 -18.67 -19.77
CA PRO B 244 -0.44 -18.65 -18.72
C PRO B 244 -0.24 -17.60 -17.64
N TRP B 245 1.00 -17.23 -17.33
CA TRP B 245 1.30 -16.18 -16.35
C TRP B 245 0.49 -14.89 -16.55
N ALA B 246 0.23 -14.54 -17.80
CA ALA B 246 -0.47 -13.33 -18.16
C ALA B 246 -2.01 -13.39 -18.04
N TRP B 247 -2.57 -14.56 -17.71
CA TRP B 247 -4.02 -14.74 -17.57
C TRP B 247 -4.60 -14.14 -16.30
N SER B 248 -3.77 -13.66 -15.36
CA SER B 248 -4.31 -13.07 -14.13
C SER B 248 -4.55 -11.59 -14.31
N ASN B 249 -3.63 -10.90 -14.98
CA ASN B 249 -3.84 -9.50 -15.30
C ASN B 249 -4.97 -9.34 -16.32
N ILE B 250 -5.18 -10.34 -17.20
CA ILE B 250 -6.30 -10.34 -18.15
C ILE B 250 -7.64 -10.67 -17.44
N ASP B 251 -7.58 -11.48 -16.37
CA ASP B 251 -8.77 -11.78 -15.59
C ASP B 251 -9.19 -10.55 -14.79
N THR B 252 -8.20 -9.85 -14.19
CA THR B 252 -8.51 -8.64 -13.43
C THR B 252 -9.04 -7.53 -14.33
N SER B 253 -8.54 -7.43 -15.57
CA SER B 253 -9.01 -6.42 -16.52
C SER B 253 -10.48 -6.60 -16.97
N LYS B 254 -11.09 -7.76 -16.63
CA LYS B 254 -12.48 -8.10 -16.96
C LYS B 254 -12.74 -8.15 -18.48
N VAL B 255 -11.69 -8.31 -19.29
CA VAL B 255 -11.81 -8.40 -20.74
C VAL B 255 -12.37 -9.78 -21.08
N ASN B 256 -13.36 -9.85 -22.00
CA ASN B 256 -13.86 -11.16 -22.43
C ASN B 256 -12.88 -11.71 -23.47
N TYR B 257 -12.01 -12.62 -23.06
CA TYR B 257 -10.97 -13.17 -23.92
C TYR B 257 -11.12 -14.70 -24.15
N GLY B 258 -10.30 -15.23 -25.06
CA GLY B 258 -10.22 -16.65 -25.35
C GLY B 258 -8.76 -17.04 -25.57
N VAL B 259 -8.36 -18.23 -25.11
CA VAL B 259 -7.00 -18.69 -25.34
C VAL B 259 -7.07 -19.76 -26.40
N THR B 260 -6.43 -19.53 -27.54
CA THR B 260 -6.52 -20.43 -28.69
C THR B 260 -5.14 -20.80 -29.27
N VAL B 261 -5.11 -21.76 -30.22
CA VAL B 261 -3.91 -22.18 -30.94
C VAL B 261 -3.30 -21.00 -31.69
N LEU B 262 -2.01 -21.06 -31.95
CA LEU B 262 -1.33 -19.99 -32.65
C LEU B 262 -1.61 -20.04 -34.17
N PRO B 263 -1.76 -18.88 -34.83
CA PRO B 263 -2.05 -18.88 -36.27
C PRO B 263 -0.97 -19.59 -37.10
N THR B 264 -1.36 -20.33 -38.15
CA THR B 264 -0.38 -21.02 -39.01
C THR B 264 0.32 -20.08 -39.98
N PHE B 265 1.54 -20.41 -40.32
CA PHE B 265 2.32 -19.62 -41.25
C PHE B 265 2.62 -20.49 -42.44
N LYS B 266 2.13 -20.09 -43.62
CA LYS B 266 2.23 -20.85 -44.87
C LYS B 266 1.55 -22.23 -44.74
N GLY B 267 0.49 -22.28 -43.94
CA GLY B 267 -0.28 -23.50 -43.73
C GLY B 267 0.37 -24.53 -42.84
N GLN B 268 1.30 -24.11 -42.00
CA GLN B 268 1.96 -25.00 -41.05
C GLN B 268 1.97 -24.34 -39.68
N PRO B 269 1.66 -25.11 -38.63
CA PRO B 269 1.59 -24.53 -37.28
C PRO B 269 2.78 -23.65 -36.87
N SER B 270 2.57 -22.75 -35.92
CA SER B 270 3.66 -21.96 -35.36
C SER B 270 4.28 -22.92 -34.33
N LYS B 271 5.61 -23.09 -34.31
CA LYS B 271 6.24 -24.05 -33.40
C LYS B 271 6.89 -23.34 -32.18
N PRO B 272 6.11 -23.08 -31.09
CA PRO B 272 6.70 -22.43 -29.91
C PRO B 272 7.74 -23.22 -29.12
N PHE B 273 8.86 -22.55 -28.75
CA PHE B 273 9.89 -23.13 -27.92
C PHE B 273 9.39 -23.23 -26.45
N VAL B 274 8.93 -24.42 -26.07
CA VAL B 274 8.36 -24.77 -24.78
C VAL B 274 9.38 -24.78 -23.63
N GLY B 275 8.99 -24.24 -22.49
CA GLY B 275 9.79 -24.24 -21.28
C GLY B 275 9.09 -24.96 -20.14
N VAL B 276 9.84 -25.69 -19.32
CA VAL B 276 9.31 -26.42 -18.16
C VAL B 276 9.90 -25.71 -16.99
N LEU B 277 9.11 -24.80 -16.37
CA LEU B 277 9.54 -24.02 -15.18
C LEU B 277 10.18 -24.97 -14.16
N SER B 278 11.46 -24.78 -13.87
CA SER B 278 12.20 -25.68 -13.02
C SER B 278 12.69 -25.04 -11.75
N ALA B 279 12.93 -25.87 -10.74
CA ALA B 279 13.44 -25.42 -9.46
C ALA B 279 14.72 -26.18 -9.14
N GLY B 280 15.85 -25.50 -9.11
CA GLY B 280 17.13 -26.13 -8.83
C GLY B 280 17.71 -25.64 -7.54
N ILE B 281 18.56 -26.47 -6.91
CA ILE B 281 19.22 -26.11 -5.64
C ILE B 281 20.61 -25.66 -5.98
N ASN B 282 20.96 -24.44 -5.56
CA ASN B 282 22.28 -23.86 -5.75
C ASN B 282 23.30 -24.72 -5.00
N ALA B 283 24.31 -25.24 -5.69
CA ALA B 283 25.31 -26.10 -5.07
C ALA B 283 26.01 -25.44 -3.87
N ALA B 284 26.17 -24.11 -3.96
CA ALA B 284 26.82 -23.33 -2.91
C ALA B 284 26.02 -23.20 -1.60
N SER B 285 24.74 -23.67 -1.58
CA SER B 285 23.88 -23.52 -0.40
C SER B 285 24.10 -24.56 0.69
N PRO B 286 23.99 -24.12 1.96
CA PRO B 286 24.12 -25.05 3.07
C PRO B 286 22.74 -25.39 3.63
N ASN B 287 21.67 -25.35 2.79
CA ASN B 287 20.31 -25.64 3.24
C ASN B 287 19.57 -26.53 2.22
N LYS B 288 20.30 -27.47 1.59
CA LYS B 288 19.70 -28.36 0.58
C LYS B 288 18.66 -29.29 1.17
N GLU B 289 18.84 -29.67 2.44
CA GLU B 289 17.97 -30.52 3.27
C GLU B 289 16.61 -29.86 3.37
N LEU B 290 16.60 -28.57 3.74
CA LEU B 290 15.40 -27.78 3.88
C LEU B 290 14.79 -27.45 2.53
N ALA B 291 15.63 -27.21 1.52
CA ALA B 291 15.15 -26.92 0.16
C ALA B 291 14.44 -28.12 -0.43
N LYS B 292 14.89 -29.34 -0.09
CA LYS B 292 14.30 -30.61 -0.50
C LYS B 292 12.90 -30.72 0.08
N GLU B 293 12.75 -30.39 1.36
CA GLU B 293 11.48 -30.36 2.08
C GLU B 293 10.54 -29.29 1.45
N PHE B 294 11.02 -28.03 1.26
CA PHE B 294 10.19 -27.00 0.65
C PHE B 294 9.70 -27.35 -0.74
N LEU B 295 10.54 -27.98 -1.57
CA LEU B 295 10.16 -28.27 -2.94
C LEU B 295 9.29 -29.49 -3.09
N GLU B 296 9.77 -30.67 -2.72
CA GLU B 296 8.98 -31.88 -2.91
C GLU B 296 7.88 -32.09 -1.87
N ASN B 297 8.00 -31.44 -0.69
CA ASN B 297 7.03 -31.62 0.37
C ASN B 297 5.97 -30.52 0.47
N TYR B 298 6.36 -29.25 0.32
CA TYR B 298 5.40 -28.15 0.41
C TYR B 298 4.92 -27.59 -0.91
N LEU B 299 5.85 -27.36 -1.85
CA LEU B 299 5.51 -26.76 -3.13
C LEU B 299 4.84 -27.73 -4.10
N LEU B 300 5.45 -28.89 -4.35
CA LEU B 300 4.92 -29.84 -5.31
C LEU B 300 3.81 -30.72 -4.73
N THR B 301 2.71 -30.07 -4.33
CA THR B 301 1.50 -30.65 -3.77
C THR B 301 0.29 -29.89 -4.30
N ASP B 302 -0.87 -30.55 -4.42
CA ASP B 302 -2.16 -29.98 -4.87
C ASP B 302 -2.45 -28.60 -4.28
N GLU B 303 -2.10 -28.40 -3.01
CA GLU B 303 -2.36 -27.15 -2.31
C GLU B 303 -1.28 -26.09 -2.60
N GLY B 304 -0.02 -26.51 -2.58
CA GLY B 304 1.11 -25.62 -2.83
C GLY B 304 1.12 -25.06 -4.23
N LEU B 305 0.69 -25.87 -5.20
CA LEU B 305 0.65 -25.45 -6.58
C LEU B 305 -0.56 -24.58 -6.78
N GLU B 306 -1.74 -24.98 -6.27
CA GLU B 306 -2.94 -24.16 -6.42
C GLU B 306 -2.76 -22.76 -5.86
N ALA B 307 -1.95 -22.62 -4.78
CA ALA B 307 -1.64 -21.33 -4.19
C ALA B 307 -0.78 -20.48 -5.15
N VAL B 308 0.28 -21.07 -5.76
CA VAL B 308 1.10 -20.32 -6.73
C VAL B 308 0.26 -20.00 -7.95
N ASN B 309 -0.42 -21.01 -8.49
CA ASN B 309 -1.28 -20.92 -9.65
C ASN B 309 -2.44 -19.92 -9.47
N LYS B 310 -2.85 -19.65 -8.21
CA LYS B 310 -3.91 -18.68 -7.96
C LYS B 310 -3.43 -17.28 -8.29
N ASP B 311 -2.19 -16.96 -7.85
CA ASP B 311 -1.60 -15.67 -8.13
C ASP B 311 -1.43 -15.46 -9.66
N LYS B 312 -0.60 -16.29 -10.30
CA LYS B 312 -0.41 -16.28 -11.76
C LYS B 312 -0.43 -17.74 -12.23
N PRO B 313 -1.19 -18.06 -13.27
CA PRO B 313 -1.30 -19.45 -13.74
C PRO B 313 -0.01 -20.10 -14.23
N LEU B 314 0.37 -21.23 -13.63
CA LEU B 314 1.59 -21.96 -13.92
C LEU B 314 1.68 -22.57 -15.32
N GLY B 315 0.56 -23.02 -15.82
CA GLY B 315 0.51 -23.69 -17.10
C GLY B 315 0.01 -25.09 -16.86
N ALA B 316 0.66 -26.10 -17.41
CA ALA B 316 0.29 -27.48 -17.19
C ALA B 316 1.31 -28.02 -16.19
N VAL B 317 1.00 -27.91 -14.90
CA VAL B 317 1.89 -28.34 -13.82
C VAL B 317 2.36 -29.79 -13.97
N ALA B 318 3.57 -30.09 -13.47
CA ALA B 318 4.17 -31.41 -13.55
C ALA B 318 3.44 -32.43 -12.70
N LEU B 319 2.93 -31.99 -11.56
CA LEU B 319 2.27 -32.86 -10.62
C LEU B 319 1.03 -33.50 -11.20
N LYS B 320 1.01 -34.83 -11.35
CA LYS B 320 -0.16 -35.52 -11.91
C LYS B 320 -1.48 -35.13 -11.22
N SER B 321 -1.64 -35.48 -9.92
CA SER B 321 -2.82 -35.18 -9.09
C SER B 321 -3.46 -33.83 -9.36
N TYR B 322 -2.71 -32.72 -9.20
CA TYR B 322 -3.29 -31.40 -9.45
C TYR B 322 -3.63 -31.21 -10.95
N GLU B 323 -2.66 -31.47 -11.85
CA GLU B 323 -2.82 -31.31 -13.29
C GLU B 323 -4.09 -31.92 -13.85
N GLU B 324 -4.55 -33.05 -13.30
CA GLU B 324 -5.75 -33.75 -13.79
C GLU B 324 -7.01 -32.88 -13.78
N GLU B 325 -7.03 -31.84 -12.92
CA GLU B 325 -8.12 -30.87 -12.80
C GLU B 325 -7.86 -29.70 -13.74
N LEU B 326 -6.63 -29.20 -13.75
CA LEU B 326 -6.21 -28.10 -14.62
C LEU B 326 -6.41 -28.40 -16.06
N ALA B 327 -6.19 -29.67 -16.46
CA ALA B 327 -6.35 -30.21 -17.80
C ALA B 327 -7.73 -29.89 -18.40
N LYS B 328 -8.79 -29.88 -17.56
CA LYS B 328 -10.16 -29.60 -18.00
C LYS B 328 -10.43 -28.10 -18.36
N ASP B 329 -9.42 -27.24 -18.22
CA ASP B 329 -9.55 -25.82 -18.52
C ASP B 329 -9.29 -25.67 -19.99
N PRO B 330 -10.19 -25.06 -20.76
CA PRO B 330 -9.93 -24.90 -22.20
C PRO B 330 -8.71 -24.05 -22.53
N ARG B 331 -8.25 -23.22 -21.58
CA ARG B 331 -7.04 -22.43 -21.74
C ARG B 331 -5.82 -23.37 -21.72
N ILE B 332 -5.84 -24.40 -20.88
CA ILE B 332 -4.85 -25.45 -20.72
C ILE B 332 -4.89 -26.48 -21.87
N ALA B 333 -6.05 -26.66 -22.48
CA ALA B 333 -6.20 -27.50 -23.66
C ALA B 333 -5.48 -26.76 -24.84
N ALA B 334 -5.65 -25.43 -24.92
CA ALA B 334 -5.03 -24.55 -25.92
C ALA B 334 -3.55 -24.45 -25.68
N THR B 335 -3.13 -24.33 -24.40
CA THR B 335 -1.74 -24.29 -24.04
C THR B 335 -1.10 -25.61 -24.41
N MET B 336 -1.70 -26.74 -23.99
CA MET B 336 -1.13 -28.04 -24.30
C MET B 336 -1.12 -28.35 -25.77
N GLU B 337 -2.06 -27.81 -26.55
CA GLU B 337 -2.04 -28.04 -27.99
C GLU B 337 -0.88 -27.31 -28.63
N ASN B 338 -0.63 -26.07 -28.20
CA ASN B 338 0.50 -25.28 -28.69
C ASN B 338 1.84 -25.90 -28.24
N ALA B 339 1.87 -26.51 -27.03
CA ALA B 339 3.03 -27.20 -26.51
C ALA B 339 3.38 -28.38 -27.41
N GLN B 340 2.39 -29.22 -27.79
CA GLN B 340 2.57 -30.37 -28.68
C GLN B 340 2.90 -29.96 -30.14
N LYS B 341 2.35 -28.82 -30.59
CA LYS B 341 2.60 -28.30 -31.93
C LYS B 341 3.98 -27.62 -32.07
N GLY B 342 4.59 -27.24 -30.94
CA GLY B 342 5.91 -26.65 -30.91
C GLY B 342 6.96 -27.65 -30.49
N GLU B 343 8.01 -27.18 -29.80
CA GLU B 343 9.07 -28.08 -29.33
C GLU B 343 9.70 -27.66 -27.99
N ILE B 344 10.11 -28.65 -27.20
CA ILE B 344 10.73 -28.40 -25.89
C ILE B 344 12.19 -28.00 -26.03
N MET B 345 12.56 -26.88 -25.40
CA MET B 345 13.90 -26.32 -25.49
C MET B 345 15.04 -27.26 -25.08
N PRO B 346 16.10 -27.33 -25.89
CA PRO B 346 17.28 -28.11 -25.49
C PRO B 346 17.91 -27.47 -24.23
N ASN B 347 18.43 -28.27 -23.29
CA ASN B 347 19.01 -27.70 -22.09
C ASN B 347 20.54 -27.68 -22.14
N ILE B 348 21.16 -27.64 -23.35
CA ILE B 348 22.62 -27.58 -23.50
C ILE B 348 23.19 -26.21 -23.07
N PRO B 349 24.53 -26.11 -22.83
CA PRO B 349 25.09 -24.84 -22.32
C PRO B 349 25.10 -23.69 -23.31
N GLN B 350 25.16 -24.02 -24.59
CA GLN B 350 25.16 -23.01 -25.65
C GLN B 350 23.74 -22.50 -25.97
N MET B 351 22.69 -22.95 -25.24
CA MET B 351 21.35 -22.39 -25.41
C MET B 351 21.36 -20.92 -25.01
N SER B 352 22.15 -20.56 -23.97
CA SER B 352 22.41 -19.21 -23.51
C SER B 352 22.89 -18.35 -24.69
N ALA B 353 23.79 -18.90 -25.50
CA ALA B 353 24.37 -18.26 -26.67
C ALA B 353 23.35 -18.13 -27.77
N PHE B 354 22.51 -19.16 -27.99
CA PHE B 354 21.48 -19.12 -29.02
C PHE B 354 20.50 -18.04 -28.73
N TRP B 355 20.03 -17.96 -27.47
CA TRP B 355 19.04 -16.97 -27.11
C TRP B 355 19.59 -15.57 -27.23
N TYR B 356 20.87 -15.37 -26.90
CA TYR B 356 21.50 -14.07 -27.06
C TYR B 356 21.68 -13.75 -28.54
N ALA B 357 22.06 -14.74 -29.33
CA ALA B 357 22.31 -14.59 -30.76
C ALA B 357 21.06 -14.25 -31.53
N VAL B 358 19.95 -14.93 -31.22
CA VAL B 358 18.69 -14.71 -31.90
C VAL B 358 17.98 -13.47 -31.36
N ARG B 359 18.10 -13.18 -30.04
CA ARG B 359 17.49 -11.99 -29.42
C ARG B 359 17.95 -10.73 -30.12
N THR B 360 19.26 -10.62 -30.37
CA THR B 360 19.94 -9.51 -31.04
C THR B 360 19.52 -9.39 -32.52
N ALA B 361 19.54 -10.50 -33.27
CA ALA B 361 19.17 -10.55 -34.67
C ALA B 361 17.68 -10.30 -34.91
N VAL B 362 16.82 -10.57 -33.93
CA VAL B 362 15.38 -10.31 -34.07
C VAL B 362 15.20 -8.79 -33.93
N ILE B 363 15.75 -8.21 -32.88
CA ILE B 363 15.72 -6.78 -32.65
C ILE B 363 16.36 -6.00 -33.81
N ASN B 364 17.50 -6.47 -34.36
CA ASN B 364 18.17 -5.77 -35.47
C ASN B 364 17.34 -5.71 -36.75
N ALA B 365 16.76 -6.83 -37.20
CA ALA B 365 15.94 -6.83 -38.40
C ALA B 365 14.65 -6.04 -38.19
N ALA B 366 14.06 -6.15 -36.98
CA ALA B 366 12.86 -5.40 -36.61
C ALA B 366 13.12 -3.89 -36.59
N SER B 367 14.37 -3.48 -36.29
CA SER B 367 14.83 -2.09 -36.22
C SER B 367 15.29 -1.52 -37.58
N GLY B 368 15.48 -2.37 -38.58
CA GLY B 368 15.91 -1.94 -39.91
C GLY B 368 17.41 -1.85 -40.11
N ARG B 369 18.19 -2.10 -39.03
CA ARG B 369 19.64 -2.05 -39.03
C ARG B 369 20.25 -2.99 -40.06
N GLN B 370 19.69 -4.21 -40.18
CA GLN B 370 20.19 -5.22 -41.11
C GLN B 370 19.04 -5.85 -41.91
N THR B 371 19.38 -6.40 -43.10
CA THR B 371 18.46 -7.17 -43.96
C THR B 371 18.05 -8.43 -43.14
N VAL B 372 16.87 -9.05 -43.39
CA VAL B 372 16.49 -10.28 -42.68
C VAL B 372 17.65 -11.34 -42.74
N ASP B 373 18.11 -11.65 -43.97
CA ASP B 373 19.20 -12.60 -44.26
C ASP B 373 20.53 -12.17 -43.67
N GLU B 374 20.78 -10.86 -43.64
CA GLU B 374 21.99 -10.23 -43.12
C GLU B 374 22.03 -10.30 -41.59
N ALA B 375 20.87 -10.16 -40.93
CA ALA B 375 20.78 -10.20 -39.47
C ALA B 375 20.92 -11.64 -38.97
N LEU B 376 20.20 -12.58 -39.61
CA LEU B 376 20.31 -14.00 -39.29
C LEU B 376 21.68 -14.53 -39.63
N LYS B 377 22.42 -13.89 -40.58
CA LYS B 377 23.76 -14.31 -40.98
C LYS B 377 24.69 -14.32 -39.79
N ASP B 378 24.60 -13.26 -38.94
CA ASP B 378 25.40 -13.13 -37.71
C ASP B 378 25.01 -14.15 -36.66
N ALA B 379 23.71 -14.49 -36.60
CA ALA B 379 23.18 -15.48 -35.67
C ALA B 379 23.66 -16.92 -36.04
N GLN B 380 23.92 -17.16 -37.33
CA GLN B 380 24.41 -18.45 -37.79
C GLN B 380 25.93 -18.49 -37.63
N THR B 381 26.63 -17.40 -38.03
CA THR B 381 28.08 -17.22 -37.98
C THR B 381 28.66 -17.34 -36.57
N GLY B 382 27.83 -17.12 -35.54
CA GLY B 382 28.21 -17.26 -34.15
C GLY B 382 28.13 -18.72 -33.73
N SER B 383 27.06 -19.40 -34.14
CA SER B 383 26.90 -20.82 -33.87
C SER B 383 27.94 -21.63 -34.64
N GLU B 384 28.24 -21.20 -35.87
CA GLU B 384 29.23 -21.77 -36.75
C GLU B 384 30.62 -21.58 -36.15
N LEU B 385 30.87 -20.44 -35.48
CA LEU B 385 32.15 -20.18 -34.84
C LEU B 385 32.37 -21.10 -33.64
N TYR B 386 31.34 -21.31 -32.78
CA TYR B 386 31.49 -22.25 -31.65
C TYR B 386 31.80 -23.66 -32.17
N ARG B 387 31.09 -24.07 -33.23
CA ARG B 387 31.25 -25.37 -33.89
C ARG B 387 32.71 -25.58 -34.33
N GLN B 388 33.29 -24.61 -35.10
CA GLN B 388 34.66 -24.67 -35.60
C GLN B 388 35.67 -24.71 -34.47
N SER B 389 35.55 -23.78 -33.54
CA SER B 389 36.46 -23.68 -32.41
C SER B 389 36.46 -24.93 -31.55
N LEU B 390 35.26 -25.47 -31.25
CA LEU B 390 35.12 -26.68 -30.45
C LEU B 390 35.72 -27.87 -31.15
N GLU B 391 35.55 -27.94 -32.49
CA GLU B 391 36.12 -29.01 -33.29
C GLU B 391 37.64 -29.06 -33.16
N ILE B 392 38.31 -27.92 -33.23
CA ILE B 392 39.76 -27.82 -33.06
C ILE B 392 40.26 -28.16 -31.62
N ILE B 393 39.70 -27.52 -30.58
CA ILE B 393 40.14 -27.69 -29.20
C ILE B 393 39.84 -29.05 -28.65
N SER B 394 38.58 -29.49 -28.83
CA SER B 394 38.13 -30.83 -28.41
C SER B 394 39.02 -31.91 -29.05
N ARG B 395 39.35 -31.75 -30.35
CA ARG B 395 40.22 -32.68 -31.04
C ARG B 395 41.60 -32.67 -30.44
N TYR B 396 42.22 -31.50 -30.30
CA TYR B 396 43.57 -31.42 -29.72
C TYR B 396 43.69 -32.05 -28.31
N LEU B 397 42.70 -31.77 -27.44
CA LEU B 397 42.66 -32.27 -26.06
C LEU B 397 42.43 -33.76 -26.04
N ARG B 398 41.36 -34.22 -26.71
CA ARG B 398 41.04 -35.65 -26.78
C ARG B 398 42.20 -36.47 -27.30
N GLU B 399 42.92 -35.98 -28.36
CA GLU B 399 44.09 -36.65 -28.97
C GLU B 399 45.33 -36.60 -28.09
N GLN B 400 45.50 -35.51 -27.29
CA GLN B 400 46.69 -35.43 -26.40
C GLN B 400 46.61 -36.54 -25.35
N ALA B 401 45.40 -36.76 -24.82
CA ALA B 401 45.17 -37.80 -23.85
C ALA B 401 45.27 -39.23 -24.40
N THR B 402 44.75 -39.51 -25.62
CA THR B 402 44.78 -40.88 -26.15
C THR B 402 46.04 -41.27 -26.93
N GLY B 403 46.69 -40.30 -27.54
CA GLY B 403 47.85 -40.56 -28.37
C GLY B 403 47.52 -40.64 -29.85
N ALA B 404 46.24 -40.94 -30.17
CA ALA B 404 45.74 -41.09 -31.53
C ALA B 404 44.77 -39.97 -31.94
N ALA B 405 44.76 -39.64 -33.23
CA ALA B 405 43.94 -38.57 -33.81
C ALA B 405 42.50 -38.98 -34.09
N ASP B 406 41.59 -37.98 -34.18
CA ASP B 406 40.21 -38.30 -34.54
C ASP B 406 40.03 -38.31 -36.05
N THR B 407 39.73 -39.49 -36.55
CA THR B 407 39.62 -39.76 -37.98
C THR B 407 38.36 -39.21 -38.64
N ALA B 408 37.39 -38.74 -37.85
CA ALA B 408 36.10 -38.26 -38.34
C ALA B 408 36.12 -36.89 -39.08
N PRO B 409 35.16 -36.67 -39.97
CA PRO B 409 35.11 -35.39 -40.72
C PRO B 409 34.93 -34.09 -39.92
N MET B 410 35.61 -33.02 -40.35
CA MET B 410 35.59 -31.69 -39.72
C MET B 410 34.32 -30.86 -39.99
N GLY B 411 33.80 -30.96 -41.20
CA GLY B 411 32.62 -30.19 -41.58
C GLY B 411 32.96 -28.90 -42.30
N ALA B 412 32.10 -27.85 -42.08
CA ALA B 412 32.25 -26.53 -42.69
C ALA B 412 33.64 -25.94 -42.38
N SER B 413 34.26 -25.31 -43.39
CA SER B 413 35.62 -24.77 -43.34
C SER B 413 36.62 -25.81 -42.79
N GLY B 414 36.60 -27.01 -43.41
CA GLY B 414 37.42 -28.16 -43.05
C GLY B 414 38.91 -27.90 -43.02
N ALA B 415 39.45 -27.34 -44.11
CA ALA B 415 40.87 -27.02 -44.28
C ALA B 415 41.41 -26.09 -43.20
N THR B 416 40.63 -25.07 -42.83
CA THR B 416 41.03 -24.14 -41.79
C THR B 416 41.11 -24.84 -40.43
N SER B 417 40.23 -25.86 -40.20
CA SER B 417 40.25 -26.66 -38.98
C SER B 417 41.45 -27.61 -38.96
N ARG B 418 41.76 -28.22 -40.10
CA ARG B 418 42.90 -29.12 -40.26
C ARG B 418 44.22 -28.38 -40.00
N LYS B 419 44.35 -27.18 -40.59
CA LYS B 419 45.55 -26.38 -40.41
C LYS B 419 45.60 -25.88 -38.99
N ALA B 420 44.45 -25.43 -38.43
CA ALA B 420 44.45 -24.95 -37.05
C ALA B 420 44.87 -26.01 -36.06
N LEU B 421 44.46 -27.25 -36.30
CA LEU B 421 44.85 -28.34 -35.42
C LEU B 421 46.37 -28.60 -35.49
N GLU B 422 46.96 -28.53 -36.71
CA GLU B 422 48.40 -28.70 -36.96
C GLU B 422 49.21 -27.57 -36.33
N THR B 423 48.66 -26.35 -36.26
CA THR B 423 49.34 -25.24 -35.61
C THR B 423 49.37 -25.55 -34.10
N LEU B 424 48.22 -25.82 -33.47
CA LEU B 424 48.13 -26.19 -32.06
C LEU B 424 49.00 -27.39 -31.72
N ARG B 425 49.21 -28.31 -32.67
CA ARG B 425 50.04 -29.47 -32.44
C ARG B 425 51.47 -29.02 -32.30
N ARG B 426 51.95 -28.15 -33.20
CA ARG B 426 53.33 -27.68 -33.17
C ARG B 426 53.58 -26.64 -32.03
N VAL B 427 52.74 -25.62 -31.96
CA VAL B 427 52.80 -24.52 -31.00
C VAL B 427 52.37 -24.95 -29.61
N GLY B 428 51.36 -25.81 -29.56
CA GLY B 428 50.79 -26.31 -28.33
C GLY B 428 51.71 -27.27 -27.62
N ASP B 429 52.03 -28.38 -28.27
CA ASP B 429 52.98 -29.34 -27.68
C ASP B 429 54.37 -28.65 -27.34
N GLY B 430 54.63 -27.50 -27.95
CA GLY B 430 55.81 -26.71 -27.67
C GLY B 430 55.66 -25.97 -26.36
N VAL B 431 54.54 -25.20 -26.16
CA VAL B 431 54.27 -24.45 -24.93
C VAL B 431 54.31 -25.35 -23.69
N GLN B 432 53.62 -26.50 -23.75
CA GLN B 432 53.60 -27.46 -22.65
C GLN B 432 54.98 -27.97 -22.34
N ARG B 433 55.80 -28.18 -23.39
CA ARG B 433 57.15 -28.70 -23.29
C ARG B 433 58.07 -27.73 -22.58
N ASN B 434 58.31 -26.52 -23.16
CA ASN B 434 59.19 -25.55 -22.52
C ASN B 434 58.52 -24.71 -21.46
N HIS B 435 57.54 -25.30 -20.78
CA HIS B 435 56.81 -24.80 -19.61
C HIS B 435 56.33 -25.99 -18.72
N GLU B 436 56.95 -27.17 -18.85
CA GLU B 436 56.50 -28.36 -18.15
C GLU B 436 56.61 -28.25 -16.64
N THR B 437 57.67 -27.62 -16.14
CA THR B 437 57.85 -27.46 -14.69
C THR B 437 56.65 -26.75 -14.07
N ALA B 438 56.32 -25.54 -14.58
CA ALA B 438 55.22 -24.66 -14.15
C ALA B 438 53.86 -25.29 -14.34
N PHE B 439 53.66 -25.96 -15.48
CA PHE B 439 52.40 -26.64 -15.75
C PHE B 439 52.19 -27.77 -14.75
N GLN B 440 53.27 -28.45 -14.35
CA GLN B 440 53.22 -29.51 -13.36
C GLN B 440 52.97 -28.97 -11.95
N GLY B 441 53.58 -27.84 -11.64
CA GLY B 441 53.43 -27.16 -10.36
C GLY B 441 51.99 -26.85 -9.99
N MET B 442 51.27 -26.12 -10.87
CA MET B 442 49.86 -25.83 -10.61
C MET B 442 48.93 -27.01 -10.86
N LEU B 443 49.45 -28.12 -11.40
CA LEU B 443 48.65 -29.30 -11.63
C LEU B 443 48.48 -29.95 -10.27
N ARG B 444 49.60 -30.21 -9.54
CA ARG B 444 49.50 -30.81 -8.21
C ARG B 444 48.79 -29.90 -7.20
N LYS B 445 49.04 -28.59 -7.29
CA LYS B 445 48.43 -27.55 -6.46
C LYS B 445 46.90 -27.65 -6.53
N LEU B 446 46.34 -28.07 -7.69
CA LEU B 446 44.89 -28.17 -7.84
C LEU B 446 44.30 -29.51 -7.42
N ASP B 447 45.14 -30.57 -7.29
CA ASP B 447 44.72 -31.92 -6.90
C ASP B 447 43.44 -32.38 -7.60
N ILE B 448 43.48 -32.50 -8.92
CA ILE B 448 42.31 -32.89 -9.69
C ILE B 448 42.07 -34.38 -9.57
N LYS B 449 40.93 -34.75 -8.96
CA LYS B 449 40.57 -36.14 -8.71
C LYS B 449 39.14 -36.44 -9.10
N ASN B 450 38.24 -35.47 -8.88
CA ASN B 450 36.80 -35.64 -9.14
C ASN B 450 36.26 -34.70 -10.23
N GLU B 451 34.97 -34.87 -10.61
CA GLU B 451 34.30 -34.02 -11.60
C GLU B 451 34.20 -32.59 -11.08
N ASP B 452 33.97 -32.42 -9.78
CA ASP B 452 33.92 -31.12 -9.11
C ASP B 452 35.27 -30.39 -9.25
N ASP B 453 36.40 -31.14 -9.28
CA ASP B 453 37.73 -30.56 -9.40
C ASP B 453 37.93 -30.00 -10.79
N VAL B 454 37.54 -30.76 -11.81
CA VAL B 454 37.64 -30.29 -13.20
C VAL B 454 36.72 -29.09 -13.41
N LYS B 455 35.48 -29.15 -12.88
CA LYS B 455 34.50 -28.07 -13.03
C LYS B 455 34.99 -26.77 -12.38
N SER B 456 35.67 -26.89 -11.23
CA SER B 456 36.21 -25.74 -10.55
C SER B 456 37.36 -25.18 -11.36
N LEU B 457 38.25 -26.06 -11.84
CA LEU B 457 39.43 -25.76 -12.68
C LEU B 457 39.00 -24.92 -13.88
N SER B 458 37.93 -25.35 -14.59
CA SER B 458 37.40 -24.63 -15.73
C SER B 458 36.98 -23.24 -15.29
N ARG B 459 36.10 -23.13 -14.27
CA ARG B 459 35.62 -21.86 -13.71
C ARG B 459 36.77 -20.88 -13.41
N VAL B 460 37.91 -21.43 -12.98
CA VAL B 460 39.09 -20.64 -12.67
C VAL B 460 39.77 -20.12 -13.95
N MET B 461 40.35 -21.01 -14.79
CA MET B 461 41.04 -20.60 -16.01
C MET B 461 40.17 -19.87 -17.00
N ILE B 462 38.87 -20.16 -17.01
CA ILE B 462 37.89 -19.50 -17.86
C ILE B 462 37.92 -17.99 -17.66
N HIS B 463 38.16 -17.53 -16.42
CA HIS B 463 38.21 -16.10 -16.18
C HIS B 463 39.65 -15.63 -15.79
N VAL B 464 40.65 -16.55 -15.68
CA VAL B 464 42.07 -16.17 -15.49
C VAL B 464 42.51 -15.51 -16.81
N PHE B 465 42.21 -16.20 -17.93
CA PHE B 465 42.46 -15.78 -19.28
C PHE B 465 41.60 -14.53 -19.60
N SER B 466 40.35 -14.51 -19.14
CA SER B 466 39.45 -13.39 -19.40
C SER B 466 39.92 -12.11 -18.78
N ASP B 467 40.38 -12.16 -17.52
CA ASP B 467 40.88 -10.95 -16.87
C ASP B 467 42.30 -10.58 -17.29
N GLY B 468 42.71 -11.06 -18.46
CA GLY B 468 43.99 -10.76 -19.09
C GLY B 468 43.80 -10.35 -20.54
N VAL B 469 44.84 -9.78 -21.15
CA VAL B 469 44.78 -9.33 -22.55
C VAL B 469 44.53 -10.50 -23.52
N THR B 470 43.89 -10.21 -24.65
CA THR B 470 43.61 -11.25 -25.63
C THR B 470 44.45 -11.10 -26.90
N ASN B 471 45.32 -12.09 -27.09
CA ASN B 471 46.26 -12.28 -28.19
C ASN B 471 46.26 -13.77 -28.52
N TRP B 472 46.84 -14.15 -29.66
CA TRP B 472 46.93 -15.57 -30.01
C TRP B 472 47.83 -16.38 -29.04
N GLY B 473 48.87 -15.75 -28.52
CA GLY B 473 49.81 -16.38 -27.60
C GLY B 473 49.17 -16.97 -26.37
N ARG B 474 48.40 -16.15 -25.62
CA ARG B 474 47.66 -16.57 -24.43
C ARG B 474 46.47 -17.46 -24.77
N ILE B 475 45.96 -17.38 -26.02
CA ILE B 475 44.90 -18.28 -26.49
C ILE B 475 45.51 -19.67 -26.54
N VAL B 476 46.71 -19.81 -27.14
CA VAL B 476 47.40 -21.10 -27.19
C VAL B 476 47.67 -21.60 -25.79
N THR B 477 48.28 -20.78 -24.94
CA THR B 477 48.60 -21.14 -23.55
C THR B 477 47.38 -21.69 -22.80
N LEU B 478 46.20 -21.14 -23.07
CA LEU B 478 44.98 -21.58 -22.40
C LEU B 478 44.63 -23.00 -22.83
N ILE B 479 44.72 -23.25 -24.14
CA ILE B 479 44.47 -24.52 -24.80
C ILE B 479 45.53 -25.56 -24.43
N SER B 480 46.79 -25.12 -24.22
CA SER B 480 47.94 -25.95 -23.83
C SER B 480 47.85 -26.36 -22.37
N PHE B 481 47.28 -25.51 -21.47
CA PHE B 481 47.10 -25.97 -20.09
C PHE B 481 46.00 -27.06 -20.07
N GLY B 482 44.97 -26.88 -20.88
CA GLY B 482 43.90 -27.85 -21.05
C GLY B 482 44.42 -29.12 -21.69
N ALA B 483 45.36 -28.98 -22.63
CA ALA B 483 45.97 -30.11 -23.27
C ALA B 483 46.76 -30.92 -22.23
N PHE B 484 47.49 -30.23 -21.34
CA PHE B 484 48.26 -30.83 -20.26
C PHE B 484 47.30 -31.58 -19.30
N VAL B 485 46.27 -30.88 -18.78
CA VAL B 485 45.30 -31.43 -17.86
C VAL B 485 44.59 -32.62 -18.42
N ALA B 486 44.13 -32.56 -19.69
CA ALA B 486 43.46 -33.70 -20.32
C ALA B 486 44.35 -34.95 -20.35
N LYS B 487 45.69 -34.77 -20.44
CA LYS B 487 46.60 -35.90 -20.41
C LYS B 487 46.52 -36.57 -19.04
N HIS B 488 46.59 -35.77 -17.96
CA HIS B 488 46.48 -36.22 -16.59
C HIS B 488 45.14 -36.91 -16.27
N LEU B 489 44.03 -36.51 -16.93
CA LEU B 489 42.72 -37.12 -16.69
C LEU B 489 42.64 -38.58 -17.14
N LYS B 490 43.18 -38.94 -18.33
CA LYS B 490 43.21 -40.35 -18.77
C LYS B 490 44.16 -41.20 -17.86
N THR B 491 45.14 -40.54 -17.23
CA THR B 491 46.08 -41.17 -16.31
C THR B 491 45.36 -41.50 -14.98
N ILE B 492 44.37 -40.66 -14.57
CA ILE B 492 43.58 -40.85 -13.35
C ILE B 492 42.11 -41.26 -13.62
N ASN B 493 41.84 -41.78 -14.83
CA ASN B 493 40.53 -42.25 -15.29
C ASN B 493 39.35 -41.27 -15.04
N GLN B 494 39.43 -40.07 -15.63
CA GLN B 494 38.37 -39.05 -15.61
C GLN B 494 38.12 -38.50 -17.03
N GLU B 495 38.38 -39.32 -18.05
CA GLU B 495 38.25 -39.02 -19.47
C GLU B 495 36.87 -38.46 -19.86
N SER B 496 35.85 -38.66 -19.02
CA SER B 496 34.51 -38.12 -19.27
C SER B 496 34.59 -36.58 -19.27
N CYS B 497 35.30 -36.02 -18.27
CA CYS B 497 35.50 -34.58 -18.05
C CYS B 497 36.32 -33.88 -19.15
N ILE B 498 36.93 -34.63 -20.07
CA ILE B 498 37.76 -34.04 -21.12
C ILE B 498 36.95 -33.21 -22.09
N GLU B 499 35.89 -33.74 -22.70
CA GLU B 499 35.07 -32.96 -23.62
C GLU B 499 34.45 -31.68 -22.97
N PRO B 500 33.80 -31.76 -21.78
CA PRO B 500 33.27 -30.53 -21.16
C PRO B 500 34.36 -29.52 -20.78
N LEU B 501 35.62 -29.97 -20.61
CA LEU B 501 36.71 -29.05 -20.35
C LEU B 501 36.98 -28.24 -21.60
N ALA B 502 37.00 -28.91 -22.77
CA ALA B 502 37.22 -28.22 -24.04
C ALA B 502 36.04 -27.30 -24.37
N GLU B 503 34.80 -27.67 -23.97
CA GLU B 503 33.61 -26.84 -24.21
C GLU B 503 33.68 -25.53 -23.43
N SER B 504 34.19 -25.58 -22.20
CA SER B 504 34.33 -24.38 -21.40
C SER B 504 35.41 -23.46 -21.97
N ILE B 505 36.49 -24.03 -22.54
CA ILE B 505 37.58 -23.32 -23.21
C ILE B 505 37.03 -22.65 -24.49
N THR B 506 36.28 -23.39 -25.30
CA THR B 506 35.67 -22.87 -26.52
C THR B 506 34.68 -21.75 -26.19
N ASP B 507 33.89 -21.94 -25.13
CA ASP B 507 32.89 -21.01 -24.64
C ASP B 507 33.50 -19.64 -24.40
N VAL B 508 34.52 -19.56 -23.50
CA VAL B 508 35.17 -18.31 -23.12
C VAL B 508 35.88 -17.57 -24.24
N LEU B 509 36.07 -18.22 -25.39
CA LEU B 509 36.72 -17.62 -26.50
C LEU B 509 35.68 -17.02 -27.39
N VAL B 510 34.77 -17.85 -27.92
CA VAL B 510 33.72 -17.43 -28.85
C VAL B 510 32.59 -16.59 -28.19
N ARG B 511 32.56 -16.52 -26.85
CA ARG B 511 31.54 -15.73 -26.17
C ARG B 511 32.14 -14.34 -25.89
N THR B 512 33.21 -14.28 -25.09
CA THR B 512 33.84 -13.01 -24.71
C THR B 512 34.66 -12.36 -25.82
N LYS B 513 35.58 -13.11 -26.45
CA LYS B 513 36.47 -12.51 -27.44
C LYS B 513 35.98 -12.68 -28.89
N ARG B 514 34.66 -12.83 -29.10
CA ARG B 514 34.08 -12.98 -30.44
C ARG B 514 34.39 -11.77 -31.34
N ASP B 515 34.31 -10.53 -30.79
CA ASP B 515 34.64 -9.33 -31.57
C ASP B 515 36.10 -9.45 -32.10
N TRP B 516 37.06 -9.75 -31.18
CA TRP B 516 38.49 -9.95 -31.46
C TRP B 516 38.78 -11.09 -32.47
N LEU B 517 38.02 -12.21 -32.39
CA LEU B 517 38.18 -13.34 -33.30
C LEU B 517 37.80 -12.94 -34.71
N VAL B 518 36.66 -12.24 -34.88
CA VAL B 518 36.19 -11.77 -36.20
C VAL B 518 37.24 -10.84 -36.81
N LYS B 519 37.81 -9.94 -35.97
CA LYS B 519 38.88 -8.99 -36.28
C LYS B 519 40.19 -9.65 -36.74
N GLN B 520 40.49 -10.87 -36.27
CA GLN B 520 41.70 -11.59 -36.74
C GLN B 520 41.32 -12.71 -37.75
N ARG B 521 40.16 -12.55 -38.49
CA ARG B 521 39.63 -13.52 -39.49
C ARG B 521 39.27 -14.93 -38.92
N GLY B 522 39.58 -15.19 -37.65
CA GLY B 522 39.26 -16.47 -37.02
C GLY B 522 40.45 -17.41 -36.96
N TRP B 523 40.19 -18.71 -37.10
CA TRP B 523 41.27 -19.69 -37.07
C TRP B 523 42.26 -19.49 -38.22
N ASP B 524 41.79 -18.98 -39.37
CA ASP B 524 42.65 -18.65 -40.51
C ASP B 524 43.78 -17.70 -40.07
N GLY B 525 43.45 -16.74 -39.23
CA GLY B 525 44.43 -15.79 -38.72
C GLY B 525 45.46 -16.46 -37.83
N PHE B 526 45.01 -17.24 -36.86
CA PHE B 526 45.86 -17.99 -35.93
C PHE B 526 46.85 -18.86 -36.69
N VAL B 527 46.40 -19.49 -37.77
CA VAL B 527 47.24 -20.34 -38.60
C VAL B 527 48.43 -19.54 -39.16
N GLU B 528 48.18 -18.45 -39.89
CA GLU B 528 49.24 -17.60 -40.47
C GLU B 528 49.97 -16.70 -39.45
N PHE B 529 49.49 -16.65 -38.20
CA PHE B 529 50.18 -15.90 -37.14
C PHE B 529 51.41 -16.72 -36.71
N PHE B 530 51.28 -18.05 -36.62
CA PHE B 530 52.40 -18.92 -36.25
C PHE B 530 52.93 -19.71 -37.49
N HIS B 531 53.09 -19.02 -38.65
CA HIS B 531 53.61 -19.52 -39.95
C HIS B 531 54.08 -20.99 -39.98
N ILE C 17 -27.79 18.34 6.67
CA ILE C 17 -26.61 18.90 7.34
C ILE C 17 -26.80 19.03 8.89
N GLU C 18 -26.29 18.03 9.63
CA GLU C 18 -26.40 17.88 11.08
C GLU C 18 -25.78 19.02 11.93
N GLU C 19 -26.51 19.43 13.00
CA GLU C 19 -26.08 20.49 13.93
C GLU C 19 -24.96 20.07 14.89
N GLY C 20 -24.15 21.04 15.33
CA GLY C 20 -23.04 20.86 16.26
C GLY C 20 -21.91 19.97 15.79
N LYS C 21 -21.74 19.83 14.45
CA LYS C 21 -20.71 19.00 13.85
C LYS C 21 -20.38 19.57 12.48
N LEU C 22 -19.11 20.03 12.30
CA LEU C 22 -18.64 20.57 11.01
C LEU C 22 -18.22 19.46 10.09
N VAL C 23 -18.44 19.65 8.78
CA VAL C 23 -18.08 18.70 7.73
C VAL C 23 -17.37 19.51 6.64
N ILE C 24 -16.13 19.13 6.27
CA ILE C 24 -15.41 19.89 5.24
C ILE C 24 -15.13 19.03 4.02
N TRP C 25 -15.17 19.65 2.82
CA TRP C 25 -14.83 18.94 1.59
C TRP C 25 -13.63 19.61 0.86
N ILE C 26 -12.42 19.10 1.06
CA ILE C 26 -11.22 19.62 0.38
C ILE C 26 -10.83 18.61 -0.71
N ASN C 27 -10.01 19.02 -1.71
CA ASN C 27 -9.59 18.08 -2.76
C ASN C 27 -8.59 16.99 -2.25
N GLY C 28 -8.58 15.83 -2.92
CA GLY C 28 -7.75 14.69 -2.58
C GLY C 28 -6.26 14.90 -2.72
N ASP C 29 -5.83 15.91 -3.52
CA ASP C 29 -4.40 16.24 -3.69
C ASP C 29 -3.90 17.33 -2.69
N LYS C 30 -4.85 17.95 -1.96
CA LYS C 30 -4.53 18.93 -0.92
C LYS C 30 -4.15 18.16 0.38
N GLY C 31 -3.75 18.90 1.42
CA GLY C 31 -3.39 18.29 2.71
C GLY C 31 -4.57 17.98 3.60
N TYR C 32 -5.38 16.94 3.24
CA TYR C 32 -6.58 16.54 3.99
C TYR C 32 -6.28 15.89 5.34
N ASN C 33 -5.06 15.36 5.52
CA ASN C 33 -4.67 14.79 6.82
C ASN C 33 -4.35 15.97 7.78
N GLY C 34 -3.80 17.07 7.24
CA GLY C 34 -3.44 18.26 7.99
C GLY C 34 -4.65 19.02 8.46
N LEU C 35 -5.71 19.05 7.63
CA LEU C 35 -6.97 19.72 7.97
C LEU C 35 -7.68 18.96 9.09
N ALA C 36 -7.56 17.62 9.13
CA ALA C 36 -8.12 16.75 10.17
C ALA C 36 -7.34 16.86 11.50
N GLU C 37 -6.05 17.25 11.45
CA GLU C 37 -5.22 17.50 12.63
C GLU C 37 -5.47 18.92 13.18
N VAL C 38 -5.97 19.85 12.33
CA VAL C 38 -6.44 21.19 12.72
C VAL C 38 -7.89 21.05 13.29
N GLY C 39 -8.67 20.14 12.72
CA GLY C 39 -10.01 19.80 13.18
C GLY C 39 -9.98 19.21 14.57
N LYS C 40 -8.92 18.42 14.88
CA LYS C 40 -8.64 17.78 16.16
C LYS C 40 -8.33 18.83 17.24
N LYS C 41 -7.62 19.91 16.85
CA LYS C 41 -7.28 21.02 17.74
C LYS C 41 -8.53 21.73 18.22
N PHE C 42 -9.54 21.87 17.35
CA PHE C 42 -10.84 22.50 17.59
C PHE C 42 -11.81 21.55 18.33
N GLU C 43 -11.62 20.22 18.14
CA GLU C 43 -12.39 19.17 18.81
C GLU C 43 -11.91 19.00 20.26
N LYS C 44 -10.62 19.23 20.53
CA LYS C 44 -10.10 19.17 21.90
C LYS C 44 -10.60 20.38 22.72
N ASP C 45 -10.91 21.51 22.06
CA ASP C 45 -11.37 22.72 22.74
C ASP C 45 -12.91 22.80 22.89
N THR C 46 -13.65 23.05 21.79
CA THR C 46 -15.10 23.24 21.78
C THR C 46 -15.97 21.97 21.67
N GLY C 47 -15.34 20.81 21.49
CA GLY C 47 -16.03 19.52 21.44
C GLY C 47 -16.78 19.14 20.18
N ILE C 48 -16.89 20.08 19.22
CA ILE C 48 -17.54 19.90 17.91
C ILE C 48 -16.72 18.88 17.10
N LYS C 49 -17.30 17.69 16.85
CA LYS C 49 -16.60 16.61 16.14
C LYS C 49 -16.39 16.93 14.66
N VAL C 50 -15.14 17.28 14.28
CA VAL C 50 -14.80 17.67 12.91
C VAL C 50 -14.44 16.51 12.03
N THR C 51 -15.18 16.31 10.92
CA THR C 51 -14.82 15.29 9.95
C THR C 51 -14.44 15.96 8.64
N VAL C 52 -13.32 15.50 8.05
CA VAL C 52 -12.75 16.04 6.82
C VAL C 52 -12.83 15.00 5.70
N GLU C 53 -13.69 15.26 4.70
CA GLU C 53 -13.85 14.37 3.56
C GLU C 53 -13.24 14.96 2.28
N HIS C 54 -12.80 14.10 1.39
CA HIS C 54 -12.20 14.49 0.12
C HIS C 54 -12.85 13.63 -0.95
N PRO C 55 -14.10 13.95 -1.31
CA PRO C 55 -14.82 13.12 -2.27
C PRO C 55 -14.34 13.25 -3.72
N ASP C 56 -14.51 12.18 -4.53
CA ASP C 56 -14.02 12.22 -5.92
C ASP C 56 -14.91 13.11 -6.80
N LYS C 57 -14.25 13.93 -7.66
CA LYS C 57 -14.88 14.91 -8.55
C LYS C 57 -15.71 15.95 -7.77
N LEU C 58 -15.16 16.34 -6.63
CA LEU C 58 -15.68 17.28 -5.66
C LEU C 58 -16.31 18.56 -6.25
N GLU C 59 -15.60 19.25 -7.16
CA GLU C 59 -16.02 20.52 -7.75
C GLU C 59 -17.36 20.46 -8.55
N GLU C 60 -17.86 19.24 -8.78
CA GLU C 60 -19.12 18.97 -9.47
C GLU C 60 -20.19 18.50 -8.48
N LYS C 61 -19.77 17.70 -7.48
CA LYS C 61 -20.63 17.12 -6.45
C LYS C 61 -21.12 18.19 -5.51
N PHE C 62 -20.25 19.15 -5.14
CA PHE C 62 -20.67 20.25 -4.26
C PHE C 62 -21.85 21.03 -4.85
N PRO C 63 -21.76 21.56 -6.09
CA PRO C 63 -22.91 22.33 -6.61
C PRO C 63 -24.22 21.55 -6.65
N GLN C 64 -24.20 20.26 -7.07
CA GLN C 64 -25.42 19.47 -7.13
C GLN C 64 -26.04 19.25 -5.72
N VAL C 65 -25.30 18.65 -4.75
CA VAL C 65 -25.81 18.42 -3.40
C VAL C 65 -26.22 19.71 -2.71
N ALA C 66 -25.50 20.84 -2.92
CA ALA C 66 -25.85 22.10 -2.26
C ALA C 66 -27.22 22.59 -2.67
N ALA C 67 -27.57 22.40 -3.95
CA ALA C 67 -28.87 22.79 -4.47
C ALA C 67 -30.03 22.07 -3.76
N THR C 68 -29.79 20.77 -3.37
CA THR C 68 -30.75 19.91 -2.63
C THR C 68 -30.88 20.29 -1.15
N GLY C 69 -29.95 21.10 -0.65
CA GLY C 69 -29.86 21.43 0.77
C GLY C 69 -28.85 20.57 1.50
N ASP C 70 -28.20 19.63 0.78
CA ASP C 70 -27.19 18.71 1.29
C ASP C 70 -25.80 19.39 1.16
N GLY C 71 -24.73 18.66 1.45
CA GLY C 71 -23.38 19.18 1.29
C GLY C 71 -22.61 19.41 2.56
N PRO C 72 -21.34 19.79 2.40
CA PRO C 72 -20.51 20.03 3.57
C PRO C 72 -20.75 21.44 4.14
N ASP C 73 -20.29 21.66 5.36
CA ASP C 73 -20.36 22.94 6.00
C ASP C 73 -19.36 23.85 5.30
N ILE C 74 -18.12 23.40 5.18
CA ILE C 74 -17.07 24.18 4.54
C ILE C 74 -16.58 23.45 3.30
N ILE C 75 -16.57 24.14 2.18
CA ILE C 75 -16.12 23.58 0.90
C ILE C 75 -14.80 24.25 0.51
N PHE C 76 -13.83 23.46 0.09
CA PHE C 76 -12.54 23.97 -0.31
C PHE C 76 -12.34 23.75 -1.78
N TRP C 77 -11.93 24.81 -2.46
CA TRP C 77 -11.65 24.80 -3.89
C TRP C 77 -10.92 26.08 -4.32
N ALA C 78 -10.33 26.08 -5.54
CA ALA C 78 -9.71 27.27 -6.10
C ALA C 78 -10.84 28.27 -6.38
N HIS C 79 -10.60 29.56 -6.13
CA HIS C 79 -11.59 30.62 -6.25
C HIS C 79 -12.42 30.67 -7.53
N ASP C 80 -11.96 30.07 -8.64
CA ASP C 80 -12.67 30.17 -9.91
C ASP C 80 -14.11 29.58 -9.86
N ARG C 81 -14.27 28.40 -9.23
CA ARG C 81 -15.60 27.79 -9.13
C ARG C 81 -16.52 28.47 -8.11
N PHE C 82 -15.99 29.35 -7.25
CA PHE C 82 -16.77 30.04 -6.22
C PHE C 82 -17.78 31.06 -6.76
N GLY C 83 -17.38 31.82 -7.78
CA GLY C 83 -18.27 32.78 -8.42
C GLY C 83 -19.51 32.14 -8.99
N GLY C 84 -19.40 30.88 -9.42
CA GLY C 84 -20.56 30.14 -9.91
C GLY C 84 -21.48 29.76 -8.77
N TYR C 85 -20.91 29.21 -7.67
CA TYR C 85 -21.64 28.76 -6.47
C TYR C 85 -22.36 29.89 -5.79
N ALA C 86 -21.76 31.08 -5.77
CA ALA C 86 -22.35 32.24 -5.09
C ALA C 86 -23.60 32.70 -5.82
N GLN C 87 -23.52 32.75 -7.18
CA GLN C 87 -24.55 33.09 -8.15
C GLN C 87 -25.74 32.10 -8.10
N SER C 88 -25.46 30.83 -7.77
CA SER C 88 -26.50 29.82 -7.60
C SER C 88 -27.16 29.87 -6.18
N GLY C 89 -26.65 30.74 -5.30
CA GLY C 89 -27.11 30.90 -3.92
C GLY C 89 -26.57 29.87 -2.95
N LEU C 90 -25.83 28.85 -3.47
CA LEU C 90 -25.24 27.70 -2.76
C LEU C 90 -24.28 28.09 -1.63
N LEU C 91 -23.69 29.29 -1.73
CA LEU C 91 -22.75 29.78 -0.73
C LEU C 91 -23.41 30.69 0.33
N ALA C 92 -22.64 31.08 1.36
CA ALA C 92 -23.10 31.95 2.43
C ALA C 92 -22.13 33.13 2.56
N GLU C 93 -22.67 34.34 2.71
CA GLU C 93 -21.88 35.56 2.82
C GLU C 93 -21.06 35.53 4.12
N ILE C 94 -19.75 35.75 4.01
CA ILE C 94 -18.89 35.68 5.19
C ILE C 94 -18.81 37.01 5.92
N THR C 95 -18.80 36.91 7.27
CA THR C 95 -18.82 38.01 8.22
C THR C 95 -17.48 38.26 8.96
N PRO C 96 -16.37 38.63 8.25
CA PRO C 96 -15.12 38.92 8.98
C PRO C 96 -15.04 40.40 9.39
N ASP C 97 -14.07 40.73 10.25
CA ASP C 97 -13.88 42.14 10.64
C ASP C 97 -12.64 42.71 9.95
N LYS C 98 -12.59 44.05 9.75
CA LYS C 98 -11.44 44.71 9.09
C LYS C 98 -10.10 44.34 9.75
N ALA C 99 -10.13 43.92 11.03
CA ALA C 99 -8.95 43.49 11.78
C ALA C 99 -8.42 42.16 11.22
N PHE C 100 -9.34 41.19 10.97
CA PHE C 100 -9.00 39.89 10.42
C PHE C 100 -8.66 40.04 8.94
N GLN C 101 -9.44 40.84 8.21
CA GLN C 101 -9.19 41.02 6.79
C GLN C 101 -7.79 41.58 6.50
N ASP C 102 -7.22 42.34 7.44
CA ASP C 102 -5.89 42.90 7.25
C ASP C 102 -4.76 41.95 7.57
N LYS C 103 -5.05 40.79 8.17
CA LYS C 103 -4.02 39.76 8.42
C LYS C 103 -3.63 39.03 7.10
N LEU C 104 -4.42 39.22 6.01
CA LEU C 104 -4.28 38.60 4.70
C LEU C 104 -4.19 39.65 3.60
N TYR C 105 -3.56 39.26 2.48
CA TYR C 105 -3.24 40.06 1.29
C TYR C 105 -4.46 40.71 0.57
N PRO C 106 -4.23 41.75 -0.28
CA PRO C 106 -5.37 42.38 -0.97
C PRO C 106 -5.92 41.49 -2.10
N PHE C 107 -5.05 41.05 -3.04
CA PHE C 107 -5.42 40.20 -4.18
C PHE C 107 -5.97 38.85 -3.77
N THR C 108 -5.68 38.39 -2.55
CA THR C 108 -6.24 37.16 -2.03
C THR C 108 -7.70 37.37 -1.68
N TRP C 109 -8.05 38.55 -1.17
CA TRP C 109 -9.45 38.87 -0.90
C TRP C 109 -10.19 39.22 -2.19
N ASP C 110 -9.51 39.79 -3.19
CA ASP C 110 -10.15 40.13 -4.47
C ASP C 110 -10.65 38.91 -5.23
N ALA C 111 -9.94 37.78 -5.15
CA ALA C 111 -10.35 36.55 -5.82
C ALA C 111 -11.61 35.91 -5.19
N VAL C 112 -11.90 36.21 -3.90
CA VAL C 112 -13.12 35.73 -3.22
C VAL C 112 -14.27 36.80 -3.20
N ARG C 113 -14.03 37.97 -3.84
CA ARG C 113 -15.01 39.05 -3.95
C ARG C 113 -15.87 38.83 -5.21
N TYR C 114 -17.16 38.50 -4.99
CA TYR C 114 -18.16 38.27 -6.04
C TYR C 114 -19.33 39.24 -5.84
N ASN C 115 -19.43 40.19 -6.77
CA ASN C 115 -20.42 41.26 -6.76
C ASN C 115 -20.32 42.07 -5.48
N GLY C 116 -19.09 42.50 -5.19
CA GLY C 116 -18.75 43.37 -4.07
C GLY C 116 -18.98 42.79 -2.70
N LYS C 117 -19.05 41.45 -2.62
CA LYS C 117 -19.22 40.72 -1.37
C LYS C 117 -18.21 39.53 -1.25
N LEU C 118 -17.80 39.20 -0.02
CA LEU C 118 -16.86 38.10 0.20
C LEU C 118 -17.62 36.79 0.47
N ILE C 119 -17.44 35.79 -0.40
CA ILE C 119 -18.14 34.49 -0.32
C ILE C 119 -17.28 33.34 0.26
N ALA C 120 -15.96 33.54 0.32
CA ALA C 120 -15.04 32.52 0.81
C ALA C 120 -13.83 33.11 1.52
N TYR C 121 -13.15 32.31 2.34
CA TYR C 121 -11.94 32.72 3.01
C TYR C 121 -10.74 32.33 2.15
N PRO C 122 -9.87 33.28 1.77
CA PRO C 122 -8.67 32.94 0.97
C PRO C 122 -7.69 32.15 1.82
N ILE C 123 -7.09 31.07 1.28
CA ILE C 123 -6.18 30.25 2.07
C ILE C 123 -4.74 30.32 1.57
N ALA C 124 -4.52 29.95 0.30
CA ALA C 124 -3.18 29.89 -0.28
C ALA C 124 -3.23 30.21 -1.78
N VAL C 125 -2.11 30.66 -2.33
CA VAL C 125 -2.05 31.00 -3.74
C VAL C 125 -1.21 29.97 -4.51
N GLU C 126 -1.89 29.24 -5.38
CA GLU C 126 -1.27 28.18 -6.15
C GLU C 126 -0.98 28.63 -7.54
N ALA C 127 0.12 28.14 -8.08
CA ALA C 127 0.60 28.33 -9.45
C ALA C 127 1.50 27.13 -9.79
N LEU C 128 1.42 26.65 -11.03
CA LEU C 128 2.24 25.51 -11.47
C LEU C 128 3.64 25.98 -11.73
N SER C 129 4.60 25.12 -11.45
CA SER C 129 6.00 25.44 -11.69
C SER C 129 6.70 24.32 -12.51
N LEU C 130 7.94 24.56 -12.94
CA LEU C 130 8.69 23.53 -13.65
C LEU C 130 9.58 22.84 -12.62
N ILE C 131 9.35 21.55 -12.44
CA ILE C 131 10.09 20.76 -11.47
C ILE C 131 11.10 19.88 -12.20
N TYR C 132 12.41 20.17 -12.06
CA TYR C 132 13.44 19.40 -12.76
C TYR C 132 14.25 18.48 -11.83
N ASN C 133 14.76 17.38 -12.38
CA ASN C 133 15.60 16.42 -11.69
C ASN C 133 17.02 16.97 -11.78
N LYS C 134 17.71 17.19 -10.65
CA LYS C 134 19.06 17.71 -10.68
C LYS C 134 20.02 16.69 -11.28
N ASP C 135 19.88 15.43 -10.92
CA ASP C 135 20.77 14.37 -11.37
C ASP C 135 20.74 14.14 -12.90
N LEU C 136 19.61 14.43 -13.56
CA LEU C 136 19.48 14.27 -15.01
C LEU C 136 19.56 15.61 -15.75
N LEU C 137 19.26 16.73 -15.09
CA LEU C 137 19.26 18.08 -15.64
C LEU C 137 19.85 19.08 -14.64
N PRO C 138 21.15 19.40 -14.72
CA PRO C 138 21.74 20.32 -13.74
C PRO C 138 21.24 21.78 -13.87
N ASN C 139 20.80 22.15 -15.08
CA ASN C 139 20.18 23.44 -15.40
C ASN C 139 19.01 23.14 -16.34
N PRO C 140 17.84 23.72 -16.07
CA PRO C 140 16.66 23.37 -16.85
C PRO C 140 16.43 24.24 -18.07
N PRO C 141 15.78 23.67 -19.12
CA PRO C 141 15.48 24.47 -20.33
C PRO C 141 14.85 25.82 -20.04
N LYS C 142 15.47 26.86 -20.56
CA LYS C 142 14.97 28.22 -20.40
C LYS C 142 13.75 28.44 -21.33
N THR C 143 13.68 27.70 -22.46
CA THR C 143 12.61 27.74 -23.47
C THR C 143 11.94 26.35 -23.73
N TRP C 144 10.71 26.36 -24.29
CA TRP C 144 9.96 25.15 -24.61
C TRP C 144 10.52 24.49 -25.87
N GLU C 145 10.93 25.33 -26.83
CA GLU C 145 11.49 24.96 -28.13
C GLU C 145 12.57 23.93 -28.01
N GLU C 146 13.42 24.05 -26.96
CA GLU C 146 14.54 23.13 -26.75
C GLU C 146 14.24 21.90 -25.91
N ILE C 147 12.97 21.63 -25.56
CA ILE C 147 12.66 20.44 -24.76
C ILE C 147 12.62 19.16 -25.64
N PRO C 148 12.10 19.17 -26.90
CA PRO C 148 12.19 17.94 -27.74
C PRO C 148 13.65 17.54 -27.95
N ALA C 149 14.54 18.53 -28.13
CA ALA C 149 15.99 18.41 -28.34
C ALA C 149 16.73 17.73 -27.17
N LEU C 150 16.15 17.82 -25.96
CA LEU C 150 16.65 17.21 -24.72
C LEU C 150 16.14 15.77 -24.60
N ASP C 151 14.93 15.50 -25.09
CA ASP C 151 14.35 14.16 -25.04
C ASP C 151 15.19 13.15 -25.85
N LYS C 152 15.80 13.62 -26.97
CA LYS C 152 16.68 12.79 -27.80
C LYS C 152 17.92 12.39 -26.98
N GLU C 153 18.48 13.34 -26.22
CA GLU C 153 19.65 13.09 -25.38
C GLU C 153 19.36 12.20 -24.18
N LEU C 154 18.12 12.33 -23.66
CA LEU C 154 17.68 11.61 -22.46
C LEU C 154 17.21 10.20 -22.74
N LYS C 155 16.62 9.93 -23.94
CA LYS C 155 16.19 8.56 -24.20
C LYS C 155 17.36 7.60 -24.51
N ALA C 156 18.55 8.13 -24.81
CA ALA C 156 19.76 7.31 -24.99
C ALA C 156 20.21 6.65 -23.66
N LYS C 157 19.59 7.03 -22.52
CA LYS C 157 19.79 6.51 -21.16
C LYS C 157 18.56 5.75 -20.61
N GLY C 158 17.40 5.91 -21.28
CA GLY C 158 16.14 5.36 -20.81
C GLY C 158 15.43 6.36 -19.92
N LYS C 159 15.48 7.64 -20.30
CA LYS C 159 14.84 8.70 -19.53
C LYS C 159 14.14 9.65 -20.48
N SER C 160 12.98 10.20 -20.07
CA SER C 160 12.26 11.16 -20.92
C SER C 160 12.41 12.58 -20.41
N ALA C 161 12.29 13.57 -21.30
CA ALA C 161 12.46 14.96 -20.90
C ALA C 161 11.32 15.54 -20.02
N LEU C 162 10.05 15.38 -20.45
CA LEU C 162 8.94 15.99 -19.73
C LEU C 162 7.72 15.10 -19.65
N MET C 163 7.04 15.16 -18.49
CA MET C 163 5.80 14.43 -18.24
C MET C 163 4.85 15.15 -17.27
N PHE C 164 3.62 15.44 -17.74
CA PHE C 164 2.62 16.10 -16.93
C PHE C 164 1.20 15.73 -17.37
N ASN C 165 0.26 15.82 -16.42
CA ASN C 165 -1.15 15.48 -16.58
C ASN C 165 -1.76 16.22 -17.78
N LEU C 166 -1.93 15.51 -18.92
CA LEU C 166 -2.53 16.12 -20.10
C LEU C 166 -4.06 16.00 -20.16
N GLN C 167 -4.68 15.48 -19.10
CA GLN C 167 -6.13 15.32 -19.04
C GLN C 167 -6.86 16.55 -18.46
N GLU C 168 -6.10 17.51 -17.85
CA GLU C 168 -6.64 18.75 -17.27
C GLU C 168 -6.05 19.99 -17.96
N PRO C 169 -6.93 20.89 -18.45
CA PRO C 169 -6.43 22.11 -19.09
C PRO C 169 -5.68 23.05 -18.14
N TYR C 170 -5.84 22.88 -16.82
CA TYR C 170 -5.14 23.68 -15.83
C TYR C 170 -3.64 23.56 -16.02
N PHE C 171 -3.18 22.30 -16.23
CA PHE C 171 -1.80 21.88 -16.42
C PHE C 171 -1.26 22.28 -17.80
N THR C 172 -2.12 22.25 -18.82
CA THR C 172 -1.70 22.58 -20.17
C THR C 172 -1.75 24.09 -20.50
N TRP C 173 -2.75 24.81 -19.96
CA TRP C 173 -2.95 26.25 -20.18
C TRP C 173 -1.69 27.11 -20.17
N PRO C 174 -0.71 26.97 -19.23
CA PRO C 174 0.46 27.85 -19.29
C PRO C 174 1.14 27.91 -20.67
N LEU C 175 1.21 26.76 -21.39
CA LEU C 175 1.80 26.71 -22.72
C LEU C 175 0.87 27.30 -23.81
N ILE C 176 -0.45 27.20 -23.61
CA ILE C 176 -1.43 27.72 -24.55
C ILE C 176 -1.60 29.26 -24.43
N ALA C 177 -1.42 29.79 -23.22
CA ALA C 177 -1.53 31.23 -22.98
C ALA C 177 -0.22 32.00 -23.22
N ALA C 178 0.85 31.30 -23.64
CA ALA C 178 2.17 31.88 -23.76
C ALA C 178 2.34 32.89 -24.88
N ASP C 179 1.88 32.59 -26.10
CA ASP C 179 2.06 33.52 -27.22
C ASP C 179 0.93 34.55 -27.33
N GLY C 180 0.31 34.89 -26.20
CA GLY C 180 -0.77 35.87 -26.17
C GLY C 180 -2.09 35.33 -26.70
N GLY C 197 -11.54 34.94 -28.07
CA GLY C 197 -11.11 34.27 -26.84
C GLY C 197 -10.09 33.18 -27.08
N VAL C 198 -10.46 31.92 -26.80
CA VAL C 198 -9.58 30.76 -27.02
C VAL C 198 -9.33 30.46 -28.53
N ASP C 199 -10.06 31.11 -29.44
CA ASP C 199 -9.90 30.97 -30.88
C ASP C 199 -8.93 32.08 -31.36
N ASN C 200 -7.63 31.94 -31.05
CA ASN C 200 -6.64 32.93 -31.44
C ASN C 200 -5.29 32.30 -31.83
N ALA C 201 -4.40 33.09 -32.49
CA ALA C 201 -3.08 32.66 -32.97
C ALA C 201 -2.15 32.24 -31.85
N GLY C 202 -2.19 32.96 -30.73
CA GLY C 202 -1.37 32.66 -29.57
C GLY C 202 -1.69 31.31 -28.96
N ALA C 203 -2.97 30.96 -28.96
CA ALA C 203 -3.41 29.67 -28.47
C ALA C 203 -3.12 28.59 -29.51
N LYS C 204 -3.30 28.92 -30.81
CA LYS C 204 -3.08 27.97 -31.89
C LYS C 204 -1.63 27.50 -31.90
N ALA C 205 -0.69 28.43 -31.80
CA ALA C 205 0.74 28.08 -31.79
C ALA C 205 1.10 27.26 -30.55
N GLY C 206 0.54 27.65 -29.40
CA GLY C 206 0.76 26.96 -28.13
C GLY C 206 0.24 25.54 -28.16
N LEU C 207 -1.03 25.36 -28.52
CA LEU C 207 -1.63 24.03 -28.61
C LEU C 207 -0.98 23.21 -29.71
N THR C 208 -0.51 23.85 -30.81
CA THR C 208 0.23 23.17 -31.90
C THR C 208 1.53 22.63 -31.31
N PHE C 209 2.22 23.43 -30.49
CA PHE C 209 3.43 22.97 -29.82
C PHE C 209 3.19 21.73 -28.96
N LEU C 210 2.07 21.69 -28.23
CA LEU C 210 1.78 20.53 -27.39
C LEU C 210 1.49 19.32 -28.27
N VAL C 211 0.67 19.52 -29.31
CA VAL C 211 0.28 18.45 -30.21
C VAL C 211 1.49 17.87 -30.95
N ASP C 212 2.43 18.73 -31.36
CA ASP C 212 3.66 18.28 -32.01
C ASP C 212 4.52 17.38 -31.08
N LEU C 213 4.55 17.65 -29.76
CA LEU C 213 5.30 16.82 -28.83
C LEU C 213 4.72 15.41 -28.76
N ILE C 214 3.40 15.27 -28.87
CA ILE C 214 2.75 13.96 -28.80
C ILE C 214 3.07 13.14 -30.03
N LYS C 215 2.93 13.76 -31.21
CA LYS C 215 3.18 13.12 -32.49
C LYS C 215 4.65 12.76 -32.63
N ASN C 216 5.55 13.63 -32.18
CA ASN C 216 6.98 13.34 -32.22
C ASN C 216 7.46 12.39 -31.09
N LYS C 217 6.51 11.74 -30.38
CA LYS C 217 6.72 10.78 -29.31
C LYS C 217 7.54 11.30 -28.10
N HIS C 218 7.54 12.62 -27.84
CA HIS C 218 8.21 13.22 -26.67
C HIS C 218 7.27 13.30 -25.43
N MET C 219 5.93 13.18 -25.67
CA MET C 219 4.82 13.18 -24.70
C MET C 219 3.73 12.19 -25.17
N ASN C 220 2.96 11.66 -24.23
CA ASN C 220 1.90 10.68 -24.50
C ASN C 220 0.56 11.37 -24.26
N ALA C 221 -0.39 11.19 -25.20
CA ALA C 221 -1.72 11.81 -25.05
C ALA C 221 -2.46 11.37 -23.79
N ASP C 222 -2.36 10.09 -23.44
CA ASP C 222 -3.07 9.58 -22.27
C ASP C 222 -2.29 9.69 -20.95
N THR C 223 -1.23 10.52 -20.88
CA THR C 223 -0.49 10.67 -19.62
C THR C 223 -1.37 11.37 -18.59
N ASP C 224 -1.78 10.68 -17.50
CA ASP C 224 -2.59 11.35 -16.47
C ASP C 224 -1.70 11.87 -15.32
N TYR C 225 -2.30 12.35 -14.21
CA TYR C 225 -1.60 12.95 -13.09
C TYR C 225 -0.75 11.95 -12.33
N SER C 226 -1.36 10.86 -11.80
CA SER C 226 -0.65 9.83 -11.04
C SER C 226 0.48 9.19 -11.82
N ILE C 227 0.29 9.02 -13.13
CA ILE C 227 1.25 8.45 -14.10
C ILE C 227 2.47 9.37 -14.27
N ALA C 228 2.23 10.68 -14.46
CA ALA C 228 3.33 11.64 -14.57
C ALA C 228 4.04 11.79 -13.24
N GLU C 229 3.26 11.75 -12.13
CA GLU C 229 3.76 11.86 -10.78
C GLU C 229 4.75 10.74 -10.51
N ALA C 230 4.36 9.51 -10.82
CA ALA C 230 5.21 8.36 -10.62
C ALA C 230 6.50 8.45 -11.44
N ALA C 231 6.41 8.85 -12.71
CA ALA C 231 7.58 8.94 -13.57
C ALA C 231 8.66 9.88 -13.03
N PHE C 232 8.29 11.08 -12.60
CA PHE C 232 9.27 12.02 -12.07
C PHE C 232 9.86 11.49 -10.77
N ASN C 233 8.98 10.94 -9.90
CA ASN C 233 9.30 10.43 -8.57
C ASN C 233 10.09 9.13 -8.54
N LYS C 234 10.10 8.38 -9.63
CA LYS C 234 10.92 7.16 -9.73
C LYS C 234 12.15 7.38 -10.63
N GLY C 235 12.53 8.64 -10.88
CA GLY C 235 13.66 9.01 -11.72
C GLY C 235 13.54 8.61 -13.18
N GLU C 236 12.32 8.35 -13.67
CA GLU C 236 12.11 7.95 -15.06
C GLU C 236 12.20 9.15 -15.99
N THR C 237 11.47 10.24 -15.66
CA THR C 237 11.51 11.49 -16.44
C THR C 237 12.26 12.58 -15.72
N ALA C 238 12.77 13.55 -16.48
CA ALA C 238 13.56 14.67 -15.94
C ALA C 238 12.73 15.84 -15.44
N MET C 239 11.59 16.15 -16.08
CA MET C 239 10.77 17.29 -15.64
C MET C 239 9.28 16.97 -15.56
N THR C 240 8.61 17.64 -14.61
CA THR C 240 7.17 17.58 -14.39
C THR C 240 6.68 19.03 -14.21
N ILE C 241 5.41 19.27 -14.54
CA ILE C 241 4.75 20.55 -14.40
C ILE C 241 3.65 20.26 -13.41
N ASN C 242 3.76 20.80 -12.19
CA ASN C 242 2.80 20.51 -11.13
C ASN C 242 2.80 21.60 -10.02
N GLY C 243 1.71 21.70 -9.27
CA GLY C 243 1.60 22.71 -8.23
C GLY C 243 2.39 22.47 -6.96
N PRO C 244 2.32 23.40 -5.98
CA PRO C 244 3.10 23.21 -4.75
C PRO C 244 2.73 21.94 -4.01
N TRP C 245 1.41 21.62 -3.97
CA TRP C 245 0.86 20.46 -3.26
C TRP C 245 1.67 19.19 -3.38
N ALA C 246 2.20 18.87 -4.59
CA ALA C 246 2.91 17.64 -4.92
C ALA C 246 4.35 17.49 -4.41
N TRP C 247 4.91 18.51 -3.71
CA TRP C 247 6.28 18.44 -3.20
C TRP C 247 6.43 17.43 -2.09
N SER C 248 5.39 17.29 -1.25
CA SER C 248 5.36 16.33 -0.14
C SER C 248 5.84 14.92 -0.60
N ASN C 249 5.24 14.42 -1.70
CA ASN C 249 5.53 13.13 -2.33
C ASN C 249 6.89 13.04 -3.05
N ILE C 250 7.47 14.17 -3.50
CA ILE C 250 8.80 14.19 -4.13
C ILE C 250 9.85 14.07 -3.05
N ASP C 251 9.66 14.80 -1.93
CA ASP C 251 10.53 14.75 -0.76
C ASP C 251 10.58 13.29 -0.20
N THR C 252 9.44 12.58 -0.27
CA THR C 252 9.32 11.19 0.15
C THR C 252 10.19 10.27 -0.71
N SER C 253 10.25 10.53 -2.03
CA SER C 253 11.04 9.71 -2.96
C SER C 253 12.52 10.02 -2.98
N LYS C 254 12.94 11.10 -2.29
CA LYS C 254 14.34 11.53 -2.17
C LYS C 254 15.00 11.89 -3.49
N VAL C 255 14.19 12.31 -4.48
CA VAL C 255 14.65 12.72 -5.81
C VAL C 255 15.24 14.13 -5.73
N ASN C 256 16.31 14.44 -6.50
CA ASN C 256 16.97 15.75 -6.38
C ASN C 256 16.29 16.87 -7.16
N TYR C 257 15.00 17.03 -6.95
CA TYR C 257 14.22 18.06 -7.62
C TYR C 257 14.65 19.49 -7.28
N GLY C 258 14.20 20.40 -8.13
CA GLY C 258 14.34 21.83 -8.04
C GLY C 258 13.07 22.45 -8.61
N VAL C 259 12.57 23.54 -8.01
CA VAL C 259 11.36 24.20 -8.50
C VAL C 259 11.80 25.48 -9.21
N THR C 260 11.31 25.72 -10.44
CA THR C 260 11.75 26.90 -11.21
C THR C 260 10.71 27.46 -12.18
N VAL C 261 10.93 28.73 -12.62
CA VAL C 261 10.07 29.44 -13.58
C VAL C 261 9.84 28.61 -14.86
N LEU C 262 8.59 28.50 -15.30
CA LEU C 262 8.22 27.77 -16.50
C LEU C 262 8.98 28.25 -17.74
N PRO C 263 9.15 27.40 -18.77
CA PRO C 263 9.90 27.84 -19.96
C PRO C 263 9.17 28.91 -20.79
N THR C 264 9.88 29.52 -21.76
CA THR C 264 9.26 30.55 -22.59
C THR C 264 8.96 30.07 -23.99
N PHE C 265 7.67 29.94 -24.30
CA PHE C 265 7.25 29.55 -25.63
C PHE C 265 7.24 30.82 -26.46
N LYS C 266 8.03 30.85 -27.55
CA LYS C 266 8.21 31.98 -28.44
C LYS C 266 8.75 33.22 -27.73
N GLY C 267 9.76 33.01 -26.88
CA GLY C 267 10.48 34.06 -26.14
C GLY C 267 9.71 34.82 -25.07
N GLN C 268 8.41 34.57 -24.99
CA GLN C 268 7.51 35.20 -24.05
C GLN C 268 7.04 34.15 -23.07
N PRO C 269 6.92 34.51 -21.78
CA PRO C 269 6.62 33.51 -20.76
C PRO C 269 5.36 32.69 -20.89
N SER C 270 5.34 31.54 -20.22
CA SER C 270 4.16 30.71 -20.08
C SER C 270 3.23 31.47 -19.12
N LYS C 271 1.91 31.47 -19.39
CA LYS C 271 0.99 32.18 -18.51
C LYS C 271 0.04 31.21 -17.80
N PRO C 272 0.49 30.66 -16.65
CA PRO C 272 -0.37 29.73 -15.90
C PRO C 272 -1.57 30.42 -15.27
N PHE C 273 -2.70 29.72 -15.14
CA PHE C 273 -3.91 30.25 -14.50
C PHE C 273 -3.72 30.12 -12.98
N VAL C 274 -3.76 31.23 -12.25
CA VAL C 274 -3.44 31.23 -10.82
C VAL C 274 -4.67 31.06 -9.92
N GLY C 275 -4.62 30.06 -9.06
CA GLY C 275 -5.73 29.77 -8.16
C GLY C 275 -5.53 30.09 -6.71
N VAL C 276 -6.48 30.78 -6.10
CA VAL C 276 -6.45 31.08 -4.68
C VAL C 276 -7.32 30.01 -4.05
N LEU C 277 -6.69 29.03 -3.41
CA LEU C 277 -7.39 27.93 -2.74
C LEU C 277 -8.22 28.56 -1.60
N SER C 278 -9.53 28.44 -1.68
CA SER C 278 -10.42 29.12 -0.74
C SER C 278 -11.34 28.19 0.02
N ALA C 279 -11.84 28.68 1.18
CA ALA C 279 -12.79 27.98 2.06
C ALA C 279 -14.15 28.73 2.09
N GLY C 280 -15.18 28.15 1.51
CA GLY C 280 -16.51 28.73 1.51
C GLY C 280 -17.47 28.00 2.42
N ILE C 281 -18.59 28.64 2.79
CA ILE C 281 -19.58 27.99 3.66
C ILE C 281 -20.92 27.77 2.93
N ASN C 282 -21.53 26.59 3.08
CA ASN C 282 -22.80 26.23 2.45
C ASN C 282 -23.90 27.12 2.96
N ALA C 283 -24.88 27.42 2.10
CA ALA C 283 -26.01 28.24 2.52
C ALA C 283 -26.93 27.43 3.44
N ALA C 284 -27.12 26.13 3.12
CA ALA C 284 -28.00 25.20 3.85
C ALA C 284 -27.38 24.56 5.12
N SER C 285 -26.25 25.12 5.61
CA SER C 285 -25.57 24.65 6.81
C SER C 285 -26.10 25.41 8.02
N PRO C 286 -26.35 24.73 9.15
CA PRO C 286 -26.79 25.47 10.36
C PRO C 286 -25.61 26.10 11.13
N ASN C 287 -24.49 25.36 11.18
CA ASN C 287 -23.25 25.65 11.90
C ASN C 287 -22.35 26.78 11.30
N LYS C 288 -22.94 27.81 10.68
CA LYS C 288 -22.16 28.91 10.10
C LYS C 288 -21.19 29.56 11.08
N GLU C 289 -21.60 29.64 12.35
CA GLU C 289 -20.86 30.27 13.45
C GLU C 289 -19.65 29.44 13.91
N LEU C 290 -19.81 28.11 14.01
CA LEU C 290 -18.73 27.20 14.37
C LEU C 290 -17.68 27.20 13.25
N ALA C 291 -18.13 27.26 11.99
CA ALA C 291 -17.34 27.29 10.76
C ALA C 291 -16.56 28.59 10.66
N LYS C 292 -17.20 29.73 11.06
CA LYS C 292 -16.56 31.05 11.05
C LYS C 292 -15.40 31.13 12.08
N GLU C 293 -15.51 30.38 13.19
CA GLU C 293 -14.48 30.31 14.24
C GLU C 293 -13.38 29.34 13.81
N PHE C 294 -13.77 28.22 13.21
CA PHE C 294 -12.81 27.24 12.77
C PHE C 294 -11.94 27.82 11.66
N LEU C 295 -12.54 28.58 10.74
CA LEU C 295 -11.77 29.16 9.65
C LEU C 295 -10.92 30.37 10.06
N GLU C 296 -11.46 31.25 10.92
CA GLU C 296 -10.72 32.44 11.35
C GLU C 296 -9.74 32.18 12.47
N ASN C 297 -10.21 31.52 13.54
CA ASN C 297 -9.44 31.31 14.77
C ASN C 297 -8.64 30.02 14.85
N TYR C 298 -8.93 29.01 14.01
CA TYR C 298 -8.18 27.75 14.10
C TYR C 298 -7.42 27.37 12.87
N LEU C 299 -7.75 27.96 11.71
CA LEU C 299 -7.06 27.60 10.48
C LEU C 299 -6.12 28.68 10.00
N LEU C 300 -6.64 29.89 9.78
CA LEU C 300 -5.85 30.99 9.28
C LEU C 300 -4.99 31.69 10.39
N THR C 301 -4.18 30.87 11.08
CA THR C 301 -3.22 31.21 12.13
C THR C 301 -1.89 30.55 11.73
N ASP C 302 -0.76 31.10 12.18
CA ASP C 302 0.56 30.55 11.85
C ASP C 302 0.69 29.07 12.16
N GLU C 303 0.09 28.63 13.27
CA GLU C 303 0.11 27.20 13.63
C GLU C 303 -0.96 26.42 12.86
N GLY C 304 -2.09 27.04 12.58
CA GLY C 304 -3.15 26.42 11.81
C GLY C 304 -2.72 26.08 10.40
N LEU C 305 -2.24 27.07 9.64
CA LEU C 305 -1.83 26.83 8.25
C LEU C 305 -0.57 25.96 8.17
N GLU C 306 0.27 25.95 9.23
CA GLU C 306 1.48 25.12 9.27
C GLU C 306 1.12 23.65 9.40
N ALA C 307 0.11 23.32 10.22
CA ALA C 307 -0.32 21.93 10.36
C ALA C 307 -0.82 21.36 9.03
N VAL C 308 -1.36 22.21 8.14
CA VAL C 308 -1.81 21.77 6.83
C VAL C 308 -0.58 21.63 5.93
N ASN C 309 0.28 22.67 5.92
CA ASN C 309 1.52 22.71 5.13
C ASN C 309 2.45 21.53 5.38
N LYS C 310 2.56 21.05 6.62
CA LYS C 310 3.41 19.90 6.95
C LYS C 310 2.91 18.56 6.34
N ASP C 311 1.68 18.57 5.76
CA ASP C 311 1.06 17.45 5.07
C ASP C 311 1.31 17.72 3.59
N LYS C 312 0.60 18.69 3.00
CA LYS C 312 0.82 19.07 1.60
C LYS C 312 1.18 20.53 1.62
N PRO C 313 2.24 20.93 0.91
CA PRO C 313 2.63 22.34 0.91
C PRO C 313 1.62 23.16 0.13
N LEU C 314 1.10 24.18 0.78
CA LEU C 314 0.11 25.06 0.17
C LEU C 314 0.76 26.09 -0.79
N GLY C 315 2.03 26.42 -0.55
CA GLY C 315 2.71 27.45 -1.33
C GLY C 315 2.47 28.82 -0.70
N ALA C 316 2.28 29.86 -1.51
CA ALA C 316 2.12 31.24 -1.00
C ALA C 316 0.83 31.51 -0.25
N VAL C 317 0.84 31.27 1.06
CA VAL C 317 -0.34 31.45 1.91
C VAL C 317 -0.88 32.87 1.89
N ALA C 318 -2.17 33.04 2.15
CA ALA C 318 -2.78 34.40 2.15
C ALA C 318 -2.38 35.19 3.40
N LEU C 319 -2.14 34.49 4.52
CA LEU C 319 -1.73 35.06 5.80
C LEU C 319 -0.36 35.75 5.69
N LYS C 320 -0.33 37.08 5.88
CA LYS C 320 0.88 37.87 5.80
C LYS C 320 1.96 37.34 6.77
N SER C 321 1.61 37.17 8.05
CA SER C 321 2.54 36.71 9.08
C SER C 321 3.25 35.43 8.75
N TYR C 322 2.51 34.42 8.28
CA TYR C 322 3.09 33.12 7.93
C TYR C 322 3.83 33.13 6.60
N GLU C 323 3.40 33.98 5.67
CA GLU C 323 4.02 34.05 4.35
C GLU C 323 5.40 34.66 4.38
N GLU C 324 5.64 35.61 5.30
CA GLU C 324 6.98 36.21 5.41
C GLU C 324 8.01 35.14 5.79
N GLU C 325 7.62 34.22 6.69
CA GLU C 325 8.46 33.10 7.11
C GLU C 325 8.33 31.88 6.17
N LEU C 326 7.92 32.11 4.93
CA LEU C 326 7.74 31.07 3.94
C LEU C 326 8.33 31.53 2.62
N ALA C 327 8.08 32.81 2.25
CA ALA C 327 8.52 33.47 1.01
C ALA C 327 9.99 33.28 0.77
N LYS C 328 10.78 33.30 1.87
CA LYS C 328 12.21 33.05 1.94
C LYS C 328 12.57 31.78 1.18
N ASP C 329 11.73 30.73 1.30
CA ASP C 329 11.93 29.43 0.65
C ASP C 329 12.01 29.51 -0.87
N PRO C 330 13.07 28.91 -1.44
CA PRO C 330 13.25 28.94 -2.91
C PRO C 330 12.03 28.51 -3.75
N ARG C 331 11.40 27.40 -3.39
CA ARG C 331 10.25 26.91 -4.13
C ARG C 331 9.04 27.86 -4.02
N ILE C 332 8.89 28.58 -2.89
CA ILE C 332 7.80 29.54 -2.74
C ILE C 332 8.02 30.76 -3.61
N ALA C 333 9.27 31.20 -3.72
CA ALA C 333 9.67 32.31 -4.57
C ALA C 333 9.49 31.91 -6.05
N ALA C 334 9.81 30.65 -6.40
CA ALA C 334 9.64 30.11 -7.76
C ALA C 334 8.15 30.07 -8.09
N THR C 335 7.31 29.62 -7.14
CA THR C 335 5.86 29.58 -7.24
C THR C 335 5.29 31.02 -7.39
N MET C 336 5.92 31.99 -6.73
CA MET C 336 5.49 33.38 -6.79
C MET C 336 5.85 34.07 -8.07
N GLU C 337 7.00 33.73 -8.64
CA GLU C 337 7.43 34.35 -9.89
C GLU C 337 6.47 33.96 -11.02
N ASN C 338 6.07 32.65 -11.03
CA ASN C 338 5.15 32.04 -11.99
C ASN C 338 3.75 32.58 -11.81
N ALA C 339 3.32 32.76 -10.53
CA ALA C 339 2.02 33.33 -10.20
C ALA C 339 1.99 34.75 -10.73
N GLN C 340 3.03 35.57 -10.44
CA GLN C 340 3.16 36.93 -10.94
C GLN C 340 3.10 36.97 -12.46
N LYS C 341 3.76 36.02 -13.15
CA LYS C 341 3.75 35.93 -14.61
C LYS C 341 2.43 35.38 -15.19
N GLY C 342 1.61 34.75 -14.37
CA GLY C 342 0.33 34.22 -14.79
C GLY C 342 -0.84 35.01 -14.25
N GLU C 343 -2.00 34.98 -14.92
CA GLU C 343 -3.15 35.74 -14.45
C GLU C 343 -4.12 34.88 -13.62
N ILE C 344 -4.68 35.50 -12.56
CA ILE C 344 -5.71 34.96 -11.68
C ILE C 344 -6.96 34.58 -12.53
N MET C 345 -7.41 33.33 -12.37
CA MET C 345 -8.58 32.78 -13.06
C MET C 345 -9.80 33.62 -12.77
N PRO C 346 -10.63 33.90 -13.77
CA PRO C 346 -11.88 34.62 -13.48
C PRO C 346 -12.80 33.80 -12.55
N ASN C 347 -13.77 34.46 -11.91
CA ASN C 347 -14.75 33.74 -11.08
C ASN C 347 -16.18 33.96 -11.56
N ILE C 348 -16.36 34.21 -12.87
CA ILE C 348 -17.69 34.38 -13.45
C ILE C 348 -18.50 33.05 -13.31
N PRO C 349 -19.84 33.10 -13.45
CA PRO C 349 -20.61 31.85 -13.26
C PRO C 349 -20.36 30.78 -14.32
N GLN C 350 -20.11 31.19 -15.58
CA GLN C 350 -19.87 30.25 -16.69
C GLN C 350 -18.41 29.77 -16.81
N MET C 351 -17.60 29.98 -15.75
CA MET C 351 -16.22 29.53 -15.69
C MET C 351 -16.14 28.00 -15.77
N SER C 352 -17.17 27.29 -15.28
CA SER C 352 -17.23 25.84 -15.38
C SER C 352 -17.35 25.47 -16.87
N ALA C 353 -18.25 26.16 -17.60
CA ALA C 353 -18.46 25.93 -19.03
C ALA C 353 -17.18 26.15 -19.83
N PHE C 354 -16.39 27.16 -19.47
CA PHE C 354 -15.11 27.42 -20.13
C PHE C 354 -14.17 26.26 -19.91
N TRP C 355 -14.07 25.79 -18.67
CA TRP C 355 -13.19 24.70 -18.29
C TRP C 355 -13.51 23.40 -19.01
N TYR C 356 -14.79 23.11 -19.31
CA TYR C 356 -15.14 21.88 -20.03
C TYR C 356 -14.90 22.02 -21.54
N ALA C 357 -15.06 23.23 -22.07
CA ALA C 357 -14.79 23.53 -23.47
C ALA C 357 -13.28 23.45 -23.77
N VAL C 358 -12.44 23.83 -22.79
CA VAL C 358 -10.99 23.73 -22.94
C VAL C 358 -10.52 22.29 -22.63
N ARG C 359 -11.09 21.64 -21.60
CA ARG C 359 -10.80 20.23 -21.24
C ARG C 359 -11.05 19.33 -22.45
N THR C 360 -12.09 19.62 -23.23
CA THR C 360 -12.40 18.85 -24.41
C THR C 360 -11.49 19.24 -25.60
N ALA C 361 -11.38 20.53 -25.93
CA ALA C 361 -10.57 20.99 -27.06
C ALA C 361 -9.11 20.55 -27.01
N VAL C 362 -8.54 20.43 -25.82
CA VAL C 362 -7.17 19.98 -25.65
C VAL C 362 -7.10 18.46 -25.77
N ILE C 363 -8.04 17.75 -25.11
CA ILE C 363 -8.09 16.27 -25.17
C ILE C 363 -8.23 15.81 -26.63
N ASN C 364 -9.17 16.41 -27.37
CA ASN C 364 -9.45 16.13 -28.76
C ASN C 364 -8.25 16.36 -29.70
N ALA C 365 -7.55 17.52 -29.58
CA ALA C 365 -6.43 17.88 -30.46
C ALA C 365 -5.23 16.95 -30.27
N ALA C 366 -4.93 16.62 -29.01
CA ALA C 366 -3.86 15.71 -28.59
C ALA C 366 -4.14 14.28 -29.05
N SER C 367 -5.43 13.89 -29.09
CA SER C 367 -5.91 12.56 -29.50
C SER C 367 -6.02 12.40 -31.02
N GLY C 368 -5.99 13.51 -31.75
CA GLY C 368 -6.18 13.50 -33.20
C GLY C 368 -7.65 13.64 -33.59
N ARG C 369 -8.56 13.39 -32.62
CA ARG C 369 -10.01 13.49 -32.82
C ARG C 369 -10.48 14.82 -33.40
N GLN C 370 -9.63 15.86 -33.34
CA GLN C 370 -9.94 17.18 -33.86
C GLN C 370 -8.70 17.86 -34.38
N THR C 371 -8.83 18.58 -35.49
CA THR C 371 -7.76 19.40 -36.06
C THR C 371 -7.59 20.58 -35.10
N VAL C 372 -6.37 20.84 -34.58
CA VAL C 372 -6.09 21.92 -33.62
C VAL C 372 -6.77 23.26 -34.01
N ASP C 373 -6.87 23.53 -35.31
CA ASP C 373 -7.53 24.72 -35.87
C ASP C 373 -9.02 24.76 -35.51
N GLU C 374 -9.73 23.64 -35.75
CA GLU C 374 -11.15 23.53 -35.44
C GLU C 374 -11.43 23.07 -34.00
N ALA C 375 -10.39 22.68 -33.23
CA ALA C 375 -10.59 22.28 -31.84
C ALA C 375 -10.92 23.53 -31.01
N LEU C 376 -10.16 24.62 -31.19
CA LEU C 376 -10.42 25.87 -30.48
C LEU C 376 -11.56 26.67 -31.13
N LYS C 377 -11.82 26.44 -32.44
CA LYS C 377 -12.90 27.10 -33.18
C LYS C 377 -14.25 26.59 -32.64
N ASP C 378 -14.38 25.28 -32.40
CA ASP C 378 -15.59 24.68 -31.83
C ASP C 378 -15.75 25.05 -30.35
N ALA C 379 -14.64 25.04 -29.58
CA ALA C 379 -14.62 25.38 -28.16
C ALA C 379 -15.02 26.85 -27.95
N GLN C 380 -14.58 27.75 -28.83
CA GLN C 380 -14.93 29.16 -28.74
C GLN C 380 -16.37 29.42 -29.16
N THR C 381 -16.86 28.62 -30.13
CA THR C 381 -18.21 28.66 -30.67
C THR C 381 -19.27 28.50 -29.57
N GLY C 382 -19.11 27.50 -28.70
CA GLY C 382 -20.07 27.22 -27.62
C GLY C 382 -20.28 28.34 -26.62
N SER C 383 -19.26 29.19 -26.46
CA SER C 383 -19.27 30.35 -25.56
C SER C 383 -19.80 31.57 -26.33
N GLU C 384 -19.37 31.73 -27.61
CA GLU C 384 -19.82 32.77 -28.53
C GLU C 384 -21.35 32.75 -28.63
N LEU C 385 -21.92 31.54 -28.66
CA LEU C 385 -23.36 31.34 -28.69
C LEU C 385 -23.96 31.62 -27.32
N TYR C 386 -23.41 31.08 -26.20
CA TYR C 386 -23.99 31.36 -24.86
C TYR C 386 -24.22 32.86 -24.60
N ARG C 387 -23.17 33.68 -24.83
CA ARG C 387 -23.28 35.12 -24.65
C ARG C 387 -24.33 35.71 -25.60
N GLN C 388 -24.23 35.45 -26.94
CA GLN C 388 -25.20 35.97 -27.92
C GLN C 388 -26.63 35.62 -27.56
N SER C 389 -26.86 34.35 -27.27
CA SER C 389 -28.17 33.82 -26.93
C SER C 389 -28.75 34.39 -25.63
N LEU C 390 -27.94 34.42 -24.55
CA LEU C 390 -28.42 34.99 -23.30
C LEU C 390 -28.67 36.49 -23.47
N GLU C 391 -27.88 37.17 -24.31
CA GLU C 391 -28.05 38.58 -24.61
C GLU C 391 -29.41 38.77 -25.31
N ILE C 392 -29.71 37.92 -26.29
CA ILE C 392 -30.98 37.98 -27.03
C ILE C 392 -32.17 37.68 -26.11
N ILE C 393 -32.24 36.46 -25.55
CA ILE C 393 -33.32 36.00 -24.66
C ILE C 393 -33.50 36.87 -23.42
N SER C 394 -32.43 37.48 -22.92
CA SER C 394 -32.52 38.37 -21.77
C SER C 394 -33.26 39.64 -22.11
N ARG C 395 -32.92 40.27 -23.25
CA ARG C 395 -33.56 41.52 -23.63
C ARG C 395 -35.03 41.32 -23.93
N TYR C 396 -35.38 40.24 -24.66
CA TYR C 396 -36.78 39.96 -24.94
C TYR C 396 -37.56 39.71 -23.66
N LEU C 397 -37.12 38.74 -22.83
CA LEU C 397 -37.81 38.42 -21.57
C LEU C 397 -37.99 39.63 -20.68
N ARG C 398 -36.96 40.46 -20.64
CA ARG C 398 -36.91 41.66 -19.84
C ARG C 398 -37.89 42.74 -20.34
N GLU C 399 -37.87 43.04 -21.65
CA GLU C 399 -38.69 44.12 -22.18
C GLU C 399 -40.19 43.83 -22.25
N GLN C 400 -40.58 42.55 -22.20
CA GLN C 400 -41.99 42.21 -22.16
C GLN C 400 -42.47 42.55 -20.74
N ALA C 401 -41.73 42.10 -19.70
CA ALA C 401 -42.06 42.34 -18.30
C ALA C 401 -42.13 43.84 -17.93
N THR C 402 -41.11 44.64 -18.28
CA THR C 402 -41.08 46.07 -17.98
C THR C 402 -41.91 46.92 -18.96
N GLY C 403 -41.79 46.60 -20.24
CA GLY C 403 -42.45 47.37 -21.27
C GLY C 403 -41.43 48.13 -22.11
N ALA C 404 -40.35 48.59 -21.48
CA ALA C 404 -39.32 49.35 -22.18
C ALA C 404 -38.18 48.46 -22.72
N ALA C 405 -37.54 48.89 -23.84
CA ALA C 405 -36.44 48.18 -24.49
C ALA C 405 -35.08 48.72 -24.10
N ASP C 406 -34.08 47.82 -23.97
CA ASP C 406 -32.74 48.19 -23.57
C ASP C 406 -31.95 48.90 -24.66
N THR C 407 -31.53 50.12 -24.33
CA THR C 407 -30.78 51.05 -25.18
C THR C 407 -29.26 50.94 -25.00
N ALA C 408 -28.76 49.69 -24.87
CA ALA C 408 -27.34 49.40 -24.73
C ALA C 408 -26.81 48.74 -26.01
N PRO C 409 -25.59 49.12 -26.44
CA PRO C 409 -25.04 48.55 -27.67
C PRO C 409 -24.58 47.09 -27.50
N MET C 410 -24.83 46.27 -28.53
CA MET C 410 -24.47 44.84 -28.52
C MET C 410 -22.98 44.55 -28.72
N GLY C 411 -22.17 45.59 -28.95
CA GLY C 411 -20.73 45.49 -29.13
C GLY C 411 -20.31 44.49 -30.19
N ALA C 412 -19.49 43.49 -29.78
CA ALA C 412 -18.97 42.41 -30.64
C ALA C 412 -20.08 41.71 -31.45
N SER C 413 -20.25 42.14 -32.73
CA SER C 413 -21.22 41.70 -33.72
C SER C 413 -22.68 41.63 -33.20
N GLY C 414 -23.27 42.81 -33.06
CA GLY C 414 -24.65 42.93 -32.64
C GLY C 414 -25.63 43.13 -33.77
N ALA C 415 -25.20 42.92 -35.02
CA ALA C 415 -26.07 43.07 -36.17
C ALA C 415 -27.08 41.91 -36.21
N THR C 416 -26.60 40.68 -35.95
CA THR C 416 -27.48 39.51 -35.90
C THR C 416 -28.39 39.59 -34.66
N SER C 417 -27.86 40.10 -33.53
CA SER C 417 -28.62 40.23 -32.29
C SER C 417 -29.79 41.21 -32.43
N ARG C 418 -29.61 42.26 -33.23
CA ARG C 418 -30.65 43.25 -33.45
C ARG C 418 -31.80 42.60 -34.21
N LYS C 419 -31.49 41.98 -35.36
CA LYS C 419 -32.45 41.30 -36.23
C LYS C 419 -33.12 40.10 -35.56
N ALA C 420 -32.43 39.46 -34.59
CA ALA C 420 -32.98 38.33 -33.81
C ALA C 420 -33.99 38.87 -32.79
N LEU C 421 -33.71 40.05 -32.18
CA LEU C 421 -34.63 40.65 -31.24
C LEU C 421 -35.86 41.22 -31.99
N GLU C 422 -35.66 41.93 -33.13
CA GLU C 422 -36.74 42.44 -33.95
C GLU C 422 -37.69 41.34 -34.40
N THR C 423 -37.11 40.18 -34.81
CA THR C 423 -37.86 39.00 -35.27
C THR C 423 -38.59 38.37 -34.07
N LEU C 424 -37.89 38.26 -32.94
CA LEU C 424 -38.39 37.69 -31.70
C LEU C 424 -39.58 38.46 -31.18
N ARG C 425 -39.57 39.79 -31.33
CA ARG C 425 -40.68 40.63 -30.93
C ARG C 425 -41.87 40.27 -31.83
N ARG C 426 -41.69 40.36 -33.13
CA ARG C 426 -42.70 40.05 -34.13
C ARG C 426 -43.36 38.65 -33.99
N VAL C 427 -42.57 37.58 -33.81
CA VAL C 427 -43.11 36.22 -33.71
C VAL C 427 -43.54 35.86 -32.30
N GLY C 428 -42.78 36.32 -31.31
CA GLY C 428 -43.06 36.11 -29.90
C GLY C 428 -44.37 36.73 -29.46
N ASP C 429 -44.49 38.04 -29.68
CA ASP C 429 -45.71 38.78 -29.39
C ASP C 429 -46.94 38.13 -30.10
N GLY C 430 -46.73 37.62 -31.31
CA GLY C 430 -47.76 36.93 -32.07
C GLY C 430 -48.18 35.63 -31.40
N VAL C 431 -47.21 34.80 -30.94
CA VAL C 431 -47.47 33.54 -30.23
C VAL C 431 -48.20 33.83 -28.94
N GLN C 432 -47.80 34.90 -28.21
CA GLN C 432 -48.46 35.26 -26.96
C GLN C 432 -49.89 35.75 -27.17
N ARG C 433 -50.12 36.64 -28.14
CA ARG C 433 -51.47 37.12 -28.41
C ARG C 433 -52.40 36.02 -28.91
N ASN C 434 -52.02 35.24 -29.95
CA ASN C 434 -52.90 34.17 -30.45
C ASN C 434 -52.88 32.89 -29.55
N HIS C 435 -52.10 32.90 -28.46
CA HIS C 435 -52.09 31.81 -27.50
C HIS C 435 -52.33 32.32 -26.09
N GLU C 436 -53.12 33.39 -25.93
CA GLU C 436 -53.43 33.94 -24.63
C GLU C 436 -54.10 32.90 -23.73
N THR C 437 -55.22 32.30 -24.20
CA THR C 437 -55.99 31.32 -23.43
C THR C 437 -55.13 30.17 -22.88
N ALA C 438 -54.41 29.45 -23.76
CA ALA C 438 -53.57 28.32 -23.39
C ALA C 438 -52.47 28.66 -22.38
N PHE C 439 -51.72 29.75 -22.62
CA PHE C 439 -50.61 30.18 -21.79
C PHE C 439 -51.08 30.56 -20.42
N GLN C 440 -52.13 31.39 -20.36
CA GLN C 440 -52.68 31.89 -19.11
C GLN C 440 -53.27 30.77 -18.25
N GLY C 441 -54.07 29.89 -18.87
CA GLY C 441 -54.72 28.78 -18.18
C GLY C 441 -53.76 27.95 -17.34
N MET C 442 -52.50 27.86 -17.84
CA MET C 442 -51.34 27.15 -17.31
C MET C 442 -50.76 27.78 -16.04
N LEU C 443 -50.51 29.09 -16.04
CA LEU C 443 -49.96 29.76 -14.85
C LEU C 443 -50.85 29.63 -13.59
N ARG C 444 -52.13 29.30 -13.79
CA ARG C 444 -53.09 29.06 -12.73
C ARG C 444 -52.86 27.66 -12.16
N LYS C 445 -52.61 26.67 -13.05
CA LYS C 445 -52.29 25.30 -12.69
C LYS C 445 -50.92 25.25 -11.99
N LEU C 446 -49.95 26.05 -12.46
CA LEU C 446 -48.61 26.09 -11.87
C LEU C 446 -48.59 26.82 -10.54
N ASP C 447 -49.24 27.99 -10.49
CA ASP C 447 -49.28 28.89 -9.34
C ASP C 447 -47.88 29.32 -9.02
N ILE C 448 -47.32 30.22 -9.83
CA ILE C 448 -45.96 30.71 -9.59
C ILE C 448 -45.97 31.55 -8.29
N LYS C 449 -45.59 30.92 -7.15
CA LYS C 449 -45.59 31.61 -5.86
C LYS C 449 -44.20 32.07 -5.38
N ASN C 450 -43.20 31.19 -5.43
CA ASN C 450 -41.85 31.54 -4.96
C ASN C 450 -40.74 30.99 -5.90
N GLU C 451 -39.47 31.32 -5.64
CA GLU C 451 -38.37 30.86 -6.48
C GLU C 451 -38.29 29.33 -6.59
N ASP C 452 -38.76 28.62 -5.57
CA ASP C 452 -38.81 27.14 -5.54
C ASP C 452 -39.86 26.57 -6.55
N ASP C 453 -40.78 27.42 -7.02
CA ASP C 453 -41.82 27.19 -8.03
C ASP C 453 -41.25 27.60 -9.41
N VAL C 454 -40.51 28.73 -9.44
CA VAL C 454 -39.84 29.31 -10.60
C VAL C 454 -38.81 28.33 -11.16
N LYS C 455 -37.93 27.79 -10.29
CA LYS C 455 -36.92 26.82 -10.70
C LYS C 455 -37.55 25.48 -11.13
N SER C 456 -38.72 25.15 -10.58
CA SER C 456 -39.46 23.94 -10.95
C SER C 456 -40.03 24.13 -12.35
N LEU C 457 -40.62 25.30 -12.62
CA LEU C 457 -41.16 25.69 -13.92
C LEU C 457 -40.07 25.58 -14.99
N SER C 458 -38.87 26.14 -14.73
CA SER C 458 -37.75 26.08 -15.68
C SER C 458 -37.39 24.63 -16.01
N ARG C 459 -37.42 23.74 -15.00
CA ARG C 459 -37.13 22.32 -15.16
C ARG C 459 -38.19 21.69 -16.05
N VAL C 460 -39.49 22.07 -15.87
CA VAL C 460 -40.60 21.55 -16.68
C VAL C 460 -40.47 22.04 -18.12
N MET C 461 -40.15 23.32 -18.30
CA MET C 461 -39.94 23.93 -19.62
C MET C 461 -38.80 23.24 -20.35
N ILE C 462 -37.72 22.93 -19.63
CA ILE C 462 -36.56 22.22 -20.14
C ILE C 462 -36.95 20.82 -20.59
N HIS C 463 -37.65 20.05 -19.73
CA HIS C 463 -38.08 18.68 -20.03
C HIS C 463 -38.96 18.65 -21.28
N VAL C 464 -40.02 19.49 -21.30
CA VAL C 464 -40.97 19.58 -22.40
C VAL C 464 -40.30 20.00 -23.69
N PHE C 465 -39.32 20.91 -23.63
CA PHE C 465 -38.62 21.33 -24.84
C PHE C 465 -37.70 20.25 -25.37
N SER C 466 -36.95 19.59 -24.47
CA SER C 466 -35.98 18.55 -24.86
C SER C 466 -36.64 17.20 -25.28
N ASP C 467 -37.88 16.93 -24.85
CA ASP C 467 -38.57 15.68 -25.21
C ASP C 467 -39.08 15.72 -26.66
N GLY C 468 -39.55 16.88 -27.08
CA GLY C 468 -40.07 17.11 -28.43
C GLY C 468 -39.00 17.54 -29.41
N VAL C 469 -39.42 17.71 -30.68
CA VAL C 469 -38.65 18.13 -31.86
C VAL C 469 -37.93 19.48 -31.67
N THR C 470 -36.74 19.65 -32.25
CA THR C 470 -36.04 20.92 -32.18
C THR C 470 -36.21 21.61 -33.51
N ASN C 471 -37.07 22.65 -33.53
CA ASN C 471 -37.37 23.50 -34.68
C ASN C 471 -37.56 24.96 -34.21
N TRP C 472 -37.34 25.93 -35.11
CA TRP C 472 -37.39 27.35 -34.78
C TRP C 472 -38.75 27.82 -34.29
N GLY C 473 -39.82 27.15 -34.71
CA GLY C 473 -41.18 27.40 -34.25
C GLY C 473 -41.38 27.00 -32.79
N ARG C 474 -40.77 25.88 -32.37
CA ARG C 474 -40.84 25.44 -30.96
C ARG C 474 -39.89 26.25 -30.08
N ILE C 475 -38.79 26.77 -30.66
CA ILE C 475 -37.86 27.59 -29.90
C ILE C 475 -38.52 28.89 -29.54
N VAL C 476 -39.30 29.52 -30.49
CA VAL C 476 -40.03 30.76 -30.18
C VAL C 476 -41.00 30.51 -29.09
N THR C 477 -41.75 29.42 -29.15
CA THR C 477 -42.71 29.09 -28.10
C THR C 477 -42.06 29.00 -26.71
N LEU C 478 -40.91 28.30 -26.60
CA LEU C 478 -40.21 28.25 -25.32
C LEU C 478 -39.76 29.68 -24.82
N ILE C 479 -39.36 30.56 -25.73
CA ILE C 479 -38.98 31.92 -25.38
C ILE C 479 -40.22 32.79 -25.05
N SER C 480 -41.28 32.68 -25.87
CA SER C 480 -42.56 33.39 -25.77
C SER C 480 -43.24 33.04 -24.47
N PHE C 481 -43.20 31.76 -24.06
CA PHE C 481 -43.75 31.36 -22.78
C PHE C 481 -42.90 31.92 -21.63
N GLY C 482 -41.59 32.07 -21.85
CA GLY C 482 -40.70 32.67 -20.87
C GLY C 482 -41.09 34.11 -20.67
N ALA C 483 -41.32 34.84 -21.77
CA ALA C 483 -41.71 36.23 -21.70
C ALA C 483 -43.07 36.43 -21.06
N PHE C 484 -43.94 35.43 -21.12
CA PHE C 484 -45.23 35.51 -20.48
C PHE C 484 -45.04 35.36 -18.98
N VAL C 485 -44.27 34.33 -18.56
CA VAL C 485 -43.94 34.06 -17.16
C VAL C 485 -43.25 35.28 -16.52
N ALA C 486 -42.32 35.89 -17.25
CA ALA C 486 -41.62 37.07 -16.83
C ALA C 486 -42.57 38.23 -16.52
N LYS C 487 -43.66 38.38 -17.28
CA LYS C 487 -44.67 39.43 -17.05
C LYS C 487 -45.47 39.19 -15.76
N HIS C 488 -45.69 37.91 -15.40
CA HIS C 488 -46.33 37.51 -14.16
C HIS C 488 -45.38 37.75 -12.97
N LEU C 489 -44.07 37.54 -13.18
CA LEU C 489 -43.06 37.78 -12.16
C LEU C 489 -42.94 39.27 -11.90
N LYS C 490 -43.01 40.12 -12.93
CA LYS C 490 -43.00 41.58 -12.74
C LYS C 490 -44.26 42.01 -11.93
N THR C 491 -45.38 41.30 -12.12
CA THR C 491 -46.62 41.53 -11.41
C THR C 491 -46.41 41.18 -9.92
N ILE C 492 -46.05 39.91 -9.64
CA ILE C 492 -45.88 39.29 -8.33
C ILE C 492 -44.58 39.73 -7.58
N ASN C 493 -43.91 40.78 -8.12
CA ASN C 493 -42.69 41.45 -7.65
C ASN C 493 -41.48 40.53 -7.47
N GLN C 494 -41.59 39.26 -7.84
CA GLN C 494 -40.45 38.37 -7.86
C GLN C 494 -39.74 38.55 -9.21
N GLU C 495 -39.56 39.81 -9.66
CA GLU C 495 -38.92 40.17 -10.91
C GLU C 495 -37.43 39.77 -10.99
N SER C 496 -36.86 39.30 -9.88
CA SER C 496 -35.47 38.91 -9.80
C SER C 496 -35.19 37.62 -10.54
N CYS C 497 -36.14 36.67 -10.51
CA CYS C 497 -35.93 35.38 -11.17
C CYS C 497 -36.23 35.40 -12.67
N ILE C 498 -35.97 36.53 -13.33
CA ILE C 498 -36.17 36.64 -14.77
C ILE C 498 -34.86 36.34 -15.49
N GLU C 499 -33.70 36.82 -14.94
CA GLU C 499 -32.37 36.49 -15.46
C GLU C 499 -32.08 34.99 -15.31
N PRO C 500 -32.34 34.32 -14.15
CA PRO C 500 -32.12 32.87 -14.09
C PRO C 500 -33.05 32.10 -15.03
N LEU C 501 -34.28 32.60 -15.27
CA LEU C 501 -35.21 31.95 -16.20
C LEU C 501 -34.66 32.07 -17.61
N ALA C 502 -34.16 33.25 -17.99
CA ALA C 502 -33.56 33.43 -19.30
C ALA C 502 -32.34 32.54 -19.47
N GLU C 503 -31.57 32.33 -18.39
CA GLU C 503 -30.39 31.47 -18.36
C GLU C 503 -30.81 30.04 -18.59
N SER C 504 -31.90 29.60 -17.96
CA SER C 504 -32.41 28.23 -18.13
C SER C 504 -32.82 27.96 -19.57
N ILE C 505 -33.41 28.96 -20.24
CA ILE C 505 -33.85 28.88 -21.63
C ILE C 505 -32.63 28.90 -22.57
N THR C 506 -31.60 29.69 -22.23
CA THR C 506 -30.35 29.74 -22.99
C THR C 506 -29.59 28.42 -22.87
N ASP C 507 -29.70 27.77 -21.70
CA ASP C 507 -29.09 26.50 -21.38
C ASP C 507 -29.58 25.41 -22.35
N VAL C 508 -30.91 25.16 -22.42
CA VAL C 508 -31.41 24.12 -23.32
C VAL C 508 -31.00 24.29 -24.76
N LEU C 509 -30.84 25.54 -25.21
CA LEU C 509 -30.47 25.80 -26.60
C LEU C 509 -28.99 25.61 -26.88
N VAL C 510 -28.13 26.39 -26.23
CA VAL C 510 -26.70 26.36 -26.51
C VAL C 510 -25.96 25.14 -25.93
N ARG C 511 -26.47 24.49 -24.83
CA ARG C 511 -25.71 23.38 -24.28
C ARG C 511 -26.42 22.00 -24.37
N THR C 512 -27.74 21.93 -24.64
CA THR C 512 -28.40 20.62 -24.84
C THR C 512 -28.66 20.45 -26.35
N LYS C 513 -29.55 21.27 -26.94
CA LYS C 513 -29.80 21.21 -28.38
C LYS C 513 -28.81 22.11 -29.11
N ARG C 514 -27.53 22.00 -28.74
CA ARG C 514 -26.39 22.73 -29.25
C ARG C 514 -26.08 22.52 -30.73
N ASP C 515 -25.87 21.26 -31.17
CA ASP C 515 -25.52 20.98 -32.56
C ASP C 515 -26.56 21.50 -33.55
N TRP C 516 -27.82 21.58 -33.12
CA TRP C 516 -28.89 22.09 -33.98
C TRP C 516 -28.71 23.59 -34.23
N LEU C 517 -28.31 24.35 -33.21
CA LEU C 517 -28.09 25.79 -33.34
C LEU C 517 -27.06 26.07 -34.46
N VAL C 518 -25.95 25.35 -34.38
CA VAL C 518 -24.79 25.36 -35.25
C VAL C 518 -25.19 25.02 -36.67
N LYS C 519 -25.96 23.91 -36.85
CA LYS C 519 -26.44 23.43 -38.14
C LYS C 519 -27.34 24.46 -38.84
N GLN C 520 -28.11 25.25 -38.05
CA GLN C 520 -28.98 26.28 -38.62
C GLN C 520 -28.33 27.65 -38.62
N ARG C 521 -26.98 27.73 -38.61
CA ARG C 521 -26.22 28.99 -38.56
C ARG C 521 -26.73 29.92 -37.44
N GLY C 522 -26.66 29.43 -36.21
CA GLY C 522 -27.07 30.14 -34.99
C GLY C 522 -28.26 31.07 -35.09
N TRP C 523 -28.13 32.29 -34.52
CA TRP C 523 -29.20 33.26 -34.55
C TRP C 523 -29.44 33.91 -35.91
N ASP C 524 -28.69 33.48 -36.97
CA ASP C 524 -28.88 33.95 -38.34
C ASP C 524 -30.04 33.20 -39.02
N GLY C 525 -30.14 31.90 -38.75
CA GLY C 525 -31.19 31.02 -39.26
C GLY C 525 -32.57 31.21 -38.64
N PHE C 526 -32.67 32.09 -37.65
CA PHE C 526 -33.90 32.47 -36.98
C PHE C 526 -34.48 33.70 -37.70
N VAL C 527 -33.62 34.62 -38.14
CA VAL C 527 -34.03 35.80 -38.88
C VAL C 527 -34.58 35.38 -40.26
N GLU C 528 -33.93 34.38 -40.89
CA GLU C 528 -34.36 33.85 -42.19
C GLU C 528 -35.61 32.95 -42.07
N PHE C 529 -35.79 32.28 -40.92
CA PHE C 529 -36.94 31.41 -40.70
C PHE C 529 -38.22 32.22 -40.63
N PHE C 530 -38.16 33.42 -40.06
CA PHE C 530 -39.34 34.27 -39.96
C PHE C 530 -39.33 35.41 -41.01
N HIS C 531 -38.73 35.15 -42.19
CA HIS C 531 -38.74 36.02 -43.37
C HIS C 531 -38.19 35.32 -44.62
N LYS D 16 -34.60 17.88 -7.69
CA LYS D 16 -35.05 16.53 -8.03
C LYS D 16 -33.91 15.67 -8.63
N ILE D 17 -34.11 14.33 -8.68
CA ILE D 17 -33.16 13.36 -9.23
C ILE D 17 -33.11 13.53 -10.76
N GLU D 18 -31.90 13.52 -11.36
CA GLU D 18 -31.76 13.69 -12.80
C GLU D 18 -32.29 12.51 -13.64
N GLU D 19 -33.04 12.85 -14.71
CA GLU D 19 -33.62 11.91 -15.67
C GLU D 19 -32.56 11.42 -16.68
N GLY D 20 -32.78 10.25 -17.25
CA GLY D 20 -31.87 9.68 -18.24
C GLY D 20 -30.86 8.71 -17.69
N LYS D 21 -30.32 9.02 -16.48
CA LYS D 21 -29.29 8.21 -15.81
C LYS D 21 -29.81 7.57 -14.52
N LEU D 22 -29.10 6.55 -13.99
CA LEU D 22 -29.50 5.92 -12.74
C LEU D 22 -28.39 5.99 -11.65
N VAL D 23 -28.79 6.39 -10.44
CA VAL D 23 -27.92 6.50 -9.26
C VAL D 23 -28.33 5.42 -8.30
N ILE D 24 -27.36 4.63 -7.86
CA ILE D 24 -27.62 3.55 -6.94
C ILE D 24 -26.79 3.71 -5.68
N TRP D 25 -27.49 3.74 -4.54
CA TRP D 25 -26.81 3.83 -3.26
C TRP D 25 -26.80 2.45 -2.64
N ILE D 26 -25.60 1.99 -2.30
CA ILE D 26 -25.31 0.70 -1.67
C ILE D 26 -24.29 0.92 -0.56
N ASN D 27 -24.25 0.01 0.42
CA ASN D 27 -23.30 0.11 1.51
C ASN D 27 -21.88 -0.17 1.02
N GLY D 28 -20.90 0.52 1.60
CA GLY D 28 -19.51 0.34 1.24
C GLY D 28 -18.93 -0.99 1.68
N ASP D 29 -19.57 -1.64 2.64
CA ASP D 29 -19.14 -2.96 3.09
C ASP D 29 -19.52 -4.07 2.05
N LYS D 30 -20.51 -3.78 1.17
CA LYS D 30 -21.00 -4.65 0.11
C LYS D 30 -20.09 -4.61 -1.16
N GLY D 31 -20.53 -5.27 -2.24
CA GLY D 31 -19.77 -5.37 -3.48
C GLY D 31 -20.20 -4.35 -4.50
N TYR D 32 -19.72 -3.10 -4.35
CA TYR D 32 -20.10 -1.99 -5.22
C TYR D 32 -19.37 -1.96 -6.59
N ASN D 33 -18.26 -2.68 -6.72
CA ASN D 33 -17.56 -2.80 -7.98
C ASN D 33 -18.31 -3.81 -8.88
N GLY D 34 -18.72 -4.93 -8.29
CA GLY D 34 -19.51 -5.93 -9.01
C GLY D 34 -20.85 -5.38 -9.49
N LEU D 35 -21.42 -4.43 -8.73
CA LEU D 35 -22.64 -3.76 -9.08
C LEU D 35 -22.38 -2.76 -10.21
N ALA D 36 -21.21 -2.08 -10.20
CA ALA D 36 -20.81 -1.15 -11.26
C ALA D 36 -20.53 -1.91 -12.59
N GLU D 37 -20.24 -3.22 -12.55
CA GLU D 37 -20.04 -4.05 -13.73
C GLU D 37 -21.40 -4.36 -14.36
N VAL D 38 -22.43 -4.65 -13.54
CA VAL D 38 -23.77 -4.84 -14.07
C VAL D 38 -24.33 -3.48 -14.65
N GLY D 39 -23.87 -2.36 -14.10
CA GLY D 39 -24.19 -1.03 -14.59
C GLY D 39 -23.47 -0.73 -15.89
N LYS D 40 -22.24 -1.25 -16.03
CA LYS D 40 -21.41 -1.13 -17.25
C LYS D 40 -22.10 -1.94 -18.35
N LYS D 41 -22.53 -3.18 -18.02
CA LYS D 41 -23.26 -4.11 -18.88
C LYS D 41 -24.56 -3.50 -19.42
N PHE D 42 -25.12 -2.49 -18.71
CA PHE D 42 -26.32 -1.72 -19.07
C PHE D 42 -25.90 -0.47 -19.90
N GLU D 43 -24.76 0.13 -19.55
CA GLU D 43 -24.15 1.26 -20.25
C GLU D 43 -23.52 0.79 -21.60
N LYS D 44 -24.00 -0.34 -22.16
CA LYS D 44 -23.54 -0.90 -23.43
C LYS D 44 -24.78 -1.28 -24.26
N ASP D 45 -25.70 -2.06 -23.67
CA ASP D 45 -26.92 -2.50 -24.35
C ASP D 45 -27.96 -1.41 -24.55
N THR D 46 -27.89 -0.32 -23.76
CA THR D 46 -28.80 0.83 -23.87
C THR D 46 -28.07 2.19 -23.49
N GLY D 47 -26.76 2.13 -23.23
CA GLY D 47 -25.93 3.29 -22.94
C GLY D 47 -26.16 3.98 -21.62
N ILE D 48 -27.36 3.81 -21.03
CA ILE D 48 -27.79 4.41 -19.77
C ILE D 48 -26.75 4.29 -18.68
N LYS D 49 -26.01 5.41 -18.46
CA LYS D 49 -24.91 5.51 -17.49
C LYS D 49 -25.38 5.43 -16.04
N VAL D 50 -25.12 4.30 -15.42
CA VAL D 50 -25.46 4.06 -14.03
C VAL D 50 -24.25 4.42 -13.19
N THR D 51 -24.47 4.94 -11.98
CA THR D 51 -23.38 5.31 -11.07
C THR D 51 -23.62 4.68 -9.66
N VAL D 52 -22.58 4.11 -9.06
CA VAL D 52 -22.72 3.48 -7.73
C VAL D 52 -21.88 4.18 -6.65
N GLU D 53 -22.56 4.91 -5.75
CA GLU D 53 -21.92 5.60 -4.63
C GLU D 53 -22.20 4.88 -3.33
N HIS D 54 -21.26 4.94 -2.37
CA HIS D 54 -21.45 4.25 -1.10
C HIS D 54 -21.30 5.16 0.15
N PRO D 55 -22.21 6.14 0.39
CA PRO D 55 -22.02 7.02 1.57
C PRO D 55 -22.13 6.35 2.92
N ASP D 56 -21.58 6.98 3.97
CA ASP D 56 -21.68 6.39 5.31
C ASP D 56 -23.02 6.75 5.96
N LYS D 57 -23.49 5.94 6.93
CA LYS D 57 -24.80 6.15 7.57
C LYS D 57 -25.93 6.30 6.54
N LEU D 58 -25.80 5.52 5.46
CA LEU D 58 -26.68 5.46 4.30
C LEU D 58 -28.14 5.29 4.70
N GLU D 59 -28.41 4.46 5.73
CA GLU D 59 -29.76 4.17 6.23
C GLU D 59 -30.44 5.38 6.86
N GLU D 60 -29.67 6.43 7.19
CA GLU D 60 -30.16 7.68 7.73
C GLU D 60 -30.12 8.78 6.65
N LYS D 61 -29.11 8.74 5.75
CA LYS D 61 -29.04 9.72 4.66
C LYS D 61 -30.19 9.53 3.68
N PHE D 62 -30.57 8.26 3.37
CA PHE D 62 -31.68 8.04 2.45
C PHE D 62 -32.99 8.68 2.92
N PRO D 63 -33.57 8.38 4.11
CA PRO D 63 -34.85 9.01 4.47
C PRO D 63 -34.80 10.52 4.47
N GLN D 64 -33.63 11.07 4.84
CA GLN D 64 -33.37 12.50 4.85
C GLN D 64 -33.57 13.08 3.41
N VAL D 65 -32.63 12.80 2.48
CA VAL D 65 -32.66 13.27 1.11
C VAL D 65 -33.90 12.89 0.32
N ALA D 66 -34.50 11.71 0.56
CA ALA D 66 -35.66 11.29 -0.21
C ALA D 66 -36.94 12.04 0.11
N ALA D 67 -37.04 12.67 1.30
CA ALA D 67 -38.26 13.40 1.67
C ALA D 67 -38.50 14.60 0.77
N THR D 68 -37.42 15.25 0.36
CA THR D 68 -37.48 16.41 -0.51
C THR D 68 -37.46 16.04 -1.99
N GLY D 69 -37.70 14.79 -2.32
CA GLY D 69 -37.69 14.34 -3.71
C GLY D 69 -36.28 14.35 -4.29
N ASP D 70 -35.30 13.98 -3.48
CA ASP D 70 -33.90 13.98 -3.91
C ASP D 70 -33.23 12.63 -3.61
N GLY D 71 -32.00 12.44 -4.07
CA GLY D 71 -31.26 11.22 -3.79
C GLY D 71 -31.10 10.22 -4.92
N PRO D 72 -30.92 8.94 -4.58
CA PRO D 72 -30.72 7.94 -5.62
C PRO D 72 -32.03 7.41 -6.20
N ASP D 73 -31.94 6.71 -7.35
CA ASP D 73 -33.13 6.11 -7.96
C ASP D 73 -33.36 4.67 -7.39
N ILE D 74 -32.25 3.99 -6.98
CA ILE D 74 -32.29 2.66 -6.37
C ILE D 74 -31.56 2.71 -5.03
N ILE D 75 -32.16 2.18 -3.97
CA ILE D 75 -31.51 2.15 -2.66
C ILE D 75 -31.35 0.70 -2.21
N PHE D 76 -30.15 0.34 -1.71
CA PHE D 76 -29.83 -1.00 -1.21
C PHE D 76 -29.68 -1.00 0.31
N TRP D 77 -30.31 -1.97 0.97
CA TRP D 77 -30.22 -2.16 2.42
C TRP D 77 -30.99 -3.42 2.81
N ALA D 78 -30.81 -3.90 4.05
CA ALA D 78 -31.61 -5.00 4.56
C ALA D 78 -33.05 -4.44 4.75
N HIS D 79 -34.08 -5.18 4.30
CA HIS D 79 -35.52 -4.89 4.36
C HIS D 79 -36.07 -4.17 5.58
N ASP D 80 -35.49 -4.39 6.79
CA ASP D 80 -36.00 -3.85 8.06
C ASP D 80 -36.23 -2.36 8.03
N ARG D 81 -35.31 -1.61 7.41
CA ARG D 81 -35.35 -0.15 7.29
C ARG D 81 -36.44 0.31 6.34
N PHE D 82 -36.60 -0.45 5.24
CA PHE D 82 -37.54 -0.24 4.15
C PHE D 82 -39.06 -0.10 4.54
N GLY D 83 -39.50 -0.64 5.69
CA GLY D 83 -40.89 -0.50 6.11
C GLY D 83 -41.26 0.94 6.43
N GLY D 84 -40.34 1.63 7.10
CA GLY D 84 -40.52 3.03 7.49
C GLY D 84 -40.36 3.97 6.31
N TYR D 85 -39.51 3.60 5.32
CA TYR D 85 -39.30 4.43 4.12
C TYR D 85 -40.60 4.46 3.33
N ALA D 86 -41.20 3.27 3.13
CA ALA D 86 -42.44 3.08 2.39
C ALA D 86 -43.58 3.85 3.05
N GLN D 87 -43.63 3.79 4.39
CA GLN D 87 -44.59 4.45 5.30
C GLN D 87 -44.60 5.99 5.14
N SER D 88 -43.50 6.55 4.65
CA SER D 88 -43.39 7.97 4.46
C SER D 88 -43.17 8.36 3.00
N GLY D 89 -43.78 7.61 2.10
CA GLY D 89 -43.77 7.86 0.66
C GLY D 89 -42.45 8.00 -0.06
N LEU D 90 -41.37 7.45 0.53
CA LEU D 90 -40.05 7.54 -0.13
C LEU D 90 -39.90 6.48 -1.18
N LEU D 91 -40.39 5.28 -0.90
CA LEU D 91 -40.30 4.18 -1.84
C LEU D 91 -41.49 4.18 -2.80
N ALA D 92 -41.32 3.46 -3.91
CA ALA D 92 -42.31 3.19 -4.96
C ALA D 92 -42.57 1.67 -4.94
N GLU D 93 -43.84 1.28 -5.08
CA GLU D 93 -44.20 -0.13 -5.10
C GLU D 93 -43.80 -0.74 -6.44
N ILE D 94 -42.89 -1.72 -6.38
CA ILE D 94 -42.30 -2.39 -7.53
C ILE D 94 -43.33 -3.19 -8.36
N THR D 95 -43.09 -3.30 -9.70
CA THR D 95 -43.99 -3.92 -10.69
C THR D 95 -43.45 -5.22 -11.39
N PRO D 96 -43.31 -6.35 -10.66
CA PRO D 96 -42.85 -7.59 -11.33
C PRO D 96 -44.01 -8.47 -11.82
N ASP D 97 -43.78 -9.30 -12.86
CA ASP D 97 -44.81 -10.25 -13.30
C ASP D 97 -44.80 -11.48 -12.37
N LYS D 98 -45.89 -12.26 -12.35
CA LYS D 98 -45.96 -13.46 -11.49
C LYS D 98 -44.96 -14.55 -11.92
N ALA D 99 -44.60 -14.57 -13.22
CA ALA D 99 -43.64 -15.53 -13.77
C ALA D 99 -42.24 -15.24 -13.21
N PHE D 100 -41.85 -13.95 -13.20
CA PHE D 100 -40.56 -13.50 -12.69
C PHE D 100 -40.48 -13.83 -11.21
N GLN D 101 -41.55 -13.49 -10.45
CA GLN D 101 -41.64 -13.73 -9.02
C GLN D 101 -41.40 -15.20 -8.64
N ASP D 102 -41.72 -16.13 -9.56
CA ASP D 102 -41.51 -17.56 -9.32
C ASP D 102 -40.02 -17.95 -9.38
N LYS D 103 -39.19 -17.18 -10.11
CA LYS D 103 -37.74 -17.43 -10.18
C LYS D 103 -37.02 -17.15 -8.84
N LEU D 104 -37.71 -16.48 -7.87
CA LEU D 104 -37.24 -16.11 -6.53
C LEU D 104 -38.01 -16.85 -5.42
N TYR D 105 -37.38 -17.02 -4.25
CA TYR D 105 -37.94 -17.68 -3.07
C TYR D 105 -39.16 -16.95 -2.51
N PRO D 106 -40.13 -17.67 -1.90
CA PRO D 106 -41.34 -17.00 -1.40
C PRO D 106 -41.15 -16.15 -0.16
N PHE D 107 -40.18 -16.53 0.68
CA PHE D 107 -39.88 -15.84 1.93
C PHE D 107 -39.06 -14.58 1.72
N THR D 108 -38.29 -14.50 0.62
CA THR D 108 -37.54 -13.31 0.30
C THR D 108 -38.50 -12.20 -0.19
N TRP D 109 -39.66 -12.57 -0.79
CA TRP D 109 -40.70 -11.64 -1.20
C TRP D 109 -41.50 -11.19 0.03
N ASP D 110 -41.73 -12.12 0.98
CA ASP D 110 -42.41 -11.88 2.25
C ASP D 110 -41.69 -10.78 3.02
N ALA D 111 -40.34 -10.79 2.98
CA ALA D 111 -39.50 -9.81 3.66
C ALA D 111 -39.63 -8.37 3.10
N VAL D 112 -40.01 -8.24 1.83
CA VAL D 112 -40.21 -6.93 1.20
C VAL D 112 -41.70 -6.60 0.93
N ARG D 113 -42.56 -7.07 1.82
CA ARG D 113 -43.98 -6.84 1.72
C ARG D 113 -44.39 -5.86 2.81
N TYR D 114 -44.90 -4.68 2.43
CA TYR D 114 -45.31 -3.69 3.43
C TYR D 114 -46.72 -3.22 3.19
N ASN D 115 -47.62 -3.66 4.07
CA ASN D 115 -49.05 -3.41 4.00
C ASN D 115 -49.60 -4.02 2.70
N GLY D 116 -49.18 -5.26 2.42
CA GLY D 116 -49.60 -5.97 1.22
C GLY D 116 -48.83 -5.63 -0.04
N LYS D 117 -48.33 -4.40 -0.14
CA LYS D 117 -47.54 -3.92 -1.27
C LYS D 117 -46.14 -4.58 -1.31
N LEU D 118 -45.46 -4.51 -2.46
CA LEU D 118 -44.09 -5.00 -2.58
C LEU D 118 -43.24 -3.74 -2.65
N ILE D 119 -42.29 -3.57 -1.70
CA ILE D 119 -41.51 -2.33 -1.61
C ILE D 119 -40.12 -2.38 -2.24
N ALA D 120 -39.53 -3.56 -2.38
CA ALA D 120 -38.18 -3.68 -2.90
C ALA D 120 -37.96 -5.04 -3.60
N TYR D 121 -36.86 -5.21 -4.35
CA TYR D 121 -36.55 -6.47 -5.01
C TYR D 121 -35.58 -7.21 -4.13
N PRO D 122 -35.93 -8.41 -3.62
CA PRO D 122 -34.97 -9.14 -2.77
C PRO D 122 -33.73 -9.64 -3.52
N ILE D 123 -32.52 -9.25 -3.08
CA ILE D 123 -31.24 -9.62 -3.67
C ILE D 123 -30.63 -10.84 -2.96
N ALA D 124 -30.57 -10.80 -1.60
CA ALA D 124 -29.96 -11.91 -0.85
C ALA D 124 -30.34 -11.95 0.62
N VAL D 125 -30.39 -13.16 1.18
CA VAL D 125 -30.62 -13.35 2.60
C VAL D 125 -29.25 -13.45 3.19
N GLU D 126 -28.93 -12.53 4.05
CA GLU D 126 -27.63 -12.46 4.68
C GLU D 126 -27.80 -12.60 6.19
N ALA D 127 -27.07 -13.54 6.79
CA ALA D 127 -27.13 -13.74 8.24
C ALA D 127 -25.72 -13.84 8.84
N LEU D 128 -25.53 -13.36 10.07
CA LEU D 128 -24.23 -13.45 10.72
C LEU D 128 -23.90 -14.91 11.07
N SER D 129 -22.60 -15.24 11.13
CA SER D 129 -22.11 -16.59 11.40
C SER D 129 -20.84 -16.57 12.27
N LEU D 130 -20.45 -17.74 12.79
CA LEU D 130 -19.19 -17.84 13.53
C LEU D 130 -18.00 -18.16 12.60
N ILE D 131 -17.18 -17.15 12.26
CA ILE D 131 -16.01 -17.34 11.42
C ILE D 131 -14.84 -17.67 12.36
N TYR D 132 -14.11 -18.77 12.11
CA TYR D 132 -13.00 -19.16 12.99
C TYR D 132 -11.68 -19.47 12.25
N ASN D 133 -10.55 -19.46 12.98
CA ASN D 133 -9.27 -19.81 12.38
C ASN D 133 -8.99 -21.27 12.70
N LYS D 134 -8.96 -22.15 11.70
CA LYS D 134 -8.74 -23.58 11.92
C LYS D 134 -7.40 -23.88 12.57
N ASP D 135 -6.36 -23.06 12.29
CA ASP D 135 -4.99 -23.28 12.82
C ASP D 135 -4.85 -22.93 14.30
N LEU D 136 -5.77 -22.14 14.87
CA LEU D 136 -5.81 -21.81 16.31
C LEU D 136 -6.91 -22.65 17.01
N LEU D 137 -8.04 -22.82 16.33
CA LEU D 137 -9.18 -23.58 16.82
C LEU D 137 -9.59 -24.58 15.78
N PRO D 138 -9.05 -25.80 15.84
CA PRO D 138 -9.47 -26.84 14.88
C PRO D 138 -10.96 -27.21 15.08
N ASN D 139 -11.44 -27.11 16.33
CA ASN D 139 -12.83 -27.32 16.69
C ASN D 139 -13.40 -26.08 17.44
N PRO D 140 -14.30 -25.35 16.77
CA PRO D 140 -14.86 -24.11 17.34
C PRO D 140 -15.88 -24.29 18.46
N PRO D 141 -15.90 -23.39 19.46
CA PRO D 141 -16.87 -23.52 20.56
C PRO D 141 -18.33 -23.73 20.17
N LYS D 142 -18.94 -24.81 20.69
CA LYS D 142 -20.35 -25.12 20.46
C LYS D 142 -21.28 -24.21 21.30
N THR D 143 -20.79 -23.79 22.48
CA THR D 143 -21.49 -22.95 23.45
C THR D 143 -20.66 -21.67 23.74
N TRP D 144 -21.33 -20.55 24.11
CA TRP D 144 -20.70 -19.24 24.46
C TRP D 144 -19.85 -19.38 25.73
N GLU D 145 -20.40 -20.11 26.70
CA GLU D 145 -19.87 -20.37 28.03
C GLU D 145 -18.44 -20.88 28.04
N GLU D 146 -18.00 -21.59 26.99
CA GLU D 146 -16.63 -22.10 26.93
C GLU D 146 -15.65 -21.09 26.32
N ILE D 147 -16.13 -20.04 25.64
CA ILE D 147 -15.25 -19.01 25.04
C ILE D 147 -14.35 -18.30 26.10
N PRO D 148 -14.82 -17.95 27.33
CA PRO D 148 -13.88 -17.39 28.33
C PRO D 148 -12.75 -18.36 28.71
N ALA D 149 -13.06 -19.64 28.96
CA ALA D 149 -12.07 -20.69 29.31
C ALA D 149 -11.08 -20.93 28.14
N LEU D 150 -11.59 -20.88 26.90
CA LEU D 150 -10.82 -21.02 25.67
C LEU D 150 -9.83 -19.85 25.52
N ASP D 151 -10.28 -18.64 25.88
CA ASP D 151 -9.43 -17.47 25.84
C ASP D 151 -8.24 -17.61 26.80
N LYS D 152 -8.42 -18.35 27.93
CA LYS D 152 -7.35 -18.59 28.89
C LYS D 152 -6.18 -19.32 28.20
N GLU D 153 -6.48 -20.45 27.52
CA GLU D 153 -5.47 -21.21 26.79
C GLU D 153 -4.90 -20.38 25.65
N LEU D 154 -5.77 -19.69 24.90
CA LEU D 154 -5.37 -18.88 23.74
C LEU D 154 -4.42 -17.75 24.08
N LYS D 155 -4.53 -17.21 25.30
CA LYS D 155 -3.63 -16.14 25.73
C LYS D 155 -2.24 -16.64 26.18
N ALA D 156 -1.91 -17.93 25.94
CA ALA D 156 -0.59 -18.46 26.24
C ALA D 156 0.34 -18.01 25.09
N LYS D 157 -0.12 -18.21 23.84
CA LYS D 157 0.63 -17.74 22.68
C LYS D 157 0.27 -16.27 22.38
N GLY D 158 -0.06 -15.49 23.41
CA GLY D 158 -0.42 -14.08 23.30
C GLY D 158 -1.52 -13.83 22.28
N LYS D 159 -2.62 -14.61 22.38
CA LYS D 159 -3.71 -14.47 21.42
C LYS D 159 -5.08 -14.38 22.08
N SER D 160 -6.06 -13.84 21.33
CA SER D 160 -7.45 -13.67 21.76
C SER D 160 -8.33 -14.79 21.16
N ALA D 161 -9.46 -15.08 21.81
CA ALA D 161 -10.40 -16.09 21.30
C ALA D 161 -11.43 -15.45 20.32
N LEU D 162 -12.13 -14.37 20.74
CA LEU D 162 -13.15 -13.74 19.90
C LEU D 162 -13.02 -12.25 19.84
N MET D 163 -13.37 -11.68 18.69
CA MET D 163 -13.30 -10.25 18.46
C MET D 163 -14.28 -9.87 17.39
N PHE D 164 -15.28 -9.04 17.73
CA PHE D 164 -16.27 -8.61 16.74
C PHE D 164 -16.77 -7.22 17.05
N ASN D 165 -17.33 -6.51 16.03
CA ASN D 165 -17.90 -5.16 16.12
C ASN D 165 -18.88 -5.12 17.24
N LEU D 166 -18.61 -4.29 18.24
CA LEU D 166 -19.51 -4.14 19.39
C LEU D 166 -20.35 -2.86 19.37
N GLN D 167 -19.99 -1.91 18.50
CA GLN D 167 -20.60 -0.61 18.33
C GLN D 167 -21.97 -0.69 17.60
N GLU D 168 -22.21 -1.80 16.83
CA GLU D 168 -23.47 -2.06 16.14
C GLU D 168 -24.26 -3.19 16.81
N PRO D 169 -25.55 -2.96 17.16
CA PRO D 169 -26.33 -4.01 17.84
C PRO D 169 -26.79 -5.18 16.95
N TYR D 170 -26.42 -5.17 15.68
CA TYR D 170 -26.70 -6.22 14.71
C TYR D 170 -25.95 -7.49 15.15
N PHE D 171 -24.67 -7.31 15.54
CA PHE D 171 -23.67 -8.28 15.99
C PHE D 171 -23.90 -8.74 17.42
N THR D 172 -24.36 -7.84 18.23
CA THR D 172 -24.57 -8.06 19.64
C THR D 172 -25.93 -8.73 19.92
N TRP D 173 -26.95 -8.42 19.10
CA TRP D 173 -28.26 -9.02 19.28
C TRP D 173 -28.28 -10.55 19.30
N PRO D 174 -27.62 -11.27 18.37
CA PRO D 174 -27.64 -12.74 18.42
C PRO D 174 -27.43 -13.37 19.79
N LEU D 175 -26.48 -12.86 20.61
CA LEU D 175 -26.26 -13.36 21.96
C LEU D 175 -27.39 -12.90 22.94
N ILE D 176 -27.77 -11.61 22.92
CA ILE D 176 -28.83 -11.09 23.77
C ILE D 176 -30.16 -11.81 23.53
N ALA D 177 -30.43 -12.18 22.27
CA ALA D 177 -31.66 -12.88 21.90
C ALA D 177 -31.68 -14.42 22.16
N ALA D 178 -30.53 -15.04 22.53
CA ALA D 178 -30.48 -16.47 22.76
C ALA D 178 -31.40 -16.96 23.87
N ASP D 179 -31.47 -16.31 25.03
CA ASP D 179 -32.38 -16.77 26.09
C ASP D 179 -33.85 -16.31 25.86
N ASP D 199 -35.95 -5.88 25.95
CA ASP D 199 -35.75 -5.87 27.42
C ASP D 199 -36.60 -6.92 28.24
N ASN D 200 -35.93 -7.95 28.79
CA ASN D 200 -36.53 -8.99 29.65
C ASN D 200 -35.40 -9.72 30.41
N ALA D 201 -35.73 -10.72 31.26
CA ALA D 201 -34.72 -11.44 32.03
C ALA D 201 -33.81 -12.38 31.19
N GLY D 202 -34.27 -12.74 30.01
CA GLY D 202 -33.47 -13.50 29.06
C GLY D 202 -32.52 -12.57 28.32
N ALA D 203 -33.00 -11.38 27.97
CA ALA D 203 -32.22 -10.34 27.31
C ALA D 203 -31.13 -9.84 28.26
N LYS D 204 -31.48 -9.67 29.55
CA LYS D 204 -30.56 -9.23 30.59
C LYS D 204 -29.43 -10.21 30.73
N ALA D 205 -29.72 -11.52 30.65
CA ALA D 205 -28.75 -12.61 30.76
C ALA D 205 -27.73 -12.63 29.61
N GLY D 206 -28.19 -12.40 28.39
CA GLY D 206 -27.32 -12.37 27.22
C GLY D 206 -26.40 -11.17 27.22
N LEU D 207 -26.90 -10.03 27.66
CA LEU D 207 -26.07 -8.82 27.77
C LEU D 207 -25.15 -8.89 28.99
N THR D 208 -25.60 -9.56 30.08
CA THR D 208 -24.80 -9.81 31.28
C THR D 208 -23.53 -10.56 30.89
N PHE D 209 -23.67 -11.63 30.09
CA PHE D 209 -22.55 -12.42 29.62
C PHE D 209 -21.57 -11.61 28.80
N LEU D 210 -22.07 -10.87 27.82
CA LEU D 210 -21.23 -10.05 26.96
C LEU D 210 -20.47 -8.99 27.79
N VAL D 211 -21.20 -8.28 28.67
CA VAL D 211 -20.61 -7.26 29.52
C VAL D 211 -19.58 -7.87 30.48
N ASP D 212 -19.79 -9.13 30.89
CA ASP D 212 -18.83 -9.84 31.73
C ASP D 212 -17.61 -10.21 30.88
N LEU D 213 -17.77 -10.50 29.57
CA LEU D 213 -16.61 -10.77 28.71
C LEU D 213 -15.69 -9.56 28.65
N ILE D 214 -16.27 -8.37 28.61
CA ILE D 214 -15.52 -7.14 28.59
C ILE D 214 -14.91 -6.88 29.94
N LYS D 215 -15.69 -7.06 31.02
CA LYS D 215 -15.22 -6.85 32.39
C LYS D 215 -14.07 -7.80 32.81
N ASN D 216 -14.13 -9.11 32.45
CA ASN D 216 -13.06 -10.09 32.74
C ASN D 216 -11.91 -10.04 31.70
N LYS D 217 -11.75 -8.87 31.05
CA LYS D 217 -10.75 -8.49 30.05
C LYS D 217 -10.56 -9.53 28.95
N HIS D 218 -11.63 -10.23 28.59
CA HIS D 218 -11.58 -11.18 27.49
C HIS D 218 -11.73 -10.38 26.19
N MET D 219 -12.70 -9.42 26.17
CA MET D 219 -12.99 -8.55 25.03
C MET D 219 -12.87 -7.06 25.38
N ASN D 220 -12.57 -6.22 24.38
CA ASN D 220 -12.46 -4.78 24.58
C ASN D 220 -13.72 -4.06 24.01
N ALA D 221 -14.30 -3.13 24.77
CA ALA D 221 -15.51 -2.41 24.36
C ALA D 221 -15.33 -1.45 23.19
N ASP D 222 -14.09 -1.18 22.78
CA ASP D 222 -13.81 -0.29 21.66
C ASP D 222 -13.71 -1.01 20.31
N THR D 223 -13.78 -2.33 20.33
CA THR D 223 -13.72 -3.17 19.16
C THR D 223 -14.81 -2.79 18.14
N ASP D 224 -14.43 -2.06 17.07
CA ASP D 224 -15.37 -1.75 16.00
C ASP D 224 -15.17 -2.77 14.85
N TYR D 225 -15.84 -2.62 13.69
CA TYR D 225 -15.71 -3.58 12.59
C TYR D 225 -14.26 -3.74 12.09
N SER D 226 -13.60 -2.59 11.76
CA SER D 226 -12.28 -2.50 11.19
C SER D 226 -11.24 -3.09 12.09
N ILE D 227 -11.36 -2.85 13.42
CA ILE D 227 -10.44 -3.39 14.42
C ILE D 227 -10.55 -4.94 14.44
N ALA D 228 -11.78 -5.46 14.53
CA ALA D 228 -12.08 -6.90 14.58
C ALA D 228 -11.66 -7.65 13.30
N GLU D 229 -11.91 -7.05 12.13
CA GLU D 229 -11.55 -7.62 10.85
C GLU D 229 -10.04 -7.60 10.73
N ALA D 230 -9.40 -6.46 11.10
CA ALA D 230 -7.94 -6.40 11.07
C ALA D 230 -7.29 -7.51 11.95
N ALA D 231 -7.63 -7.57 13.25
CA ALA D 231 -7.05 -8.55 14.15
C ALA D 231 -7.28 -9.98 13.74
N PHE D 232 -8.45 -10.28 13.17
CA PHE D 232 -8.72 -11.65 12.72
C PHE D 232 -7.84 -11.95 11.51
N ASN D 233 -7.99 -11.14 10.43
CA ASN D 233 -7.28 -11.33 9.17
C ASN D 233 -5.77 -11.37 9.33
N LYS D 234 -5.22 -10.66 10.34
CA LYS D 234 -3.78 -10.66 10.64
C LYS D 234 -3.36 -12.04 11.18
N GLY D 235 -4.18 -12.59 12.06
CA GLY D 235 -3.94 -13.86 12.72
C GLY D 235 -3.91 -13.76 14.24
N GLU D 236 -4.08 -12.54 14.77
CA GLU D 236 -4.07 -12.16 16.18
C GLU D 236 -5.21 -12.74 17.06
N THR D 237 -6.41 -13.00 16.49
CA THR D 237 -7.57 -13.55 17.23
C THR D 237 -8.05 -14.84 16.54
N ALA D 238 -8.63 -15.76 17.32
CA ALA D 238 -9.04 -17.06 16.80
C ALA D 238 -10.42 -17.11 16.15
N MET D 239 -11.26 -16.09 16.37
CA MET D 239 -12.63 -16.07 15.84
C MET D 239 -13.17 -14.66 15.68
N THR D 240 -14.22 -14.54 14.87
CA THR D 240 -14.98 -13.32 14.70
C THR D 240 -16.39 -13.68 14.25
N ILE D 241 -17.35 -12.83 14.59
CA ILE D 241 -18.72 -13.00 14.14
C ILE D 241 -18.83 -11.97 13.00
N ASN D 242 -19.37 -12.37 11.87
CA ASN D 242 -19.53 -11.48 10.72
C ASN D 242 -20.47 -12.10 9.69
N GLY D 243 -20.75 -11.34 8.63
CA GLY D 243 -21.66 -11.78 7.59
C GLY D 243 -20.97 -12.08 6.30
N PRO D 244 -21.70 -12.72 5.38
CA PRO D 244 -21.12 -13.14 4.10
C PRO D 244 -20.17 -12.18 3.40
N TRP D 245 -20.50 -10.88 3.39
CA TRP D 245 -19.73 -9.82 2.76
C TRP D 245 -18.29 -9.83 3.18
N ALA D 246 -18.01 -10.21 4.44
CA ALA D 246 -16.68 -10.24 5.05
C ALA D 246 -15.71 -11.35 4.57
N TRP D 247 -16.17 -12.29 3.72
CA TRP D 247 -15.32 -13.38 3.26
C TRP D 247 -14.25 -12.93 2.27
N SER D 248 -14.56 -12.03 1.31
CA SER D 248 -13.56 -11.59 0.33
C SER D 248 -12.23 -11.11 0.94
N ASN D 249 -12.29 -10.24 1.96
CA ASN D 249 -11.09 -9.72 2.60
C ASN D 249 -10.35 -10.77 3.41
N ILE D 250 -11.07 -11.83 3.90
CA ILE D 250 -10.45 -12.96 4.63
C ILE D 250 -9.71 -13.83 3.63
N ASP D 251 -10.35 -14.09 2.45
CA ASP D 251 -9.78 -14.87 1.37
C ASP D 251 -8.42 -14.32 0.94
N THR D 252 -8.32 -12.99 0.79
CA THR D 252 -7.07 -12.28 0.46
C THR D 252 -6.02 -12.46 1.58
N SER D 253 -6.45 -12.64 2.84
CA SER D 253 -5.53 -12.88 3.96
C SER D 253 -4.96 -14.31 3.96
N LYS D 254 -5.45 -15.18 3.04
CA LYS D 254 -5.03 -16.58 2.86
C LYS D 254 -5.03 -17.32 4.18
N VAL D 255 -6.06 -17.05 4.99
CA VAL D 255 -6.18 -17.62 6.32
C VAL D 255 -7.05 -18.83 6.27
N ASN D 256 -6.59 -19.90 6.94
CA ASN D 256 -7.34 -21.14 7.03
C ASN D 256 -8.56 -20.88 7.89
N TYR D 257 -9.75 -20.78 7.28
CA TYR D 257 -10.94 -20.42 8.06
C TYR D 257 -12.16 -21.25 7.80
N GLY D 258 -13.01 -21.34 8.81
CA GLY D 258 -14.30 -21.97 8.71
C GLY D 258 -15.39 -20.96 9.00
N VAL D 259 -16.54 -21.13 8.35
CA VAL D 259 -17.72 -20.29 8.57
C VAL D 259 -18.71 -21.28 9.17
N THR D 260 -19.12 -21.07 10.42
CA THR D 260 -19.95 -22.04 11.10
C THR D 260 -21.18 -21.41 11.82
N VAL D 261 -22.03 -22.26 12.42
CA VAL D 261 -23.18 -21.84 13.20
C VAL D 261 -22.71 -21.07 14.47
N LEU D 262 -23.54 -20.17 14.97
CA LEU D 262 -23.22 -19.41 16.17
C LEU D 262 -23.25 -20.30 17.40
N PRO D 263 -22.43 -20.00 18.41
CA PRO D 263 -22.47 -20.81 19.64
C PRO D 263 -23.76 -20.57 20.44
N THR D 264 -24.25 -21.58 21.18
CA THR D 264 -25.48 -21.45 21.97
C THR D 264 -25.21 -20.66 23.26
N PHE D 265 -26.29 -20.23 23.92
CA PHE D 265 -26.20 -19.59 25.22
C PHE D 265 -27.31 -20.21 26.05
N LYS D 266 -26.96 -20.67 27.25
CA LYS D 266 -27.85 -21.35 28.20
C LYS D 266 -28.56 -22.60 27.60
N GLY D 267 -27.91 -23.24 26.62
CA GLY D 267 -28.42 -24.44 25.97
C GLY D 267 -29.10 -24.16 24.65
N GLN D 268 -29.93 -23.12 24.65
CA GLN D 268 -30.66 -22.65 23.51
C GLN D 268 -29.75 -21.90 22.55
N PRO D 269 -30.04 -21.92 21.24
CA PRO D 269 -29.17 -21.23 20.28
C PRO D 269 -29.21 -19.69 20.25
N SER D 270 -28.14 -19.08 19.69
CA SER D 270 -28.02 -17.62 19.46
C SER D 270 -28.97 -17.27 18.32
N LYS D 271 -29.74 -16.18 18.44
CA LYS D 271 -30.73 -15.85 17.43
C LYS D 271 -30.37 -14.58 16.67
N PRO D 272 -29.71 -14.70 15.51
CA PRO D 272 -29.39 -13.50 14.73
C PRO D 272 -30.60 -12.98 13.98
N PHE D 273 -30.80 -11.65 14.09
CA PHE D 273 -31.88 -10.94 13.42
C PHE D 273 -31.54 -10.92 11.93
N VAL D 274 -32.17 -11.79 11.15
CA VAL D 274 -31.94 -12.00 9.72
C VAL D 274 -32.33 -10.83 8.81
N GLY D 275 -31.41 -10.49 7.93
CA GLY D 275 -31.59 -9.43 6.95
C GLY D 275 -31.67 -9.94 5.54
N VAL D 276 -32.55 -9.32 4.75
CA VAL D 276 -32.78 -9.65 3.35
C VAL D 276 -32.45 -8.37 2.57
N LEU D 277 -31.18 -8.25 2.16
CA LEU D 277 -30.64 -7.14 1.36
C LEU D 277 -31.47 -7.02 0.11
N SER D 278 -32.17 -5.91 -0.02
CA SER D 278 -33.09 -5.66 -1.12
C SER D 278 -32.80 -4.31 -1.83
N ALA D 279 -33.58 -3.96 -2.88
CA ALA D 279 -33.40 -2.73 -3.63
C ALA D 279 -34.74 -2.11 -3.95
N GLY D 280 -34.98 -0.93 -3.41
CA GLY D 280 -36.24 -0.22 -3.63
C GLY D 280 -36.06 0.91 -4.62
N ILE D 281 -37.17 1.63 -4.90
CA ILE D 281 -37.12 2.72 -5.88
C ILE D 281 -37.66 4.03 -5.32
N ASN D 282 -36.87 5.09 -5.37
CA ASN D 282 -37.26 6.40 -4.88
C ASN D 282 -38.44 6.89 -5.69
N ALA D 283 -39.56 7.20 -5.05
CA ALA D 283 -40.78 7.67 -5.70
C ALA D 283 -40.51 8.89 -6.60
N ALA D 284 -39.51 9.72 -6.24
CA ALA D 284 -39.16 10.88 -7.06
C ALA D 284 -38.16 10.52 -8.15
N SER D 285 -38.17 9.26 -8.62
CA SER D 285 -37.27 8.82 -9.65
C SER D 285 -37.96 8.99 -10.96
N PRO D 286 -37.43 9.85 -11.84
CA PRO D 286 -38.01 9.92 -13.19
C PRO D 286 -37.75 8.62 -13.98
N ASN D 287 -36.57 8.01 -13.73
CA ASN D 287 -36.02 6.76 -14.28
C ASN D 287 -36.68 5.49 -13.71
N LYS D 288 -37.97 5.57 -13.38
CA LYS D 288 -38.77 4.49 -12.81
C LYS D 288 -38.67 3.11 -13.51
N GLU D 289 -39.05 3.04 -14.81
CA GLU D 289 -39.10 1.79 -15.56
C GLU D 289 -37.72 1.27 -15.93
N LEU D 290 -36.80 2.16 -16.33
CA LEU D 290 -35.44 1.73 -16.67
C LEU D 290 -34.70 1.06 -15.47
N ALA D 291 -35.26 1.18 -14.25
CA ALA D 291 -34.74 0.57 -13.04
C ALA D 291 -35.40 -0.80 -12.82
N LYS D 292 -36.64 -1.00 -13.28
CA LYS D 292 -37.30 -2.30 -13.22
C LYS D 292 -36.55 -3.22 -14.24
N GLU D 293 -36.23 -2.68 -15.44
CA GLU D 293 -35.50 -3.33 -16.52
C GLU D 293 -34.06 -3.65 -16.09
N PHE D 294 -33.44 -2.81 -15.25
CA PHE D 294 -32.08 -3.07 -14.77
C PHE D 294 -32.06 -4.10 -13.62
N LEU D 295 -32.97 -3.94 -12.64
CA LEU D 295 -33.00 -4.83 -11.49
C LEU D 295 -33.54 -6.22 -11.82
N GLU D 296 -34.45 -6.34 -12.80
CA GLU D 296 -34.98 -7.65 -13.17
C GLU D 296 -34.15 -8.34 -14.27
N ASN D 297 -33.97 -7.68 -15.40
CA ASN D 297 -33.30 -8.26 -16.54
C ASN D 297 -31.77 -8.32 -16.47
N TYR D 298 -31.12 -7.59 -15.53
CA TYR D 298 -29.65 -7.56 -15.51
C TYR D 298 -28.96 -8.04 -14.21
N LEU D 299 -29.30 -7.46 -13.05
CA LEU D 299 -28.70 -7.81 -11.76
C LEU D 299 -29.30 -9.08 -11.14
N LEU D 300 -30.63 -9.28 -11.18
CA LEU D 300 -31.23 -10.48 -10.60
C LEU D 300 -31.16 -11.67 -11.57
N THR D 301 -29.97 -11.92 -12.13
CA THR D 301 -29.74 -13.00 -13.07
C THR D 301 -28.54 -13.84 -12.65
N ASP D 302 -28.51 -15.10 -13.11
CA ASP D 302 -27.49 -16.10 -12.85
C ASP D 302 -26.05 -15.54 -12.95
N GLU D 303 -25.81 -14.56 -13.85
CA GLU D 303 -24.50 -13.95 -14.03
C GLU D 303 -24.39 -12.54 -13.45
N GLY D 304 -25.52 -11.85 -13.36
CA GLY D 304 -25.57 -10.51 -12.78
C GLY D 304 -25.28 -10.57 -11.31
N LEU D 305 -25.87 -11.58 -10.62
CA LEU D 305 -25.65 -11.81 -9.21
C LEU D 305 -24.24 -12.25 -8.97
N GLU D 306 -23.69 -13.12 -9.86
CA GLU D 306 -22.33 -13.62 -9.80
C GLU D 306 -21.32 -12.48 -9.94
N ALA D 307 -21.63 -11.47 -10.75
CA ALA D 307 -20.77 -10.32 -10.94
C ALA D 307 -20.59 -9.58 -9.60
N VAL D 308 -21.69 -9.40 -8.84
CA VAL D 308 -21.70 -8.75 -7.54
C VAL D 308 -21.02 -9.63 -6.49
N ASN D 309 -21.39 -10.93 -6.43
CA ASN D 309 -20.82 -11.91 -5.50
C ASN D 309 -19.31 -12.10 -5.68
N LYS D 310 -18.81 -11.92 -6.93
CA LYS D 310 -17.37 -12.01 -7.22
C LYS D 310 -16.57 -10.96 -6.44
N ASP D 311 -17.19 -9.78 -6.19
CA ASP D 311 -16.59 -8.71 -5.40
C ASP D 311 -16.71 -9.14 -3.90
N LYS D 312 -17.82 -8.81 -3.22
CA LYS D 312 -18.03 -9.22 -1.83
C LYS D 312 -19.17 -10.23 -1.85
N PRO D 313 -18.95 -11.44 -1.33
CA PRO D 313 -20.01 -12.47 -1.35
C PRO D 313 -21.37 -11.99 -0.79
N LEU D 314 -22.42 -12.11 -1.61
CA LEU D 314 -23.77 -11.73 -1.24
C LEU D 314 -24.36 -12.55 -0.09
N GLY D 315 -23.98 -13.82 -0.03
CA GLY D 315 -24.50 -14.71 0.99
C GLY D 315 -25.40 -15.75 0.38
N ALA D 316 -26.69 -15.66 0.63
CA ALA D 316 -27.63 -16.61 0.08
C ALA D 316 -28.69 -15.88 -0.74
N VAL D 317 -28.39 -15.66 -2.02
CA VAL D 317 -29.23 -14.91 -2.96
C VAL D 317 -30.69 -15.39 -3.05
N ALA D 318 -31.60 -14.47 -3.35
CA ALA D 318 -33.04 -14.77 -3.43
C ALA D 318 -33.41 -15.57 -4.66
N LEU D 319 -32.69 -15.37 -5.77
CA LEU D 319 -32.96 -16.09 -7.01
C LEU D 319 -32.66 -17.57 -6.77
N LYS D 320 -33.61 -18.45 -7.11
CA LYS D 320 -33.44 -19.88 -6.93
C LYS D 320 -32.22 -20.41 -7.71
N SER D 321 -32.15 -20.03 -8.98
CA SER D 321 -31.11 -20.37 -9.97
C SER D 321 -29.65 -20.26 -9.49
N TYR D 322 -29.26 -19.10 -8.96
CA TYR D 322 -27.89 -18.90 -8.51
C TYR D 322 -27.62 -19.58 -7.15
N GLU D 323 -28.61 -19.57 -6.26
CA GLU D 323 -28.51 -20.19 -4.92
C GLU D 323 -28.44 -21.72 -5.00
N GLU D 324 -28.99 -22.32 -6.05
CA GLU D 324 -28.89 -23.77 -6.27
C GLU D 324 -27.41 -24.20 -6.36
N GLU D 325 -26.53 -23.29 -6.88
CA GLU D 325 -25.09 -23.46 -7.08
C GLU D 325 -24.27 -23.00 -5.86
N LEU D 326 -24.75 -21.95 -5.17
CA LEU D 326 -24.09 -21.42 -3.99
C LEU D 326 -24.28 -22.38 -2.81
N ALA D 327 -25.46 -23.03 -2.70
CA ALA D 327 -25.76 -24.03 -1.65
C ALA D 327 -24.74 -25.18 -1.69
N LYS D 328 -24.15 -25.43 -2.87
CA LYS D 328 -23.07 -26.37 -3.09
C LYS D 328 -21.78 -25.59 -2.73
N ASP D 329 -21.63 -25.28 -1.43
CA ASP D 329 -20.56 -24.55 -0.77
C ASP D 329 -20.98 -24.55 0.68
N PRO D 330 -20.19 -25.16 1.58
CA PRO D 330 -20.58 -25.23 2.98
C PRO D 330 -20.67 -23.88 3.72
N ARG D 331 -20.06 -22.81 3.19
CA ARG D 331 -20.17 -21.50 3.83
C ARG D 331 -21.60 -20.97 3.70
N ILE D 332 -22.19 -21.13 2.51
CA ILE D 332 -23.56 -20.69 2.23
C ILE D 332 -24.56 -21.52 3.03
N ALA D 333 -24.31 -22.85 3.14
CA ALA D 333 -25.17 -23.76 3.90
C ALA D 333 -25.19 -23.37 5.38
N ALA D 334 -24.02 -22.99 5.92
CA ALA D 334 -23.92 -22.55 7.31
C ALA D 334 -24.65 -21.22 7.50
N THR D 335 -24.52 -20.31 6.51
CA THR D 335 -25.19 -19.00 6.52
C THR D 335 -26.72 -19.20 6.55
N MET D 336 -27.22 -20.18 5.78
CA MET D 336 -28.64 -20.49 5.75
C MET D 336 -29.10 -21.17 7.04
N GLU D 337 -28.24 -22.02 7.64
CA GLU D 337 -28.52 -22.73 8.88
C GLU D 337 -28.62 -21.75 10.05
N ASN D 338 -27.77 -20.70 10.04
CA ASN D 338 -27.77 -19.65 11.07
C ASN D 338 -29.11 -18.90 10.92
N ALA D 339 -29.40 -18.46 9.68
CA ALA D 339 -30.62 -17.74 9.35
C ALA D 339 -31.87 -18.50 9.75
N GLN D 340 -31.86 -19.83 9.58
CA GLN D 340 -33.03 -20.63 9.93
C GLN D 340 -33.29 -20.68 11.45
N LYS D 341 -32.28 -20.36 12.28
CA LYS D 341 -32.45 -20.35 13.72
C LYS D 341 -32.75 -18.94 14.30
N GLY D 342 -32.40 -17.90 13.55
CA GLY D 342 -32.71 -16.53 13.92
C GLY D 342 -34.07 -16.10 13.42
N GLU D 343 -34.34 -14.78 13.39
CA GLU D 343 -35.65 -14.33 12.91
C GLU D 343 -35.56 -13.21 11.91
N ILE D 344 -36.38 -13.27 10.84
CA ILE D 344 -36.36 -12.23 9.83
C ILE D 344 -36.91 -10.96 10.41
N MET D 345 -36.13 -9.89 10.33
CA MET D 345 -36.47 -8.59 10.91
C MET D 345 -37.85 -8.05 10.53
N PRO D 346 -38.55 -7.51 11.54
CA PRO D 346 -39.83 -6.86 11.24
C PRO D 346 -39.56 -5.55 10.50
N ASN D 347 -40.26 -5.27 9.40
CA ASN D 347 -40.02 -4.03 8.64
C ASN D 347 -40.79 -2.81 9.17
N ILE D 348 -41.46 -2.97 10.33
CA ILE D 348 -42.25 -1.94 11.00
C ILE D 348 -41.55 -0.58 11.01
N PRO D 349 -42.35 0.50 11.01
CA PRO D 349 -41.75 1.84 10.99
C PRO D 349 -40.93 2.15 12.26
N GLN D 350 -41.25 1.46 13.35
CA GLN D 350 -40.55 1.61 14.61
C GLN D 350 -39.23 0.84 14.68
N MET D 351 -38.69 0.37 13.54
CA MET D 351 -37.43 -0.39 13.56
C MET D 351 -36.27 0.50 13.83
N SER D 352 -36.28 1.71 13.27
CA SER D 352 -35.24 2.69 13.49
C SER D 352 -35.10 2.99 14.99
N ALA D 353 -36.29 3.13 15.63
CA ALA D 353 -36.46 3.35 17.06
C ALA D 353 -35.86 2.17 17.84
N PHE D 354 -36.09 0.93 17.38
CA PHE D 354 -35.57 -0.25 18.03
C PHE D 354 -34.06 -0.28 18.01
N TRP D 355 -33.45 -0.10 16.84
CA TRP D 355 -31.99 -0.15 16.69
C TRP D 355 -31.32 0.97 17.42
N TYR D 356 -31.94 2.18 17.47
CA TYR D 356 -31.39 3.30 18.24
C TYR D 356 -31.46 2.90 19.74
N ALA D 357 -32.59 2.36 20.18
CA ALA D 357 -32.74 1.90 21.55
C ALA D 357 -31.66 0.89 21.98
N VAL D 358 -31.36 -0.14 21.16
CA VAL D 358 -30.35 -1.13 21.52
C VAL D 358 -28.93 -0.59 21.36
N ARG D 359 -28.67 0.17 20.27
CA ARG D 359 -27.37 0.76 19.95
C ARG D 359 -26.76 1.49 21.14
N THR D 360 -27.62 2.21 21.87
CA THR D 360 -27.29 2.96 23.06
C THR D 360 -27.03 2.02 24.25
N ALA D 361 -28.00 1.16 24.62
CA ALA D 361 -27.91 0.22 25.73
C ALA D 361 -26.64 -0.60 25.76
N VAL D 362 -26.14 -1.06 24.59
CA VAL D 362 -24.91 -1.84 24.58
C VAL D 362 -23.73 -0.91 24.83
N ILE D 363 -23.68 0.24 24.14
CA ILE D 363 -22.59 1.20 24.37
C ILE D 363 -22.59 1.71 25.83
N ASN D 364 -23.76 1.75 26.47
CA ASN D 364 -23.86 2.20 27.85
C ASN D 364 -23.45 1.11 28.84
N ALA D 365 -23.90 -0.13 28.61
CA ALA D 365 -23.60 -1.22 29.51
C ALA D 365 -22.12 -1.74 29.43
N ALA D 366 -21.59 -1.86 28.19
CA ALA D 366 -20.24 -2.37 27.94
C ALA D 366 -19.17 -1.42 28.42
N SER D 367 -19.37 -0.12 28.15
CA SER D 367 -18.43 0.89 28.58
C SER D 367 -18.52 1.02 30.09
N GLY D 368 -19.73 1.19 30.61
CA GLY D 368 -19.95 1.33 32.04
C GLY D 368 -20.82 2.53 32.43
N ARG D 369 -21.31 3.29 31.44
CA ARG D 369 -22.16 4.45 31.71
C ARG D 369 -23.53 4.08 32.34
N GLN D 370 -23.89 2.78 32.31
CA GLN D 370 -25.16 2.28 32.87
C GLN D 370 -24.99 0.85 33.39
N THR D 371 -25.91 0.42 34.29
CA THR D 371 -25.95 -0.97 34.75
C THR D 371 -26.80 -1.71 33.72
N VAL D 372 -26.55 -3.01 33.49
CA VAL D 372 -27.34 -3.80 32.51
C VAL D 372 -28.84 -3.53 32.55
N ASP D 373 -29.43 -3.61 33.76
CA ASP D 373 -30.86 -3.39 34.00
C ASP D 373 -31.34 -1.99 33.61
N GLU D 374 -30.61 -0.94 34.02
CA GLU D 374 -30.95 0.44 33.72
C GLU D 374 -30.76 0.70 32.24
N ALA D 375 -29.70 0.14 31.61
CA ALA D 375 -29.45 0.31 30.17
C ALA D 375 -30.57 -0.34 29.35
N LEU D 376 -31.05 -1.52 29.80
CA LEU D 376 -32.15 -2.24 29.19
C LEU D 376 -33.49 -1.57 29.48
N LYS D 377 -33.63 -0.96 30.66
CA LYS D 377 -34.80 -0.20 31.09
C LYS D 377 -34.92 1.01 30.16
N ASP D 378 -33.90 1.88 30.11
CA ASP D 378 -33.85 3.09 29.27
C ASP D 378 -33.86 2.81 27.74
N ALA D 379 -33.75 1.52 27.37
CA ALA D 379 -33.82 1.02 25.99
C ALA D 379 -35.24 0.51 25.72
N GLN D 380 -35.91 -0.04 26.75
CA GLN D 380 -37.27 -0.47 26.65
C GLN D 380 -38.17 0.74 26.52
N THR D 381 -37.94 1.79 27.32
CA THR D 381 -38.79 2.99 27.23
C THR D 381 -38.71 3.63 25.85
N GLY D 382 -37.51 3.93 25.39
CA GLY D 382 -37.29 4.58 24.10
C GLY D 382 -37.77 3.82 22.89
N SER D 383 -37.86 2.50 23.00
CA SER D 383 -38.29 1.66 21.90
C SER D 383 -39.78 1.75 21.65
N GLU D 384 -40.59 1.65 22.72
CA GLU D 384 -42.05 1.71 22.57
C GLU D 384 -42.62 3.13 22.50
N LEU D 385 -41.82 4.15 22.89
CA LEU D 385 -42.16 5.59 22.86
C LEU D 385 -42.58 6.01 21.46
N TYR D 386 -42.00 5.39 20.41
CA TYR D 386 -42.39 5.70 19.03
C TYR D 386 -43.88 5.36 18.82
N ARG D 387 -44.30 4.21 19.34
CA ARG D 387 -45.68 3.76 19.22
C ARG D 387 -46.60 4.59 20.10
N GLN D 388 -46.35 4.64 21.42
CA GLN D 388 -47.20 5.40 22.35
C GLN D 388 -47.42 6.87 21.93
N SER D 389 -46.36 7.50 21.40
CA SER D 389 -46.40 8.89 20.97
C SER D 389 -47.10 9.03 19.64
N LEU D 390 -46.82 8.16 18.65
CA LEU D 390 -47.50 8.27 17.36
C LEU D 390 -48.98 8.02 17.52
N GLU D 391 -49.36 7.12 18.43
CA GLU D 391 -50.75 6.82 18.74
C GLU D 391 -51.42 8.10 19.31
N ILE D 392 -50.87 8.69 20.41
CA ILE D 392 -51.41 9.89 21.04
C ILE D 392 -51.41 11.10 20.13
N ILE D 393 -50.33 11.31 19.39
CA ILE D 393 -50.21 12.49 18.54
C ILE D 393 -51.08 12.37 17.29
N SER D 394 -51.17 11.19 16.65
CA SER D 394 -52.06 11.04 15.49
C SER D 394 -53.54 10.96 15.89
N ARG D 395 -53.82 10.38 17.07
CA ARG D 395 -55.19 10.26 17.58
C ARG D 395 -55.77 11.66 17.78
N TYR D 396 -55.16 12.46 18.68
CA TYR D 396 -55.59 13.83 18.98
C TYR D 396 -55.74 14.70 17.76
N LEU D 397 -54.76 14.71 16.86
CA LEU D 397 -54.74 15.54 15.67
C LEU D 397 -55.82 15.17 14.67
N ARG D 398 -56.12 13.86 14.52
CA ARG D 398 -57.18 13.46 13.58
C ARG D 398 -58.55 13.67 14.22
N GLU D 399 -58.68 13.42 15.55
CA GLU D 399 -59.95 13.65 16.21
C GLU D 399 -60.28 15.18 16.22
N GLN D 400 -59.23 16.03 16.31
CA GLN D 400 -59.39 17.48 16.25
C GLN D 400 -59.82 17.85 14.85
N ALA D 401 -59.19 17.28 13.82
CA ALA D 401 -59.54 17.58 12.44
C ALA D 401 -60.88 17.01 11.95
N THR D 402 -61.29 15.84 12.45
CA THR D 402 -62.51 15.18 11.98
C THR D 402 -63.76 15.46 12.83
N GLY D 403 -63.54 15.76 14.11
CA GLY D 403 -64.63 15.97 15.05
C GLY D 403 -65.06 14.70 15.76
N ALA D 404 -64.42 13.55 15.41
CA ALA D 404 -64.73 12.24 15.94
C ALA D 404 -63.53 11.58 16.58
N ALA D 405 -63.71 11.14 17.82
CA ALA D 405 -62.67 10.42 18.54
C ALA D 405 -62.72 8.98 18.06
N ASP D 406 -61.59 8.44 17.61
CA ASP D 406 -61.55 7.07 17.13
C ASP D 406 -61.54 6.11 18.31
N THR D 407 -62.60 5.30 18.32
CA THR D 407 -62.99 4.33 19.34
C THR D 407 -62.10 3.10 19.44
N ALA D 408 -61.15 2.93 18.51
CA ALA D 408 -60.25 1.79 18.52
C ALA D 408 -59.43 1.74 19.83
N PRO D 409 -59.23 0.54 20.38
CA PRO D 409 -58.48 0.42 21.64
C PRO D 409 -56.95 0.56 21.50
N MET D 410 -56.26 0.61 22.64
CA MET D 410 -54.81 0.74 22.64
C MET D 410 -54.12 -0.52 23.18
N GLY D 411 -52.80 -0.64 22.96
CA GLY D 411 -52.01 -1.78 23.40
C GLY D 411 -51.72 -1.83 24.89
N ALA D 412 -50.46 -2.11 25.25
CA ALA D 412 -50.06 -2.15 26.66
C ALA D 412 -50.00 -0.73 27.24
N SER D 413 -50.12 -0.62 28.58
CA SER D 413 -50.15 0.67 29.30
C SER D 413 -51.32 1.50 28.77
N GLY D 414 -52.48 0.85 28.64
CA GLY D 414 -53.70 1.45 28.12
C GLY D 414 -54.22 2.58 28.98
N ALA D 415 -53.90 2.55 30.29
CA ALA D 415 -54.31 3.61 31.20
C ALA D 415 -53.50 4.90 30.93
N THR D 416 -52.16 4.80 30.77
CA THR D 416 -51.30 5.96 30.51
C THR D 416 -51.68 6.65 29.21
N SER D 417 -51.72 5.91 28.11
CA SER D 417 -52.09 6.48 26.82
C SER D 417 -53.43 7.22 26.83
N ARG D 418 -54.46 6.67 27.53
CA ARG D 418 -55.80 7.26 27.66
C ARG D 418 -55.76 8.50 28.52
N LYS D 419 -55.00 8.44 29.65
CA LYS D 419 -54.85 9.54 30.61
C LYS D 419 -54.18 10.75 29.96
N ALA D 420 -53.15 10.48 29.15
CA ALA D 420 -52.39 11.49 28.45
C ALA D 420 -53.19 12.11 27.32
N LEU D 421 -54.02 11.31 26.61
CA LEU D 421 -54.86 11.88 25.55
C LEU D 421 -55.92 12.78 26.17
N GLU D 422 -56.46 12.41 27.38
CA GLU D 422 -57.43 13.22 28.15
C GLU D 422 -56.84 14.58 28.53
N THR D 423 -55.52 14.60 28.87
CA THR D 423 -54.82 15.82 29.23
C THR D 423 -54.65 16.67 27.98
N LEU D 424 -54.12 16.07 26.90
CA LEU D 424 -53.88 16.79 25.66
C LEU D 424 -55.16 17.41 25.09
N ARG D 425 -56.31 16.76 25.31
CA ARG D 425 -57.60 17.31 24.88
C ARG D 425 -57.90 18.62 25.65
N ARG D 426 -57.74 18.65 26.99
CA ARG D 426 -58.02 19.86 27.76
C ARG D 426 -56.94 20.94 27.62
N VAL D 427 -55.65 20.60 27.79
CA VAL D 427 -54.57 21.57 27.65
C VAL D 427 -54.44 22.13 26.21
N GLY D 428 -54.38 21.22 25.25
CA GLY D 428 -54.25 21.52 23.83
C GLY D 428 -55.32 22.48 23.36
N ASP D 429 -56.58 22.12 23.62
CA ASP D 429 -57.69 22.99 23.24
C ASP D 429 -57.58 24.40 23.89
N GLY D 430 -57.11 24.45 25.15
CA GLY D 430 -56.85 25.68 25.89
C GLY D 430 -55.84 26.55 25.17
N VAL D 431 -54.67 26.00 24.83
CA VAL D 431 -53.61 26.68 24.09
C VAL D 431 -54.09 27.17 22.71
N GLN D 432 -54.91 26.35 22.03
CA GLN D 432 -55.42 26.73 20.71
C GLN D 432 -56.41 27.87 20.82
N ARG D 433 -57.21 27.89 21.90
CA ARG D 433 -58.20 28.89 22.18
C ARG D 433 -57.50 30.21 22.54
N ASN D 434 -56.50 30.16 23.46
CA ASN D 434 -55.86 31.39 23.91
C ASN D 434 -54.99 32.06 22.87
N HIS D 435 -54.36 31.28 21.97
CA HIS D 435 -53.50 31.82 20.90
C HIS D 435 -54.12 31.67 19.50
N GLU D 436 -55.46 31.66 19.44
CA GLU D 436 -56.26 31.52 18.23
C GLU D 436 -55.93 32.56 17.17
N THR D 437 -55.41 33.72 17.60
CA THR D 437 -55.04 34.83 16.74
C THR D 437 -53.67 34.55 16.16
N ALA D 438 -52.73 34.11 17.01
CA ALA D 438 -51.34 33.83 16.64
C ALA D 438 -51.25 32.65 15.69
N PHE D 439 -52.01 31.59 15.96
CA PHE D 439 -52.04 30.40 15.16
C PHE D 439 -52.61 30.68 13.77
N GLN D 440 -53.63 31.55 13.71
CA GLN D 440 -54.28 31.97 12.46
C GLN D 440 -53.35 32.91 11.68
N GLY D 441 -52.69 33.81 12.40
CA GLY D 441 -51.74 34.76 11.86
C GLY D 441 -50.57 34.07 11.19
N MET D 442 -50.00 33.06 11.87
CA MET D 442 -48.90 32.27 11.33
C MET D 442 -49.32 31.57 10.03
N LEU D 443 -50.53 31.03 10.03
CA LEU D 443 -51.05 30.34 8.88
C LEU D 443 -51.26 31.27 7.71
N ARG D 444 -51.80 32.47 7.94
CA ARG D 444 -51.98 33.45 6.87
C ARG D 444 -50.61 33.87 6.32
N LYS D 445 -49.65 34.16 7.23
CA LYS D 445 -48.30 34.57 6.87
C LYS D 445 -47.63 33.55 5.94
N LEU D 446 -47.59 32.28 6.35
CA LEU D 446 -47.00 31.22 5.55
C LEU D 446 -47.79 30.90 4.28
N ASP D 447 -49.12 30.82 4.42
CA ASP D 447 -50.07 30.52 3.35
C ASP D 447 -49.87 29.13 2.78
N ILE D 448 -50.33 28.12 3.53
CA ILE D 448 -50.26 26.72 3.13
C ILE D 448 -51.31 26.49 2.05
N LYS D 449 -50.88 26.39 0.78
CA LYS D 449 -51.82 26.14 -0.31
C LYS D 449 -51.76 24.68 -0.77
N ASN D 450 -50.55 24.23 -1.15
CA ASN D 450 -50.30 22.90 -1.71
C ASN D 450 -49.57 21.92 -0.76
N GLU D 451 -49.50 20.63 -1.13
CA GLU D 451 -48.84 19.56 -0.39
C GLU D 451 -47.36 19.89 -0.07
N ASP D 452 -46.68 20.62 -0.97
CA ASP D 452 -45.28 20.99 -0.73
C ASP D 452 -45.17 22.07 0.35
N ASP D 453 -46.20 22.94 0.47
CA ASP D 453 -46.29 23.99 1.49
C ASP D 453 -46.43 23.36 2.87
N VAL D 454 -47.18 22.24 2.97
CA VAL D 454 -47.37 21.50 4.21
C VAL D 454 -46.03 20.93 4.63
N LYS D 455 -45.31 20.29 3.69
CA LYS D 455 -43.99 19.70 3.91
C LYS D 455 -43.02 20.79 4.37
N SER D 456 -43.07 21.97 3.74
CA SER D 456 -42.23 23.11 4.05
C SER D 456 -42.46 23.58 5.50
N LEU D 457 -43.74 23.85 5.87
CA LEU D 457 -44.15 24.31 7.20
C LEU D 457 -43.75 23.29 8.24
N SER D 458 -44.01 22.01 7.98
CA SER D 458 -43.69 20.94 8.90
C SER D 458 -42.24 20.91 9.30
N ARG D 459 -41.32 21.43 8.46
CA ARG D 459 -39.90 21.49 8.77
C ARG D 459 -39.59 22.57 9.80
N VAL D 460 -40.26 23.72 9.70
CA VAL D 460 -40.05 24.88 10.58
C VAL D 460 -40.58 24.66 12.02
N MET D 461 -41.66 23.86 12.19
CA MET D 461 -42.17 23.56 13.53
C MET D 461 -41.13 22.70 14.29
N ILE D 462 -40.56 21.69 13.58
CA ILE D 462 -39.52 20.80 14.11
C ILE D 462 -38.31 21.63 14.56
N HIS D 463 -37.95 22.64 13.76
CA HIS D 463 -36.83 23.53 14.00
C HIS D 463 -37.05 24.52 15.13
N VAL D 464 -38.22 25.19 15.19
CA VAL D 464 -38.50 26.17 16.24
C VAL D 464 -38.65 25.50 17.63
N PHE D 465 -39.11 24.24 17.65
CA PHE D 465 -39.24 23.50 18.87
C PHE D 465 -37.86 22.92 19.21
N SER D 466 -37.24 22.20 18.26
CA SER D 466 -35.95 21.53 18.49
C SER D 466 -34.85 22.51 18.82
N ASP D 467 -34.74 23.58 18.04
CA ASP D 467 -33.71 24.59 18.28
C ASP D 467 -34.19 25.73 19.18
N GLY D 468 -34.93 25.30 20.21
CA GLY D 468 -35.46 26.03 21.35
C GLY D 468 -35.30 25.15 22.59
N VAL D 469 -36.00 25.47 23.69
CA VAL D 469 -35.87 24.69 24.94
C VAL D 469 -36.69 23.34 24.90
N THR D 470 -36.59 22.51 25.97
CA THR D 470 -37.32 21.24 26.09
C THR D 470 -38.11 21.23 27.41
N ASN D 471 -39.45 21.18 27.32
CA ASN D 471 -40.43 21.09 28.42
C ASN D 471 -41.84 20.74 27.91
N TRP D 472 -42.72 20.21 28.79
CA TRP D 472 -44.07 19.85 28.39
C TRP D 472 -44.94 21.01 27.95
N GLY D 473 -44.66 22.20 28.45
CA GLY D 473 -45.37 23.39 28.02
C GLY D 473 -45.09 23.66 26.55
N ARG D 474 -43.84 23.47 26.14
CA ARG D 474 -43.44 23.68 24.76
C ARG D 474 -43.83 22.51 23.84
N ILE D 475 -43.84 21.30 24.39
CA ILE D 475 -44.22 20.08 23.67
C ILE D 475 -45.73 20.16 23.33
N VAL D 476 -46.53 20.56 24.33
CA VAL D 476 -47.95 20.70 24.18
C VAL D 476 -48.27 21.83 23.21
N THR D 477 -47.43 22.91 23.12
CA THR D 477 -47.69 23.95 22.12
C THR D 477 -47.43 23.43 20.75
N LEU D 478 -46.34 22.68 20.57
CA LEU D 478 -46.00 22.06 19.28
C LEU D 478 -47.16 21.18 18.79
N ILE D 479 -47.71 20.36 19.71
CA ILE D 479 -48.85 19.49 19.38
C ILE D 479 -50.13 20.28 19.15
N SER D 480 -50.30 21.41 19.84
CA SER D 480 -51.46 22.26 19.67
C SER D 480 -51.41 22.95 18.33
N PHE D 481 -50.27 23.54 17.96
CA PHE D 481 -50.14 24.18 16.65
C PHE D 481 -50.28 23.14 15.54
N GLY D 482 -49.86 21.90 15.82
CA GLY D 482 -50.01 20.77 14.93
C GLY D 482 -51.47 20.48 14.70
N ALA D 483 -52.27 20.36 15.80
CA ALA D 483 -53.74 20.15 15.71
C ALA D 483 -54.43 21.35 15.06
N PHE D 484 -53.86 22.53 15.17
CA PHE D 484 -54.40 23.71 14.52
C PHE D 484 -54.21 23.56 13.01
N VAL D 485 -52.99 23.28 12.55
CA VAL D 485 -52.68 23.10 11.14
C VAL D 485 -53.51 21.92 10.55
N ALA D 486 -53.62 20.81 11.27
CA ALA D 486 -54.43 19.68 10.81
C ALA D 486 -55.92 20.04 10.56
N LYS D 487 -56.46 21.09 11.21
CA LYS D 487 -57.83 21.55 11.01
C LYS D 487 -57.89 22.31 9.68
N HIS D 488 -56.96 23.26 9.51
CA HIS D 488 -56.85 24.01 8.26
C HIS D 488 -56.40 23.13 7.09
N LEU D 489 -55.89 21.93 7.36
CA LEU D 489 -55.54 20.98 6.34
C LEU D 489 -56.82 20.48 5.66
N LYS D 490 -57.92 20.31 6.42
CA LYS D 490 -59.21 19.93 5.82
C LYS D 490 -59.79 21.08 4.94
N THR D 491 -59.32 22.34 5.15
CA THR D 491 -59.72 23.50 4.33
C THR D 491 -59.04 23.41 2.96
N ILE D 492 -57.78 22.98 2.91
CA ILE D 492 -57.08 22.75 1.65
C ILE D 492 -57.41 21.35 1.04
N ASN D 493 -58.39 20.61 1.64
CA ASN D 493 -58.86 19.24 1.32
C ASN D 493 -57.77 18.14 1.53
N GLN D 494 -56.53 18.57 1.88
CA GLN D 494 -55.35 17.72 2.11
C GLN D 494 -55.43 16.96 3.43
N GLU D 495 -56.31 15.97 3.52
CA GLU D 495 -56.40 15.13 4.72
C GLU D 495 -55.14 14.26 4.80
N SER D 496 -54.62 13.80 3.64
CA SER D 496 -53.45 12.94 3.54
C SER D 496 -52.19 13.51 4.20
N CYS D 497 -52.14 14.83 4.44
CA CYS D 497 -50.98 15.42 5.09
C CYS D 497 -51.01 15.35 6.61
N ILE D 498 -52.09 14.82 7.21
CA ILE D 498 -52.21 14.70 8.66
C ILE D 498 -51.25 13.64 9.24
N GLU D 499 -51.23 12.42 8.69
CA GLU D 499 -50.31 11.39 9.18
C GLU D 499 -48.83 11.82 9.15
N PRO D 500 -48.26 12.37 8.04
CA PRO D 500 -46.86 12.83 8.10
C PRO D 500 -46.66 14.00 9.03
N LEU D 501 -47.70 14.84 9.25
CA LEU D 501 -47.57 15.97 10.18
C LEU D 501 -47.40 15.42 11.59
N ALA D 502 -48.22 14.43 11.97
CA ALA D 502 -48.12 13.80 13.27
C ALA D 502 -46.80 13.05 13.43
N GLU D 503 -46.38 12.34 12.36
CA GLU D 503 -45.14 11.56 12.32
C GLU D 503 -43.90 12.43 12.51
N SER D 504 -43.95 13.64 11.97
CA SER D 504 -42.89 14.63 12.09
C SER D 504 -42.78 15.10 13.53
N ILE D 505 -43.93 15.33 14.21
CA ILE D 505 -43.98 15.70 15.63
C ILE D 505 -43.48 14.55 16.50
N THR D 506 -43.83 13.31 16.13
CA THR D 506 -43.37 12.09 16.82
C THR D 506 -41.83 11.90 16.68
N ASP D 507 -41.29 12.30 15.52
CA ASP D 507 -39.87 12.21 15.30
C ASP D 507 -39.13 13.21 16.17
N VAL D 508 -39.60 14.48 16.24
CA VAL D 508 -38.92 15.49 17.06
C VAL D 508 -38.76 15.09 18.52
N LEU D 509 -39.51 14.10 18.98
CA LEU D 509 -39.51 13.73 20.38
C LEU D 509 -38.96 12.36 20.67
N VAL D 510 -39.19 11.37 19.80
CA VAL D 510 -38.67 10.01 20.07
C VAL D 510 -37.35 9.73 19.29
N ARG D 511 -37.06 10.49 18.23
CA ARG D 511 -35.82 10.32 17.48
C ARG D 511 -34.81 11.31 18.04
N THR D 512 -35.19 12.59 18.22
CA THR D 512 -34.20 13.60 18.65
C THR D 512 -34.22 13.82 20.19
N LYS D 513 -35.24 14.49 20.75
CA LYS D 513 -35.23 14.79 22.21
C LYS D 513 -35.55 13.60 23.10
N ARG D 514 -35.39 12.35 22.61
CA ARG D 514 -35.79 11.16 23.33
C ARG D 514 -35.09 10.92 24.70
N ASP D 515 -33.87 11.43 24.91
CA ASP D 515 -33.19 11.21 26.18
C ASP D 515 -33.89 12.01 27.33
N TRP D 516 -34.55 13.15 27.00
CA TRP D 516 -35.33 13.97 27.93
C TRP D 516 -36.70 13.29 28.17
N LEU D 517 -37.28 12.70 27.11
CA LEU D 517 -38.55 12.00 27.11
C LEU D 517 -38.45 10.75 27.99
N VAL D 518 -37.34 9.95 27.85
CA VAL D 518 -37.16 8.73 28.68
C VAL D 518 -37.02 9.10 30.19
N LYS D 519 -36.36 10.25 30.50
CA LYS D 519 -36.13 10.73 31.85
C LYS D 519 -37.43 11.10 32.61
N GLN D 520 -38.36 11.85 31.99
CA GLN D 520 -39.63 12.20 32.67
C GLN D 520 -40.63 11.01 32.64
N ARG D 521 -40.16 9.77 32.45
CA ARG D 521 -41.05 8.60 32.35
C ARG D 521 -42.04 8.75 31.19
N GLY D 522 -41.65 9.47 30.15
CA GLY D 522 -42.46 9.70 28.97
C GLY D 522 -43.78 10.39 29.21
N TRP D 523 -44.87 9.86 28.60
CA TRP D 523 -46.24 10.33 28.73
C TRP D 523 -46.74 10.34 30.17
N ASP D 524 -46.22 9.47 31.05
CA ASP D 524 -46.58 9.50 32.45
C ASP D 524 -46.14 10.83 33.10
N GLY D 525 -44.99 11.35 32.67
CA GLY D 525 -44.50 12.64 33.12
C GLY D 525 -45.32 13.80 32.61
N PHE D 526 -45.99 13.60 31.45
CA PHE D 526 -46.87 14.57 30.79
C PHE D 526 -48.17 14.82 31.57
N VAL D 527 -48.79 13.74 32.03
CA VAL D 527 -50.00 13.79 32.80
C VAL D 527 -49.70 14.45 34.14
N GLU D 528 -48.63 14.01 34.80
CA GLU D 528 -48.22 14.51 36.10
C GLU D 528 -48.01 16.03 36.09
N PHE D 529 -47.47 16.54 34.99
CA PHE D 529 -47.14 17.94 34.86
C PHE D 529 -48.39 18.85 34.70
N PHE D 530 -49.45 18.36 34.03
CA PHE D 530 -50.66 19.20 33.83
C PHE D 530 -51.81 18.92 34.84
N HIS D 531 -51.67 17.85 35.66
CA HIS D 531 -52.60 17.44 36.73
C HIS D 531 -53.20 18.62 37.50
C1 GLC E . 19.06 0.54 21.40
C2 GLC E . 20.35 1.21 21.81
C3 GLC E . 21.32 0.17 22.34
C4 GLC E . 20.70 -0.63 23.47
C5 GLC E . 19.34 -1.20 23.07
C6 GLC E . 18.56 -1.82 24.21
O1 GLC E . 19.29 -0.31 20.30
O2 GLC E . 20.90 1.87 20.68
O3 GLC E . 22.51 0.82 22.77
O4 GLC E . 21.58 -1.73 23.73
O5 GLC E . 18.51 -0.16 22.52
O6 GLC E . 17.46 -2.57 23.70
C1 GLC E . 22.41 -1.68 24.87
C2 GLC E . 23.73 -2.37 24.53
C3 GLC E . 23.50 -3.85 24.34
C4 GLC E . 22.84 -4.44 25.59
C5 GLC E . 21.55 -3.70 25.89
C6 GLC E . 20.94 -4.12 27.21
O2 GLC E . 24.37 -1.81 23.40
O3 GLC E . 24.72 -4.50 24.05
O4 GLC E . 22.59 -5.82 25.41
O5 GLC E . 21.78 -2.28 25.99
O6 GLC E . 19.68 -3.53 27.41
C1 GLC F . 8.96 -16.11 -19.59
C2 GLC F . 9.10 -17.60 -19.86
C3 GLC F . 10.57 -17.95 -20.09
C4 GLC F . 11.11 -17.12 -21.24
C5 GLC F . 10.94 -15.62 -20.97
C6 GLC F . 11.27 -14.77 -22.17
O1 GLC F . 9.50 -15.78 -18.35
O2 GLC F . 8.55 -18.34 -18.77
O3 GLC F . 10.73 -19.34 -20.36
O4 GLC F . 12.50 -17.43 -21.38
O5 GLC F . 9.55 -15.35 -20.66
O6 GLC F . 11.01 -13.38 -21.93
C1 GLC F . 12.91 -18.12 -22.54
C2 GLC F . 14.15 -18.95 -22.22
C3 GLC F . 15.27 -18.00 -21.83
C4 GLC F . 15.51 -16.92 -22.89
C5 GLC F . 14.21 -16.27 -23.36
C6 GLC F . 14.40 -15.49 -24.65
O2 GLC F . 13.87 -19.89 -21.19
O3 GLC F . 16.48 -18.72 -21.66
O4 GLC F . 16.30 -15.88 -22.32
O5 GLC F . 13.19 -17.25 -23.63
O6 GLC F . 13.25 -14.77 -25.01
C1 GLC G . -5.37 21.31 -8.24
C2 GLC G . -5.58 22.83 -8.21
C3 GLC G . -6.87 23.23 -8.91
C4 GLC G . -6.91 22.63 -10.31
C5 GLC G . -6.74 21.12 -10.26
C6 GLC G . -6.62 20.53 -11.64
O1 GLC G . -6.16 20.64 -7.33
O2 GLC G . -5.57 23.29 -6.87
O3 GLC G . -6.96 24.65 -8.98
O4 GLC G . -8.13 22.92 -11.00
O5 GLC G . -5.51 20.80 -9.58
O6 GLC G . -6.69 19.11 -11.61
C1 GLC G . -8.20 24.05 -11.85
C2 GLC G . -9.43 24.88 -11.47
C3 GLC G . -10.68 24.04 -11.74
C4 GLC G . -10.71 23.59 -13.19
C5 GLC G . -9.41 22.88 -13.58
C6 GLC G . -9.29 22.62 -15.06
O2 GLC G . -9.39 25.23 -10.09
O3 GLC G . -11.84 24.78 -11.40
O4 GLC G . -11.82 22.70 -13.38
O5 GLC G . -8.27 23.67 -13.22
O6 GLC G . -8.31 21.65 -15.32
C1 GLC H . -24.34 -5.09 7.35
C2 GLC H . -25.74 -5.64 6.96
C3 GLC H . -26.90 -4.82 7.53
C4 GLC H . -26.65 -4.38 8.97
C5 GLC H . -25.30 -3.69 9.10
C6 GLC H . -24.98 -3.28 10.52
O1 GLC H . -23.85 -4.14 6.47
O2 GLC H . -25.86 -5.71 5.55
O3 GLC H . -28.07 -5.63 7.46
O4 GLC H . -27.68 -3.49 9.43
O5 GLC H . -24.30 -4.64 8.71
O6 GLC H . -23.73 -2.64 10.62
C1 GLC H . -28.60 -3.98 10.39
C2 GLC H . -29.95 -3.36 10.09
C3 GLC H . -29.86 -1.85 10.24
C4 GLC H . -29.24 -1.43 11.58
C5 GLC H . -28.01 -2.25 11.98
C6 GLC H . -27.71 -2.13 13.45
O2 GLC H . -30.32 -3.66 8.75
O3 GLC H . -31.17 -1.30 10.15
O4 GLC H . -28.82 -0.07 11.50
O5 GLC H . -28.21 -3.66 11.72
O6 GLC H . -26.44 -2.63 13.78
N1 WME I . 39.95 -36.39 28.52
N3 WME I . 37.27 -29.13 23.80
C4 WME I . 39.15 -37.32 33.19
C5 WME I . 38.67 -37.08 31.92
C6 WME I . 39.54 -36.84 30.86
C7 WME I . 39.03 -36.60 29.48
C8 WME I . 39.48 -36.18 27.29
C10 WME I . 37.28 -36.38 28.07
C13 WME I . 37.99 -29.35 22.70
C15 WME I . 37.06 -30.23 24.52
C17 WME I . 39.23 -30.47 21.01
C20 WME I . 39.93 -28.51 16.91
C21 WME I . 40.72 -27.40 17.03
C22 WME I . 41.09 -26.87 18.23
C24 WME I . 39.96 -31.57 20.31
C26 WME I . 36.21 -33.93 22.75
C28 WME I . 41.36 -31.41 20.26
C1 WME I . 40.91 -36.83 31.12
C2 WME I . 41.40 -37.07 32.38
C3 WME I . 40.51 -37.32 33.43
C9 WME I . 38.12 -36.15 27.01
N2 WME I . 37.70 -36.62 29.32
C11 WME I . 40.52 -35.94 26.23
O1 WME I . 39.86 -35.81 24.95
C12 WME I . 38.49 -30.59 22.27
C14 WME I . 38.13 -31.64 23.15
N4 WME I . 37.45 -31.47 24.28
O2 WME I . 38.45 -32.90 22.75
S1 WME I . 38.52 -28.05 21.68
C16 WME I . 39.22 -29.17 20.54
C18 WME I . 39.80 -28.59 19.32
C19 WME I . 39.46 -29.10 18.07
C23 WME I . 40.62 -27.48 19.38
F1 WME I . 41.09 -26.74 15.90
C25 WME I . 37.67 -34.03 23.19
O3 WME I . 35.44 -34.85 23.01
O4 WME I . 35.83 -32.82 22.13
C27 WME I . 39.85 -35.28 22.66
C29 WME I . 42.05 -32.14 19.28
C30 WME I . 41.40 -33.03 18.44
C31 WME I . 40.04 -33.15 18.52
C32 WME I . 39.27 -32.45 19.44
O5 WME I . 42.13 -33.80 17.55
CL1 WME I . 43.72 -31.81 19.03
C33 WME I . 42.09 -30.58 21.28
C34 WME I . 40.54 -35.10 21.47
C35 WME I . 41.93 -35.12 21.44
C36 WME I . 42.64 -35.22 22.63
C37 WME I . 41.97 -35.41 23.82
C38 WME I . 40.59 -35.47 23.84
O6 WME I . 42.76 -35.28 20.36
C39 WME I . 38.34 -35.30 22.67
C40 WME I . 42.90 -34.97 18.01
C41 WME I . 42.17 -35.67 19.11
C42 WME I . 43.30 -35.92 16.90
N5 WME I . 43.46 -35.44 15.51
C43 WME I . 43.79 -36.51 14.57
C44 WME I . 43.88 -35.97 13.14
N6 WME I . 44.85 -34.88 13.04
C45 WME I . 44.52 -33.83 14.00
C46 WME I . 44.49 -34.39 15.42
C47 WME I . 44.88 -34.34 11.67
O7 WME I . 40.93 -37.70 34.69
C48 WME I . 42.32 -37.92 34.95
CL2 WME I . 39.26 -34.25 17.45
C49 WME I . 37.78 -32.63 19.53
C50 WME I . 42.49 -38.23 36.42
O8 WME I . 41.17 -38.34 36.99
C51 WME I . 41.00 -38.44 38.41
C52 WME I . 41.96 -37.44 39.15
O9 WME I . 43.29 -37.44 38.59
C53 WME I . 43.27 -37.17 37.17
N1 WME J . 53.34 -17.90 -24.30
N3 WME J . 45.28 -18.42 -20.05
C4 WME J . 54.88 -18.96 -28.01
C5 WME J . 54.30 -18.62 -26.81
C6 WME J . 53.71 -17.38 -26.61
C7 WME J . 53.17 -17.01 -25.28
C8 WME J . 52.85 -17.57 -23.09
C10 WME J . 52.02 -15.56 -23.97
C13 WME J . 45.75 -19.05 -18.97
C15 WME J . 46.21 -17.71 -20.70
C17 WME J . 47.18 -19.72 -17.21
C20 WME J . 45.47 -20.92 -13.12
C21 WME J . 45.04 -22.22 -13.19
C22 WME J . 44.82 -22.86 -14.38
C24 WME J . 48.44 -19.91 -16.45
C26 WME J . 49.24 -15.55 -19.00
C28 WME J . 48.85 -21.24 -16.32
C1 WME J . 53.66 -16.49 -27.69
C2 WME J . 54.25 -16.82 -28.90
C3 WME J . 54.88 -18.05 -29.07
C9 WME J . 52.16 -16.40 -22.88
N2 WME J . 52.52 -15.85 -25.18
C11 WME J . 53.09 -18.57 -21.99
O1 WME J . 52.73 -18.00 -20.73
C12 WME J . 47.06 -19.01 -18.50
C14 WME J . 47.92 -18.20 -19.30
N4 WME J . 47.50 -17.58 -20.41
O2 WME J . 49.19 -18.02 -18.87
S1 WME J . 44.76 -20.15 -18.05
C16 WME J . 45.95 -20.20 -16.79
C18 WME J . 45.58 -20.88 -15.53
C19 WME J . 45.75 -20.25 -14.30
C23 WME J . 45.09 -22.19 -15.55
F1 WME J . 44.92 -22.93 -12.03
C25 WME J . 49.95 -16.87 -19.29
O3 WME J . 48.23 -15.48 -18.32
O4 WME J . 49.84 -14.52 -19.54
C27 WME J . 51.98 -18.25 -18.53
C29 WME J . 49.64 -21.56 -15.21
C30 WME J . 50.05 -20.58 -14.31
C31 WME J . 49.65 -19.28 -14.49
C32 WME J . 48.79 -18.91 -15.52
O5 WME J . 50.98 -20.88 -13.34
CL1 WME J . 50.11 -23.21 -14.96
C33 WME J . 48.55 -22.25 -17.39
C34 WME J . 51.98 -18.96 -17.33
C35 WME J . 52.53 -20.23 -17.26
C36 WME J . 53.07 -20.82 -18.39
C37 WME J . 53.11 -20.11 -19.58
C38 WME J . 52.59 -18.83 -19.65
O6 WME J . 52.82 -20.89 -16.08
C39 WME J . 51.32 -16.89 -18.61
C40 WME J . 52.38 -21.12 -13.75
C41 WME J . 52.74 -20.17 -14.84
C42 WME J . 53.38 -21.07 -12.61
N5 WME J . 53.03 -21.33 -11.21
C43 WME J . 52.40 -22.64 -11.05
C44 WME J . 52.08 -22.90 -9.59
N6 WME J . 53.28 -22.85 -8.77
C45 WME J . 53.93 -21.54 -8.91
C46 WME J . 54.26 -21.26 -10.38
C47 WME J . 52.96 -23.12 -7.37
O7 WME J . 55.55 -18.46 -30.20
C48 WME J . 56.17 -19.76 -30.18
CL2 WME J . 50.43 -18.04 -13.59
C49 WME J . 48.16 -17.54 -15.58
C50 WME J . 56.60 -20.14 -31.57
O8 WME J . 58.01 -20.08 -31.64
C51 WME J . 58.64 -20.43 -32.88
C52 WME J . 57.86 -19.77 -34.12
O9 WME J . 56.42 -19.86 -33.98
C53 WME J . 55.98 -19.34 -32.70
N1 WME K . -45.89 27.81 -32.67
N3 WME K . -41.39 24.60 -25.41
C4 WME K . -45.64 31.28 -34.99
C5 WME K . -45.68 30.15 -34.21
C6 WME K . -45.10 28.95 -34.64
C7 WME K . -45.14 27.74 -33.79
C8 WME K . -45.99 26.67 -31.94
C10 WME K . -44.52 25.58 -33.42
C13 WME K . -42.41 24.46 -24.57
C15 WME K . -41.75 24.58 -26.69
C17 WME K . -44.61 24.22 -23.72
C20 WME K . -44.42 24.92 -18.93
C21 WME K . -45.12 23.80 -18.57
C22 WME K . -45.42 22.80 -19.44
C24 WME K . -46.10 24.16 -23.70
C26 WME K . -44.70 21.98 -28.16
C28 WME K . -46.75 25.31 -23.22
C1 WME K . -44.46 28.94 -35.87
C2 WME K . -44.43 30.07 -36.67
C3 WME K . -45.05 31.24 -36.24
C9 WME K . -45.29 25.52 -32.27
N2 WME K . -44.44 26.68 -34.20
C11 WME K . -46.99 26.74 -30.82
O1 WME K . -46.89 25.60 -29.94
C12 WME K . -43.76 24.31 -24.92
C14 WME K . -43.95 24.28 -26.33
N4 WME K . -42.97 24.43 -27.20
O2 WME K . -45.20 23.94 -26.76
S1 WME K . -42.17 24.48 -22.85
C16 WME K . -43.86 24.18 -22.57
C18 WME K . -44.29 24.04 -21.17
C19 WME K . -43.99 25.04 -20.23
C23 WME K . -45.00 22.92 -20.74
F1 WME K . -45.53 23.69 -17.27
C25 WME K . -45.34 23.36 -28.07
O3 WME K . -44.89 21.27 -29.14
O4 WME K . -43.96 21.61 -27.14
C27 WME K . -47.66 24.46 -28.04
C29 WME K . -48.11 25.19 -22.93
C30 WME K . -48.82 24.03 -23.14
C31 WME K . -48.14 22.92 -23.64
C32 WME K . -46.78 22.94 -23.89
O5 WME K . -50.17 23.96 -22.83
CL1 WME K . -48.92 26.55 -22.22
C33 WME K . -46.01 26.62 -23.07
C34 WME K . -48.47 24.41 -26.92
C35 WME K . -49.19 25.53 -26.51
C36 WME K . -49.05 26.72 -27.18
C37 WME K . -48.26 26.79 -28.32
C38 WME K . -47.59 25.65 -28.75
O6 WME K . -50.23 25.57 -25.63
C39 WME K . -46.82 23.27 -28.43
C40 WME K . -51.20 24.49 -23.73
C41 WME K . -50.78 24.33 -25.16
C42 WME K . -52.56 23.90 -23.44
N5 WME K . -52.82 23.76 -22.00
C43 WME K . -53.52 24.90 -21.40
C44 WME K . -53.53 24.77 -19.88
N6 WME K . -54.18 23.52 -19.47
C45 WME K . -53.52 22.38 -20.10
C46 WME K . -53.51 22.52 -21.63
C47 WME K . -54.16 23.38 -18.01
O7 WME K . -45.08 32.22 -37.21
C48 WME K . -45.69 33.47 -36.91
CL2 WME K . -49.05 21.52 -24.08
C49 WME K . -46.04 21.69 -24.30
C50 WME K . -45.62 34.29 -38.17
O8 WME K . -44.58 33.71 -38.96
C51 WME K . -44.03 34.40 -40.10
C52 WME K . -43.84 35.91 -39.77
O9 WME K . -45.00 36.47 -39.11
C53 WME K . -45.31 35.75 -37.90
N1 WME L . -47.85 27.90 26.30
N3 WME L . -43.07 24.82 19.33
C4 WME L . -48.93 25.55 30.35
C5 WME L . -47.98 26.00 29.44
C6 WME L . -48.36 26.57 28.23
C7 WME L . -47.37 27.19 27.33
C8 WME L . -46.94 28.50 25.51
C10 WME L . -45.20 27.62 26.80
C13 WME L . -43.31 25.80 18.45
C15 WME L . -43.28 25.17 20.60
C17 WME L . -43.97 27.91 17.56
C20 WME L . -44.27 27.13 12.69
C21 WME L . -43.72 28.33 12.34
C22 WME L . -43.13 29.18 13.25
C24 WME L . -44.55 29.28 17.54
C26 WME L . -42.25 29.01 22.16
C28 WME L . -45.86 29.35 16.99
C1 WME L . -49.72 26.67 27.95
C2 WME L . -50.67 26.22 28.85
C3 WME L . -50.29 25.68 30.07
C9 WME L . -45.58 28.38 25.73
N2 WME L . -46.08 27.02 27.63
C11 WME L . -47.51 29.30 24.37
O1 WME L . -46.44 29.66 23.48
C12 WME L . -43.73 27.10 18.77
C14 WME L . -43.85 27.32 20.16
N4 WME L . -43.66 26.36 21.07
O2 WME L . -44.06 28.59 20.56
S1 WME L . -43.18 25.54 16.75
C16 WME L . -43.61 27.18 16.41
C18 WME L . -43.64 27.59 14.98
C19 WME L . -44.23 26.75 14.03
C23 WME L . -43.09 28.79 14.57
F1 WME L . -43.78 28.71 11.04
C25 WME L . -43.74 29.07 21.88
O3 WME L . -41.44 28.74 21.28
O4 WME L . -41.93 29.28 23.39
C27 WME L . -45.68 30.74 21.56
C29 WME L . -46.31 30.62 16.59
C30 WME L . -45.55 31.74 16.74
C31 WME L . -44.30 31.65 17.29
C32 WME L . -43.75 30.43 17.71
O5 WME L . -46.01 32.96 16.29
CL1 WME L . -47.88 30.74 15.92
C33 WME L . -46.76 28.14 16.93
C34 WME L . -45.95 31.47 20.41
C35 WME L . -47.25 31.59 19.93
C36 WME L . -48.28 30.92 20.56
C37 WME L . -48.04 30.21 21.72
C38 WME L . -46.75 30.16 22.25
O6 WME L . -47.66 32.49 18.98
C39 WME L . -44.26 30.51 22.01
C40 WME L . -46.91 33.79 17.09
C41 WME L . -46.74 33.51 18.56
C42 WME L . -46.81 35.28 16.78
N5 WME L . -46.62 35.87 15.44
C43 WME L . -47.08 35.01 14.33
C44 WME L . -46.78 35.67 13.00
N6 WME L . -47.45 36.97 12.89
C45 WME L . -47.02 37.83 14.00
C46 WME L . -47.30 37.18 15.35
C47 WME L . -47.15 37.60 11.59
O7 WME L . -51.22 25.32 31.02
C48 WME L . -52.61 25.54 30.74
CL2 WME L . -43.41 33.11 17.56
C49 WME L . -42.39 30.35 18.35
C50 WME L . -53.43 25.15 31.96
O8 WME L . -53.25 26.13 32.99
C51 WME L . -53.97 25.92 34.21
C52 WME L . -53.77 24.48 34.71
O9 WME L . -53.97 23.51 33.66
C53 WME L . -53.14 23.77 32.51
#